data_7EFS
#
_entry.id   7EFS
#
_cell.length_a   84.007
_cell.length_b   129.689
_cell.length_c   157.343
_cell.angle_alpha   90.000
_cell.angle_beta   90.000
_cell.angle_gamma   90.000
#
_symmetry.space_group_name_H-M   'P 21 21 21'
#
loop_
_entity.id
_entity.type
_entity.pdbx_description
1 polymer 'Fructose-bisphosphate aldolase'
2 water water
#
_entity_poly.entity_id   1
_entity_poly.type   'polypeptide(L)'
_entity_poly.pdbx_seq_one_letter_code
;MSCYMGKYADELIANAAYIGTPGKGILAADESTGTIGKRFDSIKVENVESNRRALRELLFCTPGALDYLSGIILFEETLY
QKTASGKPFVDVMKEANVLPGIKVDKGTVELAGTNGETTTQGLDGLGARCAQYYAAGARFAKWRAVLKIGANEPSQLAIN
ENANGLARYAIICQENGLVPIVEPEILVDGPHDINKCADVTERVLAACYKALNDHHVLLEGTLLKPNMVTPGSDAKKVAP
EVVAEYTVRALQRTMPPAVPAVVFLSGGQSEEEATVHLNAMNKLQGKKPWTLTFSFGRALQQSTLKAWAGKEENVQKAQE
VFLIRCKANSEATLGKYTGGAAVEGATESLHVKDYKYLEHHHHHH
;
_entity_poly.pdbx_strand_id   A,B,C,D
#
# COMPACT_ATOMS: atom_id res chain seq x y z
N MET A 1 -14.22 9.39 -9.24
CA MET A 1 -12.91 9.59 -8.59
C MET A 1 -12.19 10.87 -9.05
N SER A 2 -12.98 11.91 -9.26
CA SER A 2 -12.47 13.27 -9.44
C SER A 2 -12.01 13.87 -8.12
N CYS A 3 -11.08 14.81 -8.22
CA CYS A 3 -10.69 15.64 -7.10
C CYS A 3 -11.80 16.68 -6.84
N TYR A 4 -11.69 17.38 -5.69
CA TYR A 4 -12.75 18.25 -5.16
C TYR A 4 -13.30 19.24 -6.19
N MET A 5 -14.60 19.13 -6.46
CA MET A 5 -15.30 19.93 -7.47
C MET A 5 -16.46 20.71 -6.86
N GLY A 6 -16.43 20.92 -5.55
CA GLY A 6 -17.56 21.52 -4.84
C GLY A 6 -17.64 23.02 -5.04
N LYS A 7 -18.55 23.61 -4.25
CA LYS A 7 -18.86 25.04 -4.32
C LYS A 7 -17.69 25.91 -3.86
N TYR A 8 -16.82 25.38 -3.02
CA TYR A 8 -15.77 26.24 -2.48
C TYR A 8 -14.51 26.25 -3.35
N ALA A 9 -14.50 25.53 -4.47
CA ALA A 9 -13.26 25.27 -5.22
C ALA A 9 -12.58 26.56 -5.65
N ASP A 10 -13.31 27.43 -6.38
CA ASP A 10 -12.69 28.67 -6.85
C ASP A 10 -12.20 29.53 -5.69
N GLU A 11 -12.96 29.59 -4.59
CA GLU A 11 -12.53 30.41 -3.46
C GLU A 11 -11.27 29.84 -2.82
N LEU A 12 -11.27 28.53 -2.55
CA LEU A 12 -10.08 27.84 -2.03
C LEU A 12 -8.86 28.08 -2.92
N ILE A 13 -9.05 28.07 -4.24
CA ILE A 13 -7.91 28.29 -5.15
C ILE A 13 -7.42 29.73 -5.03
N ALA A 14 -8.34 30.70 -5.10
CA ALA A 14 -7.94 32.11 -5.02
C ALA A 14 -7.18 32.43 -3.74
N ASN A 15 -7.65 31.90 -2.60
CA ASN A 15 -7.05 32.26 -1.32
C ASN A 15 -5.71 31.58 -1.11
N ALA A 16 -5.60 30.30 -1.47
CA ALA A 16 -4.30 29.63 -1.40
C ALA A 16 -3.26 30.40 -2.20
N ALA A 17 -3.62 30.82 -3.43
CA ALA A 17 -2.72 31.66 -4.20
C ALA A 17 -2.42 32.94 -3.45
N TYR A 18 -3.43 33.54 -2.81
CA TYR A 18 -3.20 34.81 -2.10
C TYR A 18 -2.13 34.66 -1.03
N ILE A 19 -2.14 33.53 -0.32
CA ILE A 19 -1.16 33.22 0.72
C ILE A 19 0.27 33.33 0.20
N GLY A 20 0.49 33.06 -1.09
CA GLY A 20 1.80 33.21 -1.71
C GLY A 20 2.09 34.51 -2.45
N THR A 21 1.25 35.54 -2.30
CA THR A 21 1.57 36.86 -2.83
C THR A 21 3.01 37.24 -2.48
N PRO A 22 3.81 37.69 -3.45
CA PRO A 22 5.23 37.93 -3.15
C PRO A 22 5.40 39.03 -2.12
N GLY A 23 6.37 38.83 -1.21
CA GLY A 23 6.59 39.75 -0.13
C GLY A 23 5.76 39.52 1.12
N LYS A 24 4.86 38.54 1.12
CA LYS A 24 3.99 38.28 2.25
C LYS A 24 4.14 36.86 2.76
N GLY A 25 3.94 36.67 4.07
CA GLY A 25 3.90 35.34 4.65
C GLY A 25 2.82 35.13 5.69
N ILE A 26 2.98 34.17 6.61
CA ILE A 26 1.96 33.83 7.60
C ILE A 26 2.56 33.99 8.99
N LEU A 27 1.85 34.69 9.87
CA LEU A 27 2.20 34.75 11.30
C LEU A 27 1.47 33.63 12.03
N ALA A 28 2.23 32.76 12.70
CA ALA A 28 1.62 31.69 13.49
C ALA A 28 1.44 32.17 14.94
N ALA A 29 0.21 32.58 15.28
CA ALA A 29 -0.16 33.04 16.62
C ALA A 29 -1.22 32.14 17.23
N ASP A 30 -1.09 30.83 17.00
CA ASP A 30 -2.12 29.86 17.36
C ASP A 30 -1.71 29.04 18.58
N GLU A 31 -0.79 29.57 19.40
CA GLU A 31 -0.44 28.94 20.66
C GLU A 31 -1.69 28.68 21.51
N SER A 32 -1.71 27.51 22.15
CA SER A 32 -2.71 27.14 23.13
C SER A 32 -2.52 27.92 24.43
N THR A 33 -3.47 27.73 25.34
CA THR A 33 -3.29 28.22 26.71
C THR A 33 -2.04 27.63 27.35
N GLY A 34 -1.89 26.30 27.27
CA GLY A 34 -0.69 25.68 27.81
C GLY A 34 0.59 26.22 27.19
N THR A 35 0.62 26.28 25.85
CA THR A 35 1.84 26.69 25.18
C THR A 35 2.20 28.12 25.55
N ILE A 36 1.25 29.05 25.35
CA ILE A 36 1.53 30.44 25.67
C ILE A 36 1.85 30.64 27.16
N GLY A 37 1.38 29.73 28.01
CA GLY A 37 1.78 29.71 29.41
C GLY A 37 3.25 29.44 29.61
N LYS A 38 3.92 28.79 28.66
CA LYS A 38 5.35 28.57 28.82
C LYS A 38 6.15 29.72 28.25
N ARG A 39 5.60 30.45 27.29
CA ARG A 39 6.21 31.72 26.91
C ARG A 39 6.05 32.74 28.04
N PHE A 40 4.83 32.83 28.62
CA PHE A 40 4.59 33.82 29.67
C PHE A 40 5.39 33.51 30.93
N ASP A 41 5.66 32.22 31.20
CA ASP A 41 6.39 31.86 32.40
C ASP A 41 7.83 32.37 32.34
N SER A 42 8.33 32.57 31.13
CA SER A 42 9.69 33.06 30.96
C SER A 42 9.81 34.57 31.15
N ILE A 43 8.78 35.32 30.79
CA ILE A 43 8.76 36.78 30.96
C ILE A 43 7.98 37.19 32.22
N LYS A 44 7.69 36.25 33.11
CA LYS A 44 6.99 36.47 34.38
C LYS A 44 5.67 37.25 34.22
N VAL A 45 4.78 36.73 33.37
CA VAL A 45 3.49 37.34 33.04
C VAL A 45 2.39 36.32 33.32
N GLU A 46 1.31 36.77 33.96
CA GLU A 46 0.25 35.84 34.36
C GLU A 46 -0.50 35.32 33.14
N ASN A 47 -0.78 34.03 33.14
CA ASN A 47 -1.40 33.41 31.99
C ASN A 47 -2.92 33.42 32.24
N VAL A 48 -3.55 34.54 31.88
CA VAL A 48 -4.99 34.75 32.03
C VAL A 48 -5.48 35.35 30.72
N GLU A 49 -6.79 35.24 30.49
CA GLU A 49 -7.35 35.61 29.19
C GLU A 49 -7.00 37.03 28.75
N SER A 50 -7.01 38.00 29.69
CA SER A 50 -6.83 39.41 29.28
C SER A 50 -5.39 39.69 28.85
N ASN A 51 -4.43 38.96 29.41
CA ASN A 51 -3.05 39.07 28.97
C ASN A 51 -2.81 38.36 27.63
N ARG A 52 -3.53 37.25 27.38
CA ARG A 52 -3.45 36.64 26.06
C ARG A 52 -4.07 37.56 25.02
N ARG A 53 -5.27 38.09 25.31
CA ARG A 53 -5.93 38.99 24.37
C ARG A 53 -5.07 40.23 24.12
N ALA A 54 -4.28 40.63 25.12
CA ALA A 54 -3.44 41.81 24.97
C ALA A 54 -2.28 41.56 24.02
N LEU A 55 -1.54 40.46 24.21
CA LEU A 55 -0.43 40.11 23.32
C LEU A 55 -0.88 39.98 21.87
N ARG A 56 -2.06 39.40 21.64
CA ARG A 56 -2.51 39.20 20.26
C ARG A 56 -2.92 40.51 19.62
N GLU A 57 -3.60 41.39 20.38
CA GLU A 57 -3.88 42.73 19.88
C GLU A 57 -2.60 43.53 19.65
N LEU A 58 -1.57 43.34 20.50
CA LEU A 58 -0.30 44.01 20.26
C LEU A 58 0.28 43.63 18.89
N LEU A 59 0.27 42.33 18.54
CA LEU A 59 0.74 41.88 17.23
C LEU A 59 -0.17 42.39 16.11
N PHE A 60 -1.46 42.05 16.15
CA PHE A 60 -2.34 42.33 15.03
C PHE A 60 -2.51 43.82 14.74
N CYS A 61 -2.20 44.69 15.72
CA CYS A 61 -2.40 46.13 15.59
C CYS A 61 -1.08 46.90 15.58
N THR A 62 0.03 46.22 15.30
CA THR A 62 1.26 46.94 15.00
C THR A 62 1.11 47.73 13.72
N PRO A 63 1.29 49.05 13.75
CA PRO A 63 1.20 49.85 12.53
C PRO A 63 2.15 49.35 11.44
N GLY A 64 1.58 48.91 10.31
CA GLY A 64 2.31 48.51 9.13
C GLY A 64 2.63 47.03 9.03
N ALA A 65 2.50 46.27 10.11
CA ALA A 65 2.88 44.85 10.08
C ALA A 65 1.98 44.01 9.17
N LEU A 66 0.74 44.40 8.96
CA LEU A 66 -0.14 43.62 8.09
C LEU A 66 0.10 43.88 6.61
N ASP A 67 1.04 44.77 6.27
CA ASP A 67 1.51 44.88 4.89
C ASP A 67 2.33 43.67 4.49
N TYR A 68 2.89 42.99 5.49
CA TYR A 68 3.82 41.90 5.27
C TYR A 68 3.20 40.51 5.47
N LEU A 69 1.88 40.43 5.69
CA LEU A 69 1.22 39.19 6.08
C LEU A 69 0.02 38.94 5.17
N SER A 70 -0.07 37.71 4.66
CA SER A 70 -1.23 37.27 3.91
C SER A 70 -2.25 36.50 4.77
N GLY A 71 -1.80 35.90 5.88
CA GLY A 71 -2.65 35.13 6.76
C GLY A 71 -2.08 35.06 8.17
N ILE A 72 -2.97 34.79 9.13
CA ILE A 72 -2.62 34.69 10.55
C ILE A 72 -3.34 33.46 11.12
N ILE A 73 -2.58 32.55 11.75
CA ILE A 73 -3.15 31.34 12.36
C ILE A 73 -3.55 31.67 13.80
N LEU A 74 -4.79 31.33 14.16
CA LEU A 74 -5.35 31.62 15.47
C LEU A 74 -5.67 30.35 16.25
N PHE A 75 -5.61 30.47 17.58
CA PHE A 75 -6.24 29.52 18.49
C PHE A 75 -7.73 29.83 18.60
N GLU A 76 -8.54 28.83 18.95
CA GLU A 76 -9.99 29.00 18.86
C GLU A 76 -10.46 30.19 19.72
N GLU A 77 -9.89 30.34 20.92
CA GLU A 77 -10.20 31.50 21.75
C GLU A 77 -10.08 32.81 20.98
N THR A 78 -8.95 33.02 20.27
CA THR A 78 -8.67 34.29 19.60
C THR A 78 -9.56 34.55 18.40
N LEU A 79 -10.09 33.51 17.77
CA LEU A 79 -10.96 33.74 16.62
C LEU A 79 -12.18 34.58 16.99
N TYR A 80 -12.60 34.54 18.26
CA TYR A 80 -13.82 35.19 18.70
C TYR A 80 -13.57 36.46 19.53
N GLN A 81 -12.31 36.82 19.74
CA GLN A 81 -11.90 37.90 20.61
C GLN A 81 -11.91 39.23 19.87
N LYS A 82 -11.88 40.34 20.67
CA LYS A 82 -11.95 41.71 20.15
C LYS A 82 -10.78 42.57 20.64
N THR A 83 -10.54 43.67 19.91
CA THR A 83 -9.66 44.72 20.41
C THR A 83 -10.22 45.35 21.68
N ALA A 84 -9.35 46.05 22.42
CA ALA A 84 -9.79 46.86 23.55
C ALA A 84 -10.99 47.76 23.18
N SER A 85 -10.99 48.31 21.96
CA SER A 85 -12.06 49.17 21.46
C SER A 85 -13.26 48.40 20.90
N GLY A 86 -13.26 47.07 21.02
CA GLY A 86 -14.44 46.29 20.72
C GLY A 86 -14.52 45.78 19.30
N LYS A 87 -13.45 45.96 18.50
CA LYS A 87 -13.42 45.54 17.11
C LYS A 87 -12.95 44.10 17.01
N PRO A 88 -13.73 43.21 16.38
CA PRO A 88 -13.30 41.80 16.24
C PRO A 88 -11.96 41.70 15.52
N PHE A 89 -11.10 40.83 16.04
CA PHE A 89 -9.83 40.54 15.39
C PHE A 89 -10.01 40.10 13.93
N VAL A 90 -11.08 39.39 13.62
CA VAL A 90 -11.27 38.99 12.22
C VAL A 90 -11.52 40.19 11.33
N ASP A 91 -12.16 41.23 11.88
CA ASP A 91 -12.44 42.45 11.13
C ASP A 91 -11.16 43.27 10.88
N VAL A 92 -10.28 43.35 11.89
CA VAL A 92 -8.99 44.02 11.70
C VAL A 92 -8.24 43.43 10.51
N MET A 93 -8.20 42.09 10.44
CA MET A 93 -7.52 41.38 9.36
C MET A 93 -8.21 41.61 8.03
N LYS A 94 -9.53 41.37 7.97
CA LYS A 94 -10.25 41.52 6.72
C LYS A 94 -10.07 42.91 6.11
N GLU A 95 -9.94 43.93 6.96
CA GLU A 95 -9.73 45.32 6.54
C GLU A 95 -8.34 45.55 5.96
N ALA A 96 -7.35 44.77 6.37
CA ALA A 96 -6.02 44.89 5.81
C ALA A 96 -5.71 43.79 4.77
N ASN A 97 -6.75 43.18 4.20
CA ASN A 97 -6.65 41.98 3.34
C ASN A 97 -5.65 40.95 3.89
N VAL A 98 -5.92 40.52 5.12
CA VAL A 98 -5.28 39.36 5.73
C VAL A 98 -6.35 38.28 5.91
N LEU A 99 -5.94 36.98 5.65
CA LEU A 99 -6.87 35.86 5.81
C LEU A 99 -6.75 35.28 7.21
N PRO A 100 -7.84 35.11 7.95
CA PRO A 100 -7.74 34.43 9.25
C PRO A 100 -7.64 32.92 9.06
N GLY A 101 -6.76 32.30 9.84
CA GLY A 101 -6.67 30.84 9.83
C GLY A 101 -6.87 30.27 11.22
N ILE A 102 -7.19 28.98 11.31
CA ILE A 102 -7.57 28.37 12.59
C ILE A 102 -6.88 27.02 12.68
N LYS A 103 -6.25 26.73 13.83
CA LYS A 103 -5.72 25.39 14.10
C LYS A 103 -6.84 24.41 14.41
N VAL A 104 -6.84 23.25 13.75
CA VAL A 104 -7.94 22.31 13.89
C VAL A 104 -7.51 20.97 14.48
N ASP A 105 -6.22 20.71 14.68
CA ASP A 105 -5.84 19.42 15.27
C ASP A 105 -5.97 19.44 16.80
N LYS A 106 -5.97 18.25 17.38
CA LYS A 106 -6.13 18.06 18.82
C LYS A 106 -4.89 17.42 19.44
N GLY A 107 -3.71 17.82 18.98
CA GLY A 107 -2.46 17.31 19.53
C GLY A 107 -2.19 15.86 19.11
N THR A 108 -1.10 15.35 19.65
CA THR A 108 -0.57 14.04 19.30
C THR A 108 -0.76 13.05 20.45
N VAL A 109 -0.73 11.77 20.10
CA VAL A 109 -0.66 10.71 21.10
C VAL A 109 0.31 9.66 20.55
N GLU A 110 0.93 8.88 21.43
CA GLU A 110 1.89 7.87 20.98
C GLU A 110 1.22 6.72 20.23
N LEU A 111 1.92 6.22 19.20
CA LEU A 111 1.50 5.05 18.45
C LEU A 111 1.99 3.78 19.13
N ALA A 112 1.05 2.91 19.50
CA ALA A 112 1.38 1.66 20.16
C ALA A 112 2.34 0.84 19.30
N GLY A 113 3.40 0.33 19.94
CA GLY A 113 4.30 -0.62 19.33
C GLY A 113 5.52 -0.01 18.67
N THR A 114 5.62 1.32 18.72
CA THR A 114 6.74 2.09 18.19
C THR A 114 7.62 2.60 19.34
N ASN A 115 8.71 3.30 19.00
CA ASN A 115 9.62 3.87 20.00
C ASN A 115 9.36 5.37 20.06
N GLY A 116 8.21 5.70 20.64
CA GLY A 116 7.86 7.10 20.82
C GLY A 116 7.46 7.82 19.57
N GLU A 117 6.76 7.16 18.66
CA GLU A 117 6.27 7.85 17.48
C GLU A 117 4.82 8.26 17.72
N THR A 118 4.36 9.23 16.94
CA THR A 118 3.06 9.84 17.18
C THR A 118 2.15 9.71 15.97
N THR A 119 0.85 9.68 16.24
CA THR A 119 -0.19 10.09 15.33
C THR A 119 -0.89 11.33 15.92
N THR A 120 -1.70 12.00 15.10
CA THR A 120 -2.32 13.26 15.47
C THR A 120 -3.82 13.10 15.56
N GLN A 121 -4.42 13.65 16.63
CA GLN A 121 -5.86 13.58 16.91
C GLN A 121 -6.60 14.76 16.31
N GLY A 122 -7.87 14.54 15.96
CA GLY A 122 -8.70 15.63 15.48
C GLY A 122 -9.84 15.31 14.52
N LEU A 123 -9.89 14.12 13.91
CA LEU A 123 -10.83 13.88 12.82
C LEU A 123 -12.29 13.82 13.29
N ASP A 124 -12.53 13.43 14.52
CA ASP A 124 -13.90 13.30 15.02
C ASP A 124 -14.57 14.67 15.05
N GLY A 125 -15.67 14.81 14.32
CA GLY A 125 -16.39 16.05 14.24
C GLY A 125 -15.65 17.14 13.49
N LEU A 126 -14.59 16.80 12.76
CA LEU A 126 -13.80 17.83 12.10
C LEU A 126 -14.66 18.67 11.16
N GLY A 127 -15.55 18.01 10.40
CA GLY A 127 -16.35 18.75 9.45
C GLY A 127 -17.24 19.79 10.11
N ALA A 128 -17.93 19.40 11.20
CA ALA A 128 -18.79 20.36 11.87
C ALA A 128 -17.99 21.55 12.39
N ARG A 129 -16.83 21.30 13.04
CA ARG A 129 -16.02 22.40 13.55
C ARG A 129 -15.57 23.32 12.42
N CYS A 130 -15.16 22.74 11.29
CA CYS A 130 -14.59 23.55 10.18
C CYS A 130 -15.66 24.48 9.60
N ALA A 131 -16.91 24.04 9.60
CA ALA A 131 -18.04 24.86 9.08
C ALA A 131 -18.34 26.02 10.03
N GLN A 132 -18.18 25.80 11.34
CA GLN A 132 -18.41 26.87 12.33
C GLN A 132 -17.27 27.90 12.23
N TYR A 133 -16.04 27.43 12.01
CA TYR A 133 -14.89 28.35 11.87
C TYR A 133 -15.06 29.22 10.61
N TYR A 134 -15.65 28.67 9.55
CA TYR A 134 -15.85 29.41 8.29
C TYR A 134 -16.86 30.54 8.53
N ALA A 135 -18.03 30.22 9.08
CA ALA A 135 -18.99 31.29 9.41
C ALA A 135 -18.40 32.33 10.34
N ALA A 136 -17.41 31.96 11.14
CA ALA A 136 -16.70 32.88 12.01
C ALA A 136 -15.60 33.65 11.27
N GLY A 137 -15.42 33.43 9.96
CA GLY A 137 -14.50 34.20 9.17
C GLY A 137 -13.16 33.56 8.88
N ALA A 138 -12.90 32.35 9.38
CA ALA A 138 -11.66 31.67 9.03
C ALA A 138 -11.73 31.19 7.58
N ARG A 139 -10.56 31.19 6.93
CA ARG A 139 -10.49 30.76 5.54
C ARG A 139 -9.39 29.74 5.23
N PHE A 140 -8.52 29.38 6.19
CA PHE A 140 -7.57 28.30 6.02
C PHE A 140 -7.33 27.62 7.37
N ALA A 141 -6.77 26.41 7.33
CA ALA A 141 -6.65 25.58 8.52
C ALA A 141 -5.20 25.12 8.71
N LYS A 142 -4.93 24.49 9.86
CA LYS A 142 -3.60 23.98 10.20
C LYS A 142 -3.74 22.69 11.01
N TRP A 143 -2.95 21.68 10.64
CA TRP A 143 -2.90 20.37 11.29
C TRP A 143 -1.44 19.95 11.32
N ARG A 144 -0.94 19.57 12.48
CA ARG A 144 0.48 19.29 12.65
C ARG A 144 0.69 17.81 12.94
N ALA A 145 1.30 17.11 11.97
CA ALA A 145 1.79 15.75 12.15
C ALA A 145 3.28 15.81 12.47
N VAL A 146 3.74 14.94 13.34
CA VAL A 146 5.13 15.00 13.80
C VAL A 146 5.80 13.65 13.53
N LEU A 147 7.03 13.70 13.01
CA LEU A 147 7.84 12.51 12.76
C LEU A 147 9.24 12.75 13.32
N LYS A 148 9.84 11.71 13.92
CA LYS A 148 11.17 11.79 14.52
C LYS A 148 12.12 10.87 13.78
N ILE A 149 13.42 11.20 13.79
CA ILE A 149 14.42 10.44 13.03
C ILE A 149 15.29 9.65 14.02
N GLY A 150 15.25 8.33 13.90
CA GLY A 150 16.08 7.49 14.75
C GLY A 150 16.58 6.22 14.07
N ALA A 151 16.96 5.23 14.89
CA ALA A 151 17.45 3.95 14.37
C ALA A 151 16.49 3.32 13.37
N ASN A 152 15.21 3.28 13.72
CA ASN A 152 14.21 2.61 12.86
C ASN A 152 13.08 3.60 12.58
N GLU A 153 13.36 4.90 12.68
CA GLU A 153 12.28 5.90 12.57
C GLU A 153 12.66 6.95 11.53
N PRO A 154 11.71 7.54 10.78
CA PRO A 154 10.30 7.15 10.77
C PRO A 154 9.92 5.72 10.31
N SER A 155 8.94 5.11 10.96
CA SER A 155 8.51 3.73 10.65
C SER A 155 7.52 3.72 9.50
N GLN A 156 7.35 2.56 8.87
CA GLN A 156 6.33 2.54 7.83
C GLN A 156 4.96 2.86 8.42
N LEU A 157 4.70 2.36 9.62
CA LEU A 157 3.44 2.64 10.29
C LEU A 157 3.26 4.15 10.56
N ALA A 158 4.26 4.77 11.16
CA ALA A 158 4.24 6.22 11.38
C ALA A 158 3.96 7.00 10.09
N ILE A 159 4.64 6.64 8.99
CA ILE A 159 4.49 7.40 7.75
C ILE A 159 3.07 7.26 7.19
N ASN A 160 2.49 6.07 7.24
CA ASN A 160 1.13 5.87 6.73
C ASN A 160 0.09 6.58 7.58
N GLU A 161 0.24 6.50 8.89
CA GLU A 161 -0.78 7.09 9.75
C GLU A 161 -0.80 8.59 9.59
N ASN A 162 0.38 9.21 9.62
CA ASN A 162 0.46 10.67 9.51
C ASN A 162 0.15 11.18 8.10
N ALA A 163 0.55 10.45 7.05
CA ALA A 163 0.24 10.88 5.69
C ALA A 163 -1.26 10.79 5.43
N ASN A 164 -1.90 9.71 5.89
CA ASN A 164 -3.32 9.61 5.64
C ASN A 164 -4.13 10.49 6.58
N GLY A 165 -3.62 10.74 7.79
CA GLY A 165 -4.28 11.68 8.67
C GLY A 165 -4.38 13.06 8.04
N LEU A 166 -3.25 13.53 7.48
CA LEU A 166 -3.24 14.81 6.79
C LEU A 166 -4.19 14.82 5.59
N ALA A 167 -4.19 13.75 4.80
CA ALA A 167 -5.04 13.76 3.60
C ALA A 167 -6.52 13.69 3.98
N ARG A 168 -6.83 12.85 4.96
CA ARG A 168 -8.19 12.75 5.52
C ARG A 168 -8.65 14.12 6.06
N TYR A 169 -7.77 14.82 6.79
CA TYR A 169 -8.04 16.18 7.26
C TYR A 169 -8.14 17.16 6.10
N ALA A 170 -7.30 17.00 5.07
CA ALA A 170 -7.26 17.98 3.99
C ALA A 170 -8.59 18.03 3.24
N ILE A 171 -9.16 16.87 2.92
CA ILE A 171 -10.37 16.86 2.12
C ILE A 171 -11.58 17.34 2.94
N ILE A 172 -11.61 17.08 4.24
CA ILE A 172 -12.71 17.58 5.07
C ILE A 172 -12.70 19.11 5.11
N CYS A 173 -11.53 19.72 5.25
CA CYS A 173 -11.40 21.18 5.19
C CYS A 173 -11.97 21.76 3.91
N GLN A 174 -11.54 21.21 2.78
CA GLN A 174 -11.96 21.75 1.49
C GLN A 174 -13.47 21.68 1.32
N GLU A 175 -14.08 20.62 1.83
CA GLU A 175 -15.52 20.47 1.71
C GLU A 175 -16.27 21.54 2.50
N ASN A 176 -15.64 22.09 3.53
CA ASN A 176 -16.22 23.13 4.39
C ASN A 176 -15.56 24.49 4.17
N GLY A 177 -14.81 24.67 3.10
CA GLY A 177 -14.38 26.00 2.70
C GLY A 177 -13.05 26.50 3.24
N LEU A 178 -12.31 25.68 3.97
CA LEU A 178 -11.01 26.09 4.49
C LEU A 178 -9.88 25.52 3.63
N VAL A 179 -8.91 26.37 3.30
CA VAL A 179 -7.69 25.90 2.65
C VAL A 179 -6.86 25.10 3.66
N PRO A 180 -6.61 23.81 3.45
CA PRO A 180 -5.79 23.04 4.42
C PRO A 180 -4.30 23.28 4.18
N ILE A 181 -3.59 23.73 5.23
CA ILE A 181 -2.13 23.67 5.28
C ILE A 181 -1.73 22.27 5.71
N VAL A 182 -0.98 21.58 4.86
CA VAL A 182 -0.44 20.25 5.13
C VAL A 182 0.91 20.40 5.82
N GLU A 183 1.01 19.98 7.08
CA GLU A 183 2.22 20.19 7.89
C GLU A 183 2.78 18.85 8.34
N PRO A 184 3.68 18.23 7.56
CA PRO A 184 4.42 17.07 8.07
C PRO A 184 5.77 17.46 8.66
N GLU A 185 5.83 17.69 9.96
CA GLU A 185 7.06 18.18 10.54
C GLU A 185 7.95 16.99 10.88
N ILE A 186 9.15 16.98 10.32
CA ILE A 186 10.18 16.03 10.71
C ILE A 186 11.05 16.72 11.74
N LEU A 187 11.04 16.22 12.97
CA LEU A 187 11.77 16.90 14.06
C LEU A 187 13.27 16.85 13.80
N VAL A 188 13.95 17.94 14.20
CA VAL A 188 15.41 18.01 14.10
C VAL A 188 16.12 17.20 15.17
N ASP A 189 15.41 16.74 16.20
CA ASP A 189 16.09 16.08 17.32
C ASP A 189 16.97 14.94 16.86
N GLY A 190 18.23 14.95 17.32
CA GLY A 190 19.11 13.81 17.15
C GLY A 190 20.43 14.12 16.50
N PRO A 191 21.32 13.13 16.43
CA PRO A 191 22.65 13.32 15.84
C PRO A 191 22.76 13.03 14.36
N HIS A 192 21.66 12.79 13.65
CA HIS A 192 21.72 12.56 12.20
C HIS A 192 22.33 13.76 11.47
N ASP A 193 22.76 13.54 10.24
CA ASP A 193 23.36 14.56 9.40
C ASP A 193 22.34 15.06 8.38
N ILE A 194 22.74 16.02 7.56
CA ILE A 194 21.78 16.66 6.66
C ILE A 194 21.28 15.67 5.59
N ASN A 195 22.09 14.67 5.20
CA ASN A 195 21.61 13.74 4.17
C ASN A 195 20.51 12.83 4.69
N LYS A 196 20.61 12.36 5.94
CA LYS A 196 19.53 11.54 6.47
C LYS A 196 18.24 12.32 6.58
N CYS A 197 18.32 13.65 6.76
CA CYS A 197 17.07 14.39 6.83
C CYS A 197 16.53 14.69 5.44
N ALA A 198 17.43 14.88 4.47
CA ALA A 198 17.03 14.91 3.06
C ALA A 198 16.29 13.64 2.66
N ASP A 199 16.79 12.46 3.06
CA ASP A 199 16.13 11.22 2.67
C ASP A 199 14.77 11.09 3.35
N VAL A 200 14.72 11.28 4.66
CA VAL A 200 13.45 11.19 5.38
C VAL A 200 12.45 12.23 4.89
N THR A 201 12.91 13.47 4.64
CA THR A 201 11.95 14.47 4.15
C THR A 201 11.37 14.04 2.81
N GLU A 202 12.22 13.58 1.89
CA GLU A 202 11.73 13.18 0.57
C GLU A 202 10.75 12.02 0.66
N ARG A 203 11.07 10.96 1.42
CA ARG A 203 10.12 9.87 1.58
C ARG A 203 8.78 10.36 2.10
N VAL A 204 8.83 11.21 3.12
CA VAL A 204 7.60 11.64 3.79
C VAL A 204 6.75 12.50 2.86
N LEU A 205 7.36 13.45 2.20
CA LEU A 205 6.58 14.29 1.30
C LEU A 205 5.94 13.46 0.20
N ALA A 206 6.67 12.46 -0.30
CA ALA A 206 6.14 11.60 -1.35
C ALA A 206 4.91 10.83 -0.86
N ALA A 207 4.96 10.29 0.37
CA ALA A 207 3.79 9.61 0.94
C ALA A 207 2.59 10.56 1.07
N CYS A 208 2.81 11.83 1.46
CA CYS A 208 1.68 12.72 1.70
C CYS A 208 1.00 13.11 0.39
N TYR A 209 1.79 13.39 -0.65
CA TYR A 209 1.15 13.78 -1.91
C TYR A 209 0.47 12.58 -2.60
N LYS A 210 0.97 11.36 -2.39
CA LYS A 210 0.19 10.18 -2.83
C LYS A 210 -1.10 10.03 -2.00
N ALA A 211 -0.97 10.13 -0.68
CA ALA A 211 -2.17 10.10 0.19
C ALA A 211 -3.17 11.17 -0.23
N LEU A 212 -2.68 12.37 -0.51
CA LEU A 212 -3.56 13.46 -0.96
C LEU A 212 -4.30 13.08 -2.24
N ASN A 213 -3.61 12.45 -3.21
CA ASN A 213 -4.30 12.01 -4.42
C ASN A 213 -5.29 10.89 -4.11
N ASP A 214 -4.92 9.97 -3.20
CA ASP A 214 -5.83 8.88 -2.84
C ASP A 214 -7.15 9.42 -2.33
N HIS A 215 -7.12 10.52 -1.57
CA HIS A 215 -8.30 11.06 -0.89
C HIS A 215 -9.03 12.15 -1.69
N HIS A 216 -8.57 12.41 -2.93
CA HIS A 216 -9.26 13.27 -3.90
C HIS A 216 -9.16 14.75 -3.54
N VAL A 217 -8.01 15.16 -3.04
CA VAL A 217 -7.80 16.53 -2.62
C VAL A 217 -7.51 17.41 -3.84
N LEU A 218 -8.02 18.65 -3.83
CA LEU A 218 -7.78 19.62 -4.90
C LEU A 218 -6.45 20.31 -4.56
N LEU A 219 -5.36 19.88 -5.21
CA LEU A 219 -4.04 20.35 -4.78
C LEU A 219 -3.90 21.85 -4.90
N GLU A 220 -4.55 22.46 -5.89
CA GLU A 220 -4.41 23.88 -6.15
C GLU A 220 -5.03 24.75 -5.05
N GLY A 221 -5.80 24.15 -4.14
CA GLY A 221 -6.34 24.82 -2.98
C GLY A 221 -5.79 24.28 -1.68
N THR A 222 -4.47 24.03 -1.63
CA THR A 222 -3.77 23.53 -0.45
C THR A 222 -2.50 24.35 -0.31
N LEU A 223 -1.76 24.11 0.76
CA LEU A 223 -0.46 24.71 1.03
C LEU A 223 0.40 23.65 1.68
N LEU A 224 1.70 23.86 1.71
CA LEU A 224 2.60 22.92 2.35
C LEU A 224 3.39 23.65 3.43
N LYS A 225 3.50 23.03 4.60
CA LYS A 225 4.28 23.57 5.72
C LYS A 225 5.32 22.53 6.11
N PRO A 226 6.46 22.47 5.39
CA PRO A 226 7.50 21.47 5.66
C PRO A 226 8.61 22.00 6.54
N ASN A 227 9.33 21.10 7.22
CA ASN A 227 10.62 21.45 7.80
C ASN A 227 11.59 21.85 6.68
N MET A 228 12.57 22.71 7.00
CA MET A 228 13.72 22.85 6.12
C MET A 228 14.63 21.66 6.33
N VAL A 229 15.44 21.35 5.32
CA VAL A 229 16.35 20.20 5.37
C VAL A 229 17.66 20.65 6.01
N THR A 230 17.97 20.11 7.20
CA THR A 230 19.06 20.51 8.06
C THR A 230 19.65 19.28 8.73
N PRO A 231 20.91 19.33 9.13
CA PRO A 231 21.42 18.30 10.05
C PRO A 231 20.60 18.29 11.33
N GLY A 232 20.85 17.27 12.15
CA GLY A 232 20.14 17.17 13.41
C GLY A 232 20.64 18.18 14.43
N SER A 233 19.76 18.47 15.39
CA SER A 233 20.09 19.35 16.52
C SER A 233 21.47 19.03 17.11
N ASP A 234 21.82 17.73 17.21
CA ASP A 234 23.01 17.33 17.94
C ASP A 234 24.25 17.24 17.06
N ALA A 235 24.15 17.61 15.79
CA ALA A 235 25.26 17.49 14.88
C ALA A 235 25.80 18.88 14.52
N LYS A 236 27.00 18.86 13.99
CA LYS A 236 27.63 20.12 13.57
C LYS A 236 26.77 20.73 12.47
N LYS A 237 26.59 22.05 12.55
CA LYS A 237 25.82 22.80 11.57
C LYS A 237 26.57 22.88 10.26
N VAL A 238 25.84 23.19 9.19
CA VAL A 238 26.42 23.44 7.86
C VAL A 238 26.01 24.87 7.45
N ALA A 239 26.64 25.37 6.40
CA ALA A 239 26.37 26.73 5.93
C ALA A 239 24.91 26.91 5.51
N PRO A 240 24.36 28.13 5.64
CA PRO A 240 22.96 28.37 5.22
C PRO A 240 22.72 28.15 3.73
N GLU A 241 23.75 28.29 2.89
CA GLU A 241 23.60 28.01 1.46
C GLU A 241 23.31 26.53 1.25
N VAL A 242 23.97 25.67 2.03
CA VAL A 242 23.79 24.23 1.93
C VAL A 242 22.37 23.85 2.34
N VAL A 243 21.92 24.33 3.50
CA VAL A 243 20.53 24.11 3.88
C VAL A 243 19.60 24.49 2.74
N ALA A 244 19.85 25.63 2.08
CA ALA A 244 18.97 26.08 0.99
C ALA A 244 18.92 25.07 -0.16
N GLU A 245 20.09 24.59 -0.63
CA GLU A 245 20.12 23.68 -1.78
C GLU A 245 19.44 22.35 -1.46
N TYR A 246 19.78 21.75 -0.32
CA TYR A 246 19.13 20.51 0.07
C TYR A 246 17.62 20.68 0.21
N THR A 247 17.17 21.83 0.75
CA THR A 247 15.75 22.05 0.97
C THR A 247 15.00 22.23 -0.35
N VAL A 248 15.51 23.08 -1.24
CA VAL A 248 14.85 23.25 -2.54
C VAL A 248 14.90 21.96 -3.38
N ARG A 249 15.97 21.16 -3.24
CA ARG A 249 16.04 19.91 -3.96
C ARG A 249 14.98 18.93 -3.47
N ALA A 250 14.83 18.81 -2.14
CA ALA A 250 13.80 17.93 -1.60
C ALA A 250 12.43 18.26 -2.15
N LEU A 251 12.13 19.56 -2.31
CA LEU A 251 10.80 19.95 -2.79
C LEU A 251 10.64 19.65 -4.30
N GLN A 252 11.63 20.05 -5.13
CA GLN A 252 11.60 19.74 -6.57
C GLN A 252 11.32 18.26 -6.85
N ARG A 253 11.75 17.38 -5.96
CA ARG A 253 11.65 15.96 -6.22
C ARG A 253 10.32 15.35 -5.76
N THR A 254 9.47 16.12 -5.06
CA THR A 254 8.28 15.57 -4.42
C THR A 254 7.02 16.43 -4.56
N MET A 255 7.10 17.77 -4.65
CA MET A 255 5.91 18.63 -4.52
C MET A 255 5.36 19.03 -5.89
N PRO A 256 4.17 18.63 -6.27
CA PRO A 256 3.66 19.00 -7.60
C PRO A 256 3.54 20.51 -7.75
N PRO A 257 3.84 21.04 -8.93
CA PRO A 257 3.72 22.50 -9.13
C PRO A 257 2.30 23.04 -9.01
N ALA A 258 1.29 22.19 -8.90
CA ALA A 258 -0.08 22.69 -8.74
C ALA A 258 -0.30 23.37 -7.38
N VAL A 259 0.44 22.95 -6.34
CA VAL A 259 0.42 23.58 -5.01
C VAL A 259 1.07 24.96 -5.12
N PRO A 260 0.37 26.06 -4.75
CA PRO A 260 0.89 27.40 -5.01
C PRO A 260 2.02 27.86 -4.11
N ALA A 261 2.19 27.33 -2.90
CA ALA A 261 3.20 27.94 -2.02
C ALA A 261 3.69 27.01 -0.91
N VAL A 262 4.94 27.22 -0.50
CA VAL A 262 5.53 26.62 0.69
C VAL A 262 5.56 27.68 1.80
N VAL A 263 5.09 27.31 2.99
CA VAL A 263 5.07 28.21 4.16
C VAL A 263 5.91 27.54 5.24
N PHE A 264 7.21 27.86 5.26
CA PHE A 264 8.16 27.09 6.05
C PHE A 264 7.92 27.24 7.55
N LEU A 265 8.15 26.15 8.28
CA LEU A 265 8.24 26.20 9.73
C LEU A 265 9.69 26.35 10.13
N SER A 266 9.94 26.97 11.29
CA SER A 266 11.29 27.34 11.70
C SER A 266 11.93 26.34 12.66
N GLY A 267 11.15 25.42 13.23
CA GLY A 267 11.66 24.58 14.31
C GLY A 267 12.23 25.39 15.45
N GLY A 268 13.40 24.99 15.94
CA GLY A 268 13.94 25.71 17.07
C GLY A 268 14.97 26.74 16.64
N GLN A 269 14.92 27.13 15.36
CA GLN A 269 15.91 28.07 14.82
C GLN A 269 15.74 29.45 15.43
N SER A 270 16.87 30.12 15.61
CA SER A 270 16.87 31.51 16.04
C SER A 270 16.12 32.38 15.02
N GLU A 271 15.69 33.56 15.47
CA GLU A 271 14.95 34.46 14.59
C GLU A 271 15.76 34.81 13.35
N GLU A 272 17.06 35.02 13.52
CA GLU A 272 17.94 35.42 12.43
C GLU A 272 18.28 34.24 11.51
N GLU A 273 18.59 33.06 12.07
CA GLU A 273 18.82 31.88 11.25
C GLU A 273 17.66 31.60 10.31
N ALA A 274 16.42 31.69 10.80
CA ALA A 274 15.27 31.43 9.95
C ALA A 274 15.27 32.36 8.75
N THR A 275 15.48 33.65 9.00
CA THR A 275 15.46 34.67 7.95
C THR A 275 16.60 34.48 6.96
N VAL A 276 17.80 34.14 7.46
CA VAL A 276 18.93 33.89 6.57
C VAL A 276 18.64 32.73 5.61
N HIS A 277 18.19 31.58 6.14
CA HIS A 277 17.86 30.40 5.33
C HIS A 277 16.80 30.71 4.27
N LEU A 278 15.74 31.41 4.66
CA LEU A 278 14.64 31.70 3.75
C LEU A 278 15.10 32.64 2.63
N ASN A 279 15.99 33.58 2.97
CA ASN A 279 16.55 34.46 1.94
C ASN A 279 17.44 33.66 0.99
N ALA A 280 18.30 32.81 1.56
CA ALA A 280 19.19 31.99 0.74
C ALA A 280 18.43 31.10 -0.24
N MET A 281 17.25 30.60 0.15
CA MET A 281 16.51 29.75 -0.78
C MET A 281 15.93 30.56 -1.94
N ASN A 282 15.46 31.78 -1.68
CA ASN A 282 14.89 32.57 -2.77
C ASN A 282 15.96 33.18 -3.67
N LYS A 283 17.24 33.11 -3.27
CA LYS A 283 18.33 33.51 -4.14
C LYS A 283 18.83 32.38 -5.05
N LEU A 284 18.53 31.11 -4.71
CA LEU A 284 19.06 29.95 -5.41
C LEU A 284 18.69 29.90 -6.89
N GLN A 285 19.65 29.49 -7.71
CA GLN A 285 19.38 29.08 -9.08
C GLN A 285 18.59 27.78 -9.09
N GLY A 286 17.55 27.70 -9.89
CA GLY A 286 16.81 26.46 -9.99
C GLY A 286 15.35 26.71 -10.26
N LYS A 287 14.65 25.61 -10.53
CA LYS A 287 13.23 25.65 -10.78
C LYS A 287 12.51 25.74 -9.44
N LYS A 288 11.69 26.79 -9.26
CA LYS A 288 10.91 26.97 -8.03
C LYS A 288 9.52 27.44 -8.44
N PRO A 289 8.66 26.51 -8.89
CA PRO A 289 7.34 26.88 -9.42
C PRO A 289 6.31 27.17 -8.33
N TRP A 290 6.79 27.52 -7.16
CA TRP A 290 5.91 27.76 -6.04
C TRP A 290 6.59 28.77 -5.15
N THR A 291 5.79 29.60 -4.50
CA THR A 291 6.36 30.58 -3.59
C THR A 291 7.00 29.89 -2.40
N LEU A 292 8.21 30.32 -2.05
CA LEU A 292 8.91 29.86 -0.85
C LEU A 292 8.82 31.02 0.15
N THR A 293 7.85 30.92 1.08
CA THR A 293 7.63 31.96 2.08
C THR A 293 7.59 31.33 3.47
N PHE A 294 7.12 32.09 4.47
CA PHE A 294 7.21 31.70 5.88
C PHE A 294 5.83 31.45 6.51
N SER A 295 5.81 30.55 7.54
CA SER A 295 4.75 30.49 8.53
C SER A 295 5.45 30.33 9.89
N PHE A 296 5.85 31.48 10.48
CA PHE A 296 6.71 31.53 11.65
C PHE A 296 5.93 31.91 12.91
N GLY A 297 6.26 31.24 14.01
CA GLY A 297 5.71 31.60 15.31
C GLY A 297 6.76 32.21 16.20
N ARG A 298 7.46 31.37 16.98
CA ARG A 298 8.58 31.84 17.78
C ARG A 298 9.50 32.76 16.99
N ALA A 299 9.67 32.51 15.69
CA ALA A 299 10.68 33.21 14.91
C ALA A 299 10.24 34.59 14.44
N LEU A 300 8.98 34.96 14.66
CA LEU A 300 8.50 36.34 14.51
C LEU A 300 8.28 37.05 15.85
N GLN A 301 8.06 36.28 16.92
CA GLN A 301 7.51 36.78 18.16
C GLN A 301 8.48 36.90 19.31
N GLN A 302 9.51 36.04 19.38
CA GLN A 302 10.21 35.86 20.65
C GLN A 302 10.78 37.16 21.19
N SER A 303 11.42 37.95 20.33
CA SER A 303 12.01 39.20 20.80
C SER A 303 10.95 40.25 21.13
N THR A 304 9.81 40.23 20.42
CA THR A 304 8.70 41.10 20.76
C THR A 304 8.15 40.80 22.15
N LEU A 305 7.96 39.52 22.49
CA LEU A 305 7.47 39.20 23.84
C LEU A 305 8.44 39.69 24.89
N LYS A 306 9.75 39.55 24.64
CA LYS A 306 10.74 39.93 25.64
C LYS A 306 10.73 41.44 25.88
N ALA A 307 10.59 42.23 24.82
CA ALA A 307 10.52 43.68 24.97
C ALA A 307 9.25 44.09 25.70
N TRP A 308 8.14 43.42 25.40
CA TRP A 308 6.86 43.74 26.03
C TRP A 308 6.89 43.51 27.54
N ALA A 309 7.35 42.33 27.95
CA ALA A 309 7.34 41.89 29.34
C ALA A 309 5.97 42.12 29.98
N GLY A 310 4.92 41.99 29.18
CA GLY A 310 3.54 42.10 29.65
C GLY A 310 3.11 43.46 30.21
N LYS A 311 3.69 44.57 29.73
CA LYS A 311 3.31 45.88 30.23
C LYS A 311 2.71 46.75 29.12
N GLU A 312 1.79 47.64 29.53
CA GLU A 312 1.10 48.53 28.59
C GLU A 312 2.00 49.68 28.17
N GLU A 313 2.94 50.07 29.02
CA GLU A 313 3.87 51.13 28.66
C GLU A 313 4.79 50.65 27.55
N ASN A 314 5.09 49.36 27.53
CA ASN A 314 6.09 48.80 26.63
C ASN A 314 5.54 48.48 25.24
N VAL A 315 4.23 48.69 25.01
CA VAL A 315 3.62 48.37 23.72
C VAL A 315 4.39 49.02 22.56
N GLN A 316 4.73 50.30 22.71
CA GLN A 316 5.29 51.00 21.54
C GLN A 316 6.68 50.47 21.15
N LYS A 317 7.52 50.13 22.13
CA LYS A 317 8.83 49.67 21.71
C LYS A 317 8.81 48.22 21.23
N ALA A 318 7.85 47.43 21.74
CA ALA A 318 7.71 46.05 21.31
C ALA A 318 7.17 45.97 19.88
N GLN A 319 6.19 46.82 19.56
CA GLN A 319 5.65 46.84 18.21
C GLN A 319 6.71 47.23 17.19
N GLU A 320 7.64 48.10 17.58
CA GLU A 320 8.76 48.42 16.72
C GLU A 320 9.60 47.16 16.48
N VAL A 321 9.80 46.35 17.52
CA VAL A 321 10.62 45.14 17.39
C VAL A 321 9.95 44.14 16.47
N PHE A 322 8.63 43.96 16.63
CA PHE A 322 7.87 43.04 15.78
C PHE A 322 7.90 43.49 14.33
N LEU A 323 7.78 44.81 14.07
CA LEU A 323 7.76 45.30 12.70
C LEU A 323 9.08 45.05 11.99
N ILE A 324 10.20 45.10 12.71
CA ILE A 324 11.49 44.82 12.08
C ILE A 324 11.55 43.36 11.63
N ARG A 325 11.02 42.43 12.41
CA ARG A 325 11.08 41.00 12.03
C ARG A 325 10.16 40.75 10.84
N CYS A 326 9.06 41.49 10.74
CA CYS A 326 8.08 41.27 9.66
C CYS A 326 8.66 41.77 8.34
N LYS A 327 9.55 42.75 8.39
CA LYS A 327 10.16 43.32 7.17
C LYS A 327 11.35 42.46 6.74
N ALA A 328 12.17 42.01 7.69
CA ALA A 328 13.27 41.13 7.30
C ALA A 328 12.75 39.89 6.59
N ASN A 329 11.74 39.23 7.15
CA ASN A 329 11.23 38.01 6.53
C ASN A 329 10.54 38.33 5.21
N SER A 330 9.90 39.49 5.13
CA SER A 330 9.27 39.89 3.88
C SER A 330 10.29 40.12 2.78
N GLU A 331 11.43 40.70 3.16
CA GLU A 331 12.54 40.86 2.21
C GLU A 331 13.17 39.51 1.87
N ALA A 332 13.21 38.61 2.84
CA ALA A 332 13.83 37.31 2.62
C ALA A 332 13.09 36.50 1.56
N THR A 333 11.76 36.59 1.52
CA THR A 333 10.99 35.93 0.48
C THR A 333 11.28 36.47 -0.91
N LEU A 334 11.92 37.64 -1.03
CA LEU A 334 12.20 38.27 -2.31
C LEU A 334 13.69 38.31 -2.64
N GLY A 335 14.55 37.71 -1.81
CA GLY A 335 15.98 37.69 -2.06
C GLY A 335 16.72 38.95 -1.69
N LYS A 336 16.12 39.82 -0.88
CA LYS A 336 16.66 41.16 -0.65
C LYS A 336 17.12 41.40 0.76
N TYR A 337 17.08 40.40 1.65
CA TYR A 337 17.53 40.69 3.00
C TYR A 337 19.05 40.77 3.04
N THR A 338 19.57 41.79 3.72
CA THR A 338 21.01 42.04 3.74
C THR A 338 21.50 42.33 5.16
N GLY A 339 20.81 41.81 6.17
CA GLY A 339 21.35 41.76 7.52
C GLY A 339 20.75 42.70 8.56
N MET B 1 18.79 4.72 2.29
CA MET B 1 17.58 5.05 1.55
C MET B 1 17.65 6.40 0.79
N SER B 2 18.83 6.72 0.29
CA SER B 2 19.04 7.77 -0.71
C SER B 2 18.62 7.28 -2.12
N CYS B 3 18.28 8.24 -2.98
CA CYS B 3 18.09 7.93 -4.39
C CYS B 3 19.46 7.79 -5.10
N TYR B 4 19.43 7.27 -6.32
CA TYR B 4 20.62 6.87 -7.07
C TYR B 4 21.69 7.96 -7.11
N MET B 5 22.88 7.64 -6.58
CA MET B 5 24.06 8.48 -6.58
C MET B 5 25.28 7.74 -7.13
N GLY B 6 25.06 6.75 -7.98
CA GLY B 6 26.14 5.92 -8.51
C GLY B 6 26.96 6.63 -9.56
N LYS B 7 27.86 5.85 -10.19
CA LYS B 7 28.87 6.46 -11.05
C LYS B 7 28.28 7.16 -12.27
N TYR B 8 27.08 6.80 -12.69
CA TYR B 8 26.48 7.40 -13.88
C TYR B 8 25.64 8.64 -13.58
N ALA B 9 25.59 9.10 -12.31
CA ALA B 9 24.61 10.08 -11.88
C ALA B 9 24.70 11.38 -12.68
N ASP B 10 25.90 11.99 -12.72
CA ASP B 10 26.08 13.25 -13.43
C ASP B 10 25.70 13.14 -14.91
N GLU B 11 26.13 12.05 -15.58
CA GLU B 11 25.84 11.86 -17.00
C GLU B 11 24.34 11.65 -17.25
N LEU B 12 23.68 10.82 -16.43
CA LEU B 12 22.23 10.67 -16.53
C LEU B 12 21.50 12.02 -16.44
N ILE B 13 21.95 12.90 -15.54
CA ILE B 13 21.29 14.20 -15.37
C ILE B 13 21.55 15.09 -16.57
N ALA B 14 22.81 15.14 -17.02
CA ALA B 14 23.16 15.91 -18.20
C ALA B 14 22.37 15.47 -19.43
N ASN B 15 22.31 14.15 -19.68
CA ASN B 15 21.71 13.67 -20.91
C ASN B 15 20.19 13.79 -20.89
N ALA B 16 19.59 13.52 -19.74
CA ALA B 16 18.16 13.78 -19.59
C ALA B 16 17.87 15.26 -19.83
N ALA B 17 18.69 16.15 -19.26
CA ALA B 17 18.50 17.57 -19.51
C ALA B 17 18.58 17.88 -21.00
N TYR B 18 19.55 17.29 -21.71
CA TYR B 18 19.72 17.58 -23.13
C TYR B 18 18.50 17.17 -23.95
N ILE B 19 17.89 16.02 -23.63
CA ILE B 19 16.68 15.59 -24.34
C ILE B 19 15.60 16.67 -24.27
N GLY B 20 15.61 17.49 -23.24
CA GLY B 20 14.66 18.59 -23.10
C GLY B 20 15.14 19.92 -23.63
N THR B 21 16.24 19.96 -24.40
CA THR B 21 16.62 21.18 -25.11
C THR B 21 15.39 21.73 -25.83
N PRO B 22 15.05 23.01 -25.66
CA PRO B 22 13.85 23.53 -26.34
C PRO B 22 14.11 23.55 -27.83
N GLY B 23 13.06 23.30 -28.60
CA GLY B 23 13.22 23.23 -30.03
C GLY B 23 13.66 21.88 -30.56
N LYS B 24 13.94 20.91 -29.69
CA LYS B 24 14.34 19.57 -30.09
C LYS B 24 13.39 18.52 -29.54
N GLY B 25 13.18 17.43 -30.28
CA GLY B 25 12.42 16.32 -29.75
C GLY B 25 13.04 14.95 -30.00
N ILE B 26 12.21 13.91 -29.95
CA ILE B 26 12.69 12.54 -30.07
C ILE B 26 12.02 11.89 -31.27
N LEU B 27 12.82 11.32 -32.17
CA LEU B 27 12.32 10.47 -33.25
C LEU B 27 12.23 9.03 -32.76
N ALA B 28 11.02 8.46 -32.80
CA ALA B 28 10.80 7.08 -32.42
C ALA B 28 10.88 6.20 -33.67
N ALA B 29 12.03 5.56 -33.89
CA ALA B 29 12.22 4.63 -35.00
C ALA B 29 12.49 3.22 -34.47
N ASP B 30 11.78 2.88 -33.38
CA ASP B 30 11.97 1.65 -32.64
C ASP B 30 10.84 0.66 -32.90
N GLU B 31 10.17 0.79 -34.04
CA GLU B 31 9.16 -0.18 -34.48
C GLU B 31 9.75 -1.59 -34.51
N SER B 32 8.89 -2.57 -34.21
CA SER B 32 9.19 -4.00 -34.34
C SER B 32 9.36 -4.38 -35.82
N THR B 33 9.74 -5.66 -36.03
CA THR B 33 9.56 -6.27 -37.35
C THR B 33 8.07 -6.32 -37.73
N GLY B 34 7.21 -6.76 -36.80
CA GLY B 34 5.76 -6.80 -37.04
C GLY B 34 5.10 -5.46 -37.31
N THR B 35 5.43 -4.41 -36.56
CA THR B 35 4.73 -3.09 -36.69
C THR B 35 5.13 -2.42 -38.00
N ILE B 36 6.43 -2.41 -38.30
CA ILE B 36 6.91 -1.82 -39.59
C ILE B 36 6.33 -2.66 -40.74
N GLY B 37 5.91 -3.90 -40.47
CA GLY B 37 5.29 -4.75 -41.50
C GLY B 37 4.06 -4.10 -42.08
N LYS B 38 3.19 -3.60 -41.21
CA LYS B 38 1.93 -2.96 -41.67
C LYS B 38 2.25 -1.54 -42.14
N ARG B 39 3.31 -0.93 -41.60
CA ARG B 39 3.72 0.41 -42.09
C ARG B 39 4.18 0.23 -43.54
N PHE B 40 4.79 -0.91 -43.84
CA PHE B 40 5.31 -1.17 -45.21
C PHE B 40 4.17 -1.66 -46.09
N ASP B 41 3.12 -2.24 -45.50
CA ASP B 41 2.02 -2.81 -46.31
C ASP B 41 1.09 -1.70 -46.77
N SER B 42 1.06 -0.57 -46.06
CA SER B 42 0.24 0.58 -46.50
C SER B 42 0.94 1.25 -47.68
N ILE B 43 2.27 1.15 -47.73
CA ILE B 43 3.02 1.71 -48.88
C ILE B 43 3.27 0.56 -49.87
N LYS B 44 2.57 -0.56 -49.69
CA LYS B 44 2.67 -1.72 -50.61
C LYS B 44 4.15 -2.08 -50.86
N VAL B 45 4.92 -2.24 -49.78
CA VAL B 45 6.37 -2.58 -49.89
C VAL B 45 6.64 -3.81 -49.02
N GLU B 46 7.55 -4.70 -49.42
CA GLU B 46 7.79 -5.95 -48.67
C GLU B 46 8.73 -5.68 -47.49
N ASN B 47 8.49 -6.32 -46.35
CA ASN B 47 9.29 -6.05 -45.12
C ASN B 47 10.59 -6.84 -45.14
N VAL B 48 11.60 -6.32 -45.85
CA VAL B 48 12.94 -6.97 -45.84
C VAL B 48 13.87 -6.06 -45.04
N GLU B 49 14.93 -6.63 -44.45
CA GLU B 49 15.87 -5.82 -43.65
C GLU B 49 16.43 -4.71 -44.53
N SER B 50 16.68 -4.99 -45.81
CA SER B 50 17.22 -3.98 -46.75
C SER B 50 16.29 -2.78 -46.82
N ASN B 51 14.98 -3.00 -46.77
CA ASN B 51 14.01 -1.88 -46.91
C ASN B 51 13.85 -1.16 -45.58
N ARG B 52 14.06 -1.87 -44.47
CA ARG B 52 14.01 -1.21 -43.14
C ARG B 52 15.27 -0.35 -42.98
N ARG B 53 16.43 -0.94 -43.26
CA ARG B 53 17.69 -0.18 -43.17
C ARG B 53 17.60 1.03 -44.08
N ALA B 54 16.94 0.89 -45.23
CA ALA B 54 16.78 2.01 -46.18
C ALA B 54 15.96 3.13 -45.55
N LEU B 55 14.83 2.80 -44.93
CA LEU B 55 13.94 3.85 -44.35
C LEU B 55 14.69 4.54 -43.21
N ARG B 56 15.37 3.77 -42.38
CA ARG B 56 16.14 4.36 -41.27
C ARG B 56 17.20 5.28 -41.87
N GLU B 57 17.97 4.81 -42.85
CA GLU B 57 18.98 5.66 -43.52
C GLU B 57 18.25 6.87 -44.10
N LEU B 58 17.09 6.65 -44.71
CA LEU B 58 16.40 7.78 -45.33
C LEU B 58 16.11 8.88 -44.31
N LEU B 59 15.57 8.49 -43.14
CA LEU B 59 15.28 9.46 -42.08
C LEU B 59 16.57 10.06 -41.52
N PHE B 60 17.44 9.22 -40.97
CA PHE B 60 18.60 9.72 -40.24
C PHE B 60 19.52 10.60 -41.09
N CYS B 61 19.47 10.52 -42.42
CA CYS B 61 20.38 11.31 -43.25
C CYS B 61 19.67 12.33 -44.11
N THR B 62 18.44 12.65 -43.75
CA THR B 62 17.79 13.84 -44.30
C THR B 62 18.60 15.08 -43.93
N PRO B 63 19.02 15.90 -44.92
CA PRO B 63 19.75 17.13 -44.59
C PRO B 63 19.01 18.01 -43.61
N GLY B 64 19.60 18.22 -42.44
CA GLY B 64 19.09 19.15 -41.48
C GLY B 64 18.12 18.60 -40.46
N ALA B 65 17.58 17.38 -40.65
CA ALA B 65 16.59 16.91 -39.67
C ALA B 65 17.21 16.70 -38.29
N LEU B 66 18.50 16.44 -38.23
CA LEU B 66 19.14 16.22 -36.93
C LEU B 66 19.42 17.52 -36.19
N ASP B 67 19.09 18.67 -36.77
CA ASP B 67 19.09 19.90 -35.97
C ASP B 67 17.94 19.95 -35.00
N TYR B 68 16.88 19.21 -35.27
CA TYR B 68 15.62 19.29 -34.54
C TYR B 68 15.41 18.12 -33.61
N LEU B 69 16.39 17.23 -33.49
CA LEU B 69 16.24 15.98 -32.75
C LEU B 69 17.35 15.91 -31.73
N SER B 70 16.96 15.65 -30.48
CA SER B 70 17.93 15.46 -29.42
C SER B 70 18.26 14.00 -29.22
N GLY B 71 17.33 13.12 -29.59
CA GLY B 71 17.53 11.68 -29.44
C GLY B 71 16.70 10.94 -30.45
N ILE B 72 17.13 9.70 -30.70
CA ILE B 72 16.46 8.78 -31.62
C ILE B 72 16.37 7.42 -30.92
N ILE B 73 15.15 6.86 -30.84
CA ILE B 73 14.92 5.54 -30.23
C ILE B 73 15.09 4.48 -31.32
N LEU B 74 15.91 3.46 -31.04
CA LEU B 74 16.23 2.42 -32.02
C LEU B 74 15.71 1.04 -31.59
N PHE B 75 15.36 0.21 -32.57
CA PHE B 75 15.23 -1.20 -32.24
C PHE B 75 16.62 -1.83 -32.23
N GLU B 76 16.76 -2.92 -31.47
CA GLU B 76 18.10 -3.44 -31.21
C GLU B 76 18.88 -3.70 -32.48
N GLU B 77 18.22 -4.28 -33.49
CA GLU B 77 18.86 -4.49 -34.79
C GLU B 77 19.54 -3.22 -35.29
N THR B 78 18.79 -2.10 -35.27
CA THR B 78 19.28 -0.85 -35.85
C THR B 78 20.44 -0.28 -35.06
N LEU B 79 20.54 -0.61 -33.78
CA LEU B 79 21.60 -0.06 -32.95
C LEU B 79 22.99 -0.41 -33.48
N TYR B 80 23.09 -1.53 -34.21
CA TYR B 80 24.37 -2.05 -34.68
C TYR B 80 24.56 -1.85 -36.18
N GLN B 81 23.58 -1.26 -36.86
CA GLN B 81 23.58 -1.13 -38.31
C GLN B 81 24.38 0.08 -38.76
N LYS B 82 24.69 0.10 -40.05
CA LYS B 82 25.47 1.14 -40.71
C LYS B 82 24.67 1.71 -41.88
N THR B 83 25.10 2.89 -42.34
CA THR B 83 24.73 3.43 -43.65
C THR B 83 25.32 2.57 -44.77
N ALA B 84 24.76 2.75 -45.98
CA ALA B 84 25.28 2.14 -47.19
C ALA B 84 26.80 2.28 -47.31
N SER B 85 27.37 3.42 -46.90
CA SER B 85 28.79 3.70 -47.01
C SER B 85 29.63 3.13 -45.87
N GLY B 86 29.03 2.38 -44.94
CA GLY B 86 29.79 1.69 -43.92
C GLY B 86 29.93 2.43 -42.61
N LYS B 87 29.21 3.55 -42.43
CA LYS B 87 29.29 4.37 -41.22
C LYS B 87 28.26 3.90 -40.20
N PRO B 88 28.66 3.54 -38.96
CA PRO B 88 27.65 3.13 -37.95
C PRO B 88 26.61 4.22 -37.69
N PHE B 89 25.33 3.81 -37.63
CA PHE B 89 24.24 4.76 -37.32
C PHE B 89 24.52 5.55 -36.04
N VAL B 90 25.17 4.93 -35.04
CA VAL B 90 25.49 5.66 -33.82
C VAL B 90 26.55 6.73 -34.07
N ASP B 91 27.45 6.50 -35.04
CA ASP B 91 28.47 7.50 -35.34
C ASP B 91 27.88 8.72 -36.02
N VAL B 92 26.94 8.50 -36.96
CA VAL B 92 26.17 9.59 -37.54
C VAL B 92 25.52 10.42 -36.44
N MET B 93 24.95 9.72 -35.45
CA MET B 93 24.26 10.38 -34.35
C MET B 93 25.22 11.15 -33.47
N LYS B 94 26.29 10.49 -32.98
CA LYS B 94 27.18 11.20 -32.06
C LYS B 94 27.77 12.45 -32.71
N GLU B 95 27.99 12.42 -34.02
CA GLU B 95 28.56 13.56 -34.71
C GLU B 95 27.58 14.71 -34.79
N ALA B 96 26.27 14.45 -34.76
CA ALA B 96 25.30 15.52 -34.82
C ALA B 96 24.75 15.89 -33.43
N ASN B 97 25.46 15.51 -32.36
CA ASN B 97 24.99 15.61 -30.97
C ASN B 97 23.51 15.21 -30.83
N VAL B 98 23.24 13.99 -31.28
CA VAL B 98 22.01 13.25 -31.04
C VAL B 98 22.34 12.07 -30.15
N LEU B 99 21.47 11.77 -29.22
CA LEU B 99 21.64 10.63 -28.34
C LEU B 99 20.92 9.41 -28.93
N PRO B 100 21.57 8.24 -29.03
CA PRO B 100 20.83 7.04 -29.43
C PRO B 100 20.07 6.41 -28.26
N GLY B 101 18.83 5.98 -28.54
CA GLY B 101 18.04 5.26 -27.55
C GLY B 101 17.57 3.89 -28.00
N ILE B 102 17.17 3.05 -27.04
CA ILE B 102 16.93 1.63 -27.28
C ILE B 102 15.65 1.23 -26.54
N LYS B 103 14.76 0.53 -27.22
CA LYS B 103 13.62 -0.09 -26.54
C LYS B 103 14.05 -1.38 -25.84
N VAL B 104 13.72 -1.51 -24.56
CA VAL B 104 14.19 -2.64 -23.76
C VAL B 104 13.07 -3.47 -23.15
N ASP B 105 11.80 -3.09 -23.33
CA ASP B 105 10.75 -3.94 -22.80
C ASP B 105 10.46 -5.10 -23.76
N LYS B 106 9.70 -6.10 -23.31
CA LYS B 106 9.39 -7.27 -24.15
C LYS B 106 7.88 -7.43 -24.38
N GLY B 107 7.18 -6.30 -24.55
CA GLY B 107 5.75 -6.35 -24.83
C GLY B 107 4.90 -6.82 -23.64
N THR B 108 3.61 -6.93 -23.90
CA THR B 108 2.62 -7.12 -22.86
C THR B 108 2.09 -8.55 -22.84
N VAL B 109 1.56 -8.93 -21.67
CA VAL B 109 0.82 -10.15 -21.46
C VAL B 109 -0.37 -9.83 -20.56
N GLU B 110 -1.44 -10.60 -20.69
CA GLU B 110 -2.62 -10.34 -19.89
C GLU B 110 -2.36 -10.65 -18.43
N LEU B 111 -2.97 -9.85 -17.56
CA LEU B 111 -2.95 -10.05 -16.12
C LEU B 111 -4.04 -11.04 -15.72
N ALA B 112 -3.66 -12.15 -15.07
CA ALA B 112 -4.66 -13.11 -14.60
C ALA B 112 -5.67 -12.44 -13.65
N GLY B 113 -6.95 -12.67 -13.93
CA GLY B 113 -8.03 -12.23 -13.06
C GLY B 113 -8.63 -10.89 -13.40
N THR B 114 -8.09 -10.20 -14.39
CA THR B 114 -8.62 -8.93 -14.84
C THR B 114 -9.46 -9.13 -16.10
N ASN B 115 -10.01 -8.04 -16.58
CA ASN B 115 -10.85 -8.04 -17.77
C ASN B 115 -10.03 -7.43 -18.91
N GLY B 116 -9.03 -8.18 -19.34
CA GLY B 116 -8.17 -7.77 -20.44
C GLY B 116 -7.14 -6.71 -20.09
N GLU B 117 -6.61 -6.72 -18.88
CA GLU B 117 -5.58 -5.77 -18.51
C GLU B 117 -4.22 -6.44 -18.67
N THR B 118 -3.20 -5.62 -18.81
CA THR B 118 -1.88 -6.07 -19.17
C THR B 118 -0.87 -5.69 -18.11
N THR B 119 0.13 -6.53 -17.95
CA THR B 119 1.42 -6.22 -17.34
C THR B 119 2.49 -6.31 -18.43
N THR B 120 3.69 -5.79 -18.16
CA THR B 120 4.72 -5.70 -19.20
C THR B 120 5.93 -6.56 -18.88
N GLN B 121 6.40 -7.33 -19.87
CA GLN B 121 7.52 -8.26 -19.67
C GLN B 121 8.88 -7.66 -19.97
N GLY B 122 9.89 -8.14 -19.26
CA GLY B 122 11.22 -7.67 -19.60
C GLY B 122 12.26 -7.55 -18.51
N LEU B 123 11.89 -7.62 -17.22
CA LEU B 123 12.85 -7.35 -16.14
C LEU B 123 13.91 -8.44 -16.04
N ASP B 124 13.59 -9.65 -16.51
CA ASP B 124 14.53 -10.75 -16.43
C ASP B 124 15.75 -10.44 -17.29
N GLY B 125 16.91 -10.39 -16.65
CA GLY B 125 18.16 -10.07 -17.32
C GLY B 125 18.31 -8.64 -17.80
N LEU B 126 17.39 -7.75 -17.41
CA LEU B 126 17.41 -6.37 -17.92
C LEU B 126 18.71 -5.64 -17.62
N GLY B 127 19.29 -5.84 -16.43
CA GLY B 127 20.54 -5.15 -16.10
C GLY B 127 21.67 -5.50 -17.04
N ALA B 128 21.83 -6.80 -17.34
CA ALA B 128 22.88 -7.24 -18.27
C ALA B 128 22.65 -6.66 -19.67
N ARG B 129 21.40 -6.70 -20.16
CA ARG B 129 21.13 -6.12 -21.48
C ARG B 129 21.47 -4.64 -21.50
N CYS B 130 21.16 -3.92 -20.41
CA CYS B 130 21.35 -2.46 -20.41
C CYS B 130 22.81 -2.10 -20.42
N ALA B 131 23.63 -2.85 -19.67
CA ALA B 131 25.07 -2.59 -19.71
C ALA B 131 25.64 -2.85 -21.11
N GLN B 132 25.08 -3.83 -21.81
CA GLN B 132 25.54 -4.10 -23.16
C GLN B 132 25.10 -2.99 -24.11
N TYR B 133 23.88 -2.46 -23.93
CA TYR B 133 23.43 -1.39 -24.83
C TYR B 133 24.21 -0.09 -24.61
N TYR B 134 24.66 0.17 -23.38
CA TYR B 134 25.48 1.34 -23.12
C TYR B 134 26.82 1.20 -23.83
N ALA B 135 27.46 0.03 -23.70
CA ALA B 135 28.70 -0.22 -24.41
C ALA B 135 28.57 0.02 -25.92
N ALA B 136 27.39 -0.22 -26.49
CA ALA B 136 27.12 0.06 -27.90
C ALA B 136 26.78 1.52 -28.21
N GLY B 137 26.77 2.41 -27.22
CA GLY B 137 26.57 3.83 -27.47
C GLY B 137 25.19 4.36 -27.18
N ALA B 138 24.27 3.52 -26.71
CA ALA B 138 22.97 3.99 -26.26
C ALA B 138 23.12 4.76 -24.95
N ARG B 139 22.25 5.76 -24.77
CA ARG B 139 22.26 6.58 -23.57
C ARG B 139 20.91 6.77 -22.90
N PHE B 140 19.82 6.31 -23.51
CA PHE B 140 18.51 6.29 -22.88
C PHE B 140 17.72 5.10 -23.39
N ALA B 141 16.69 4.70 -22.63
CA ALA B 141 15.90 3.51 -22.95
C ALA B 141 14.42 3.84 -22.92
N LYS B 142 13.60 2.89 -23.32
CA LYS B 142 12.15 3.10 -23.36
C LYS B 142 11.46 1.80 -22.94
N TRP B 143 10.42 1.94 -22.12
CA TRP B 143 9.60 0.82 -21.63
C TRP B 143 8.16 1.27 -21.65
N ARG B 144 7.29 0.47 -22.25
CA ARG B 144 5.90 0.88 -22.48
C ARG B 144 4.96 0.02 -21.63
N ALA B 145 4.29 0.65 -20.66
CA ALA B 145 3.18 0.06 -19.94
C ALA B 145 1.86 0.54 -20.54
N VAL B 146 0.88 -0.35 -20.55
CA VAL B 146 -0.41 -0.08 -21.15
C VAL B 146 -1.51 -0.29 -20.11
N LEU B 147 -2.44 0.66 -20.04
CA LEU B 147 -3.62 0.65 -19.17
C LEU B 147 -4.85 0.98 -20.00
N LYS B 148 -5.99 0.35 -19.68
CA LYS B 148 -7.23 0.64 -20.39
C LYS B 148 -8.28 1.25 -19.47
N ILE B 149 -9.18 2.02 -20.09
CA ILE B 149 -10.24 2.71 -19.36
C ILE B 149 -11.55 1.99 -19.67
N GLY B 150 -12.15 1.42 -18.63
CA GLY B 150 -13.44 0.76 -18.78
C GLY B 150 -14.37 0.88 -17.58
N ALA B 151 -15.33 -0.03 -17.49
CA ALA B 151 -16.27 -0.05 -16.37
C ALA B 151 -15.54 -0.09 -15.02
N ASN B 152 -14.56 -0.98 -14.89
CA ASN B 152 -13.81 -1.17 -13.66
C ASN B 152 -12.31 -1.05 -13.91
N GLU B 153 -11.92 -0.31 -14.96
CA GLU B 153 -10.55 -0.31 -15.42
C GLU B 153 -10.08 1.14 -15.51
N PRO B 154 -8.80 1.42 -15.21
CA PRO B 154 -7.80 0.49 -14.67
C PRO B 154 -8.13 0.00 -13.27
N SER B 155 -7.93 -1.28 -13.03
CA SER B 155 -8.11 -1.84 -11.70
C SER B 155 -6.93 -1.46 -10.83
N GLN B 156 -7.11 -1.64 -9.52
CA GLN B 156 -6.02 -1.35 -8.59
C GLN B 156 -4.82 -2.26 -8.88
N LEU B 157 -5.09 -3.52 -9.18
CA LEU B 157 -4.03 -4.48 -9.49
C LEU B 157 -3.24 -4.04 -10.72
N ALA B 158 -3.96 -3.66 -11.79
CA ALA B 158 -3.32 -3.17 -13.00
C ALA B 158 -2.38 -2.00 -12.73
N ILE B 159 -2.86 -1.02 -11.94
CA ILE B 159 -2.11 0.19 -11.64
C ILE B 159 -0.87 -0.12 -10.80
N ASN B 160 -1.00 -0.99 -9.80
CA ASN B 160 0.19 -1.33 -9.01
C ASN B 160 1.22 -2.10 -9.84
N GLU B 161 0.78 -3.06 -10.67
CA GLU B 161 1.75 -3.85 -11.42
C GLU B 161 2.51 -2.97 -12.41
N ASN B 162 1.78 -2.14 -13.15
CA ASN B 162 2.48 -1.29 -14.10
C ASN B 162 3.35 -0.24 -13.41
N ALA B 163 2.88 0.35 -12.29
CA ALA B 163 3.69 1.37 -11.63
C ALA B 163 4.96 0.78 -11.05
N ASN B 164 4.84 -0.35 -10.38
CA ASN B 164 6.05 -0.95 -9.83
C ASN B 164 6.90 -1.61 -10.91
N GLY B 165 6.28 -2.06 -12.02
CA GLY B 165 7.08 -2.51 -13.15
C GLY B 165 7.96 -1.41 -13.72
N LEU B 166 7.36 -0.23 -13.94
CA LEU B 166 8.12 0.93 -14.45
C LEU B 166 9.22 1.36 -13.49
N ALA B 167 8.96 1.36 -12.19
CA ALA B 167 9.97 1.85 -11.25
C ALA B 167 11.15 0.90 -11.19
N ARG B 168 10.85 -0.39 -11.19
CA ARG B 168 11.86 -1.43 -11.23
C ARG B 168 12.72 -1.30 -12.49
N TYR B 169 12.10 -1.10 -13.63
CA TYR B 169 12.87 -0.90 -14.85
C TYR B 169 13.73 0.34 -14.77
N ALA B 170 13.16 1.46 -14.27
CA ALA B 170 13.88 2.73 -14.28
C ALA B 170 15.17 2.66 -13.45
N ILE B 171 15.11 2.03 -12.28
CA ILE B 171 16.30 2.04 -11.44
C ILE B 171 17.39 1.14 -11.99
N ILE B 172 17.02 0.03 -12.66
CA ILE B 172 18.01 -0.82 -13.32
C ILE B 172 18.69 -0.07 -14.46
N CYS B 173 17.91 0.65 -15.27
CA CYS B 173 18.47 1.50 -16.33
C CYS B 173 19.53 2.44 -15.77
N GLN B 174 19.17 3.17 -14.70
CA GLN B 174 20.08 4.17 -14.13
C GLN B 174 21.34 3.52 -13.59
N GLU B 175 21.23 2.33 -13.02
CA GLU B 175 22.43 1.66 -12.53
C GLU B 175 23.37 1.25 -13.66
N ASN B 176 22.86 1.09 -14.89
CA ASN B 176 23.70 0.72 -16.01
C ASN B 176 23.90 1.87 -17.00
N GLY B 177 23.55 3.09 -16.63
CA GLY B 177 23.92 4.26 -17.40
C GLY B 177 22.90 4.75 -18.40
N LEU B 178 21.70 4.15 -18.46
CA LEU B 178 20.68 4.59 -19.41
C LEU B 178 19.60 5.47 -18.72
N VAL B 179 19.28 6.60 -19.34
CA VAL B 179 18.18 7.43 -18.87
C VAL B 179 16.86 6.73 -19.22
N PRO B 180 16.07 6.32 -18.24
CA PRO B 180 14.80 5.63 -18.51
C PRO B 180 13.69 6.62 -18.89
N ILE B 181 13.08 6.42 -20.06
CA ILE B 181 11.81 7.07 -20.40
C ILE B 181 10.68 6.26 -19.74
N VAL B 182 9.94 6.92 -18.84
CA VAL B 182 8.82 6.31 -18.15
C VAL B 182 7.55 6.54 -18.98
N GLU B 183 7.01 5.46 -19.53
CA GLU B 183 5.84 5.56 -20.44
C GLU B 183 4.61 4.90 -19.84
N PRO B 184 3.73 5.67 -19.18
CA PRO B 184 2.48 5.12 -18.71
C PRO B 184 1.41 5.47 -19.76
N GLU B 185 1.10 4.54 -20.65
CA GLU B 185 0.14 4.84 -21.75
C GLU B 185 -1.27 4.39 -21.43
N ILE B 186 -2.19 5.35 -21.37
CA ILE B 186 -3.60 5.07 -21.15
C ILE B 186 -4.28 5.10 -22.51
N LEU B 187 -4.83 3.96 -22.94
CA LEU B 187 -5.40 3.87 -24.28
C LEU B 187 -6.64 4.75 -24.42
N VAL B 188 -6.79 5.37 -25.60
CA VAL B 188 -7.98 6.19 -25.86
C VAL B 188 -9.24 5.37 -26.12
N ASP B 189 -9.13 4.05 -26.36
CA ASP B 189 -10.29 3.23 -26.73
C ASP B 189 -11.42 3.44 -25.74
N GLY B 190 -12.61 3.69 -26.27
CA GLY B 190 -13.80 3.68 -25.46
C GLY B 190 -14.63 4.95 -25.61
N PRO B 191 -15.83 4.95 -25.02
CA PRO B 191 -16.74 6.09 -25.13
C PRO B 191 -16.65 7.14 -24.01
N HIS B 192 -15.71 7.04 -23.07
CA HIS B 192 -15.58 7.99 -21.98
C HIS B 192 -15.30 9.39 -22.50
N ASP B 193 -15.48 10.38 -21.64
CA ASP B 193 -15.17 11.75 -22.00
C ASP B 193 -13.83 12.21 -21.41
N ILE B 194 -13.45 13.44 -21.74
CA ILE B 194 -12.12 13.96 -21.39
C ILE B 194 -11.94 14.04 -19.87
N ASN B 195 -13.03 14.23 -19.11
CA ASN B 195 -12.90 14.32 -17.65
C ASN B 195 -12.49 12.97 -17.04
N LYS B 196 -13.07 11.86 -17.53
CA LYS B 196 -12.70 10.53 -17.05
C LYS B 196 -11.26 10.17 -17.41
N CYS B 197 -10.75 10.72 -18.52
CA CYS B 197 -9.38 10.41 -18.87
C CYS B 197 -8.41 11.30 -18.10
N ALA B 198 -8.86 12.50 -17.75
CA ALA B 198 -8.15 13.35 -16.79
C ALA B 198 -7.96 12.69 -15.42
N ASP B 199 -9.01 12.06 -14.90
CA ASP B 199 -8.91 11.40 -13.61
C ASP B 199 -8.00 10.17 -13.69
N VAL B 200 -8.22 9.31 -14.70
CA VAL B 200 -7.38 8.11 -14.80
C VAL B 200 -5.92 8.49 -14.97
N THR B 201 -5.66 9.52 -15.78
CA THR B 201 -4.28 9.95 -15.99
C THR B 201 -3.66 10.40 -14.70
N GLU B 202 -4.40 11.22 -13.93
CA GLU B 202 -3.90 11.75 -12.67
C GLU B 202 -3.65 10.65 -11.65
N ARG B 203 -4.60 9.70 -11.51
CA ARG B 203 -4.37 8.57 -10.61
C ARG B 203 -3.10 7.80 -11.02
N VAL B 204 -2.99 7.46 -12.34
CA VAL B 204 -1.89 6.62 -12.81
C VAL B 204 -0.53 7.30 -12.63
N LEU B 205 -0.43 8.57 -13.03
CA LEU B 205 0.83 9.32 -12.90
C LEU B 205 1.23 9.49 -11.43
N ALA B 206 0.26 9.72 -10.53
CA ALA B 206 0.56 9.77 -9.10
C ALA B 206 1.07 8.42 -8.59
N ALA B 207 0.44 7.31 -9.05
CA ALA B 207 0.93 5.97 -8.70
C ALA B 207 2.36 5.79 -9.13
N CYS B 208 2.74 6.33 -10.30
CA CYS B 208 4.07 6.09 -10.84
C CYS B 208 5.14 6.88 -10.11
N TYR B 209 4.87 8.15 -9.76
CA TYR B 209 5.93 8.88 -9.08
C TYR B 209 6.10 8.42 -7.63
N LYS B 210 5.05 7.88 -7.02
CA LYS B 210 5.23 7.23 -5.73
C LYS B 210 6.16 6.02 -5.85
N ALA B 211 5.87 5.10 -6.79
CA ALA B 211 6.73 3.94 -7.04
C ALA B 211 8.19 4.33 -7.34
N LEU B 212 8.39 5.32 -8.21
CA LEU B 212 9.75 5.76 -8.48
C LEU B 212 10.46 6.20 -7.21
N ASN B 213 9.75 6.92 -6.32
CA ASN B 213 10.37 7.30 -5.05
C ASN B 213 10.60 6.08 -4.16
N ASP B 214 9.63 5.14 -4.13
CA ASP B 214 9.80 3.91 -3.35
C ASP B 214 11.03 3.12 -3.79
N HIS B 215 11.33 3.12 -5.10
CA HIS B 215 12.43 2.33 -5.66
C HIS B 215 13.74 3.11 -5.76
N HIS B 216 13.78 4.34 -5.22
CA HIS B 216 14.98 5.17 -5.11
C HIS B 216 15.47 5.68 -6.47
N VAL B 217 14.55 6.02 -7.35
CA VAL B 217 14.95 6.53 -8.67
C VAL B 217 15.39 7.98 -8.56
N LEU B 218 16.44 8.34 -9.29
CA LEU B 218 16.93 9.73 -9.32
C LEU B 218 16.14 10.46 -10.40
N LEU B 219 15.12 11.22 -9.99
CA LEU B 219 14.15 11.78 -10.93
C LEU B 219 14.80 12.72 -11.94
N GLU B 220 15.88 13.41 -11.55
CA GLU B 220 16.50 14.37 -12.45
C GLU B 220 17.19 13.68 -13.62
N GLY B 221 17.34 12.37 -13.56
CA GLY B 221 17.85 11.59 -14.67
C GLY B 221 16.77 10.66 -15.22
N THR B 222 15.56 11.18 -15.43
CA THR B 222 14.45 10.40 -16.00
C THR B 222 13.68 11.26 -16.98
N LEU B 223 12.76 10.63 -17.71
CA LEU B 223 11.86 11.36 -18.59
C LEU B 223 10.49 10.72 -18.47
N LEU B 224 9.47 11.45 -18.88
CA LEU B 224 8.10 10.95 -18.85
C LEU B 224 7.51 10.99 -20.27
N LYS B 225 6.90 9.88 -20.69
CA LYS B 225 6.28 9.79 -22.02
C LYS B 225 4.80 9.44 -21.85
N PRO B 226 3.94 10.45 -21.52
CA PRO B 226 2.52 10.18 -21.30
C PRO B 226 1.64 10.45 -22.51
N ASN B 227 0.49 9.77 -22.53
CA ASN B 227 -0.63 10.16 -23.39
C ASN B 227 -1.01 11.62 -23.11
N MET B 228 -1.57 12.29 -24.10
CA MET B 228 -2.29 13.52 -23.82
C MET B 228 -3.66 13.19 -23.24
N VAL B 229 -4.26 14.16 -22.54
CA VAL B 229 -5.57 13.99 -21.92
C VAL B 229 -6.64 14.41 -22.92
N THR B 230 -7.42 13.44 -23.41
CA THR B 230 -8.34 13.55 -24.53
C THR B 230 -9.58 12.71 -24.27
N PRO B 231 -10.71 13.03 -24.91
CA PRO B 231 -11.86 12.11 -24.89
C PRO B 231 -11.51 10.74 -25.51
N GLY B 232 -12.45 9.80 -25.37
CA GLY B 232 -12.26 8.48 -25.93
C GLY B 232 -12.42 8.42 -27.46
N SER B 233 -11.86 7.37 -28.05
CA SER B 233 -12.05 7.09 -29.48
C SER B 233 -13.51 7.23 -29.91
N ASP B 234 -14.44 6.75 -29.09
CA ASP B 234 -15.87 6.70 -29.42
C ASP B 234 -16.67 7.90 -28.89
N ALA B 235 -16.03 8.94 -28.35
CA ALA B 235 -16.72 10.13 -27.83
C ALA B 235 -16.44 11.27 -28.81
N LYS B 236 -17.18 12.37 -28.74
CA LYS B 236 -16.94 13.50 -29.66
C LYS B 236 -15.65 14.25 -29.27
N LYS B 237 -14.79 14.57 -30.26
CA LYS B 237 -13.60 15.32 -30.00
C LYS B 237 -13.93 16.67 -29.41
N VAL B 238 -12.90 17.26 -28.81
CA VAL B 238 -13.01 18.60 -28.26
C VAL B 238 -11.92 19.45 -28.88
N ALA B 239 -12.06 20.75 -28.70
CA ALA B 239 -11.14 21.69 -29.31
C ALA B 239 -9.72 21.40 -28.83
N PRO B 240 -8.72 21.65 -29.68
CA PRO B 240 -7.34 21.46 -29.25
C PRO B 240 -6.96 22.27 -28.02
N GLU B 241 -7.56 23.44 -27.81
CA GLU B 241 -7.22 24.22 -26.61
C GLU B 241 -7.65 23.50 -25.36
N VAL B 242 -8.79 22.82 -25.39
CA VAL B 242 -9.28 22.11 -24.23
C VAL B 242 -8.34 20.96 -23.87
N VAL B 243 -7.98 20.14 -24.86
CA VAL B 243 -6.99 19.07 -24.65
C VAL B 243 -5.73 19.63 -23.99
N ALA B 244 -5.24 20.78 -24.45
CA ALA B 244 -4.03 21.34 -23.88
C ALA B 244 -4.22 21.65 -22.39
N GLU B 245 -5.32 22.32 -22.02
CA GLU B 245 -5.53 22.72 -20.61
C GLU B 245 -5.66 21.50 -19.70
N TYR B 246 -6.49 20.53 -20.09
CA TYR B 246 -6.61 19.32 -19.30
C TYR B 246 -5.29 18.59 -19.17
N THR B 247 -4.49 18.55 -20.26
CA THR B 247 -3.23 17.81 -20.23
C THR B 247 -2.20 18.51 -19.33
N VAL B 248 -2.00 19.80 -19.51
CA VAL B 248 -1.04 20.51 -18.66
C VAL B 248 -1.49 20.50 -17.19
N ARG B 249 -2.81 20.47 -16.93
CA ARG B 249 -3.29 20.43 -15.55
C ARG B 249 -2.96 19.11 -14.88
N ALA B 250 -3.25 17.99 -15.55
CA ALA B 250 -2.85 16.69 -15.03
C ALA B 250 -1.36 16.67 -14.71
N LEU B 251 -0.54 17.30 -15.56
CA LEU B 251 0.91 17.30 -15.35
C LEU B 251 1.29 18.11 -14.12
N GLN B 252 0.74 19.32 -13.99
CA GLN B 252 0.92 20.17 -12.82
C GLN B 252 0.63 19.47 -11.49
N ARG B 253 -0.33 18.55 -11.49
CA ARG B 253 -0.85 17.95 -10.26
C ARG B 253 -0.10 16.70 -9.81
N THR B 254 0.85 16.22 -10.61
CA THR B 254 1.41 14.88 -10.45
C THR B 254 2.91 14.79 -10.68
N MET B 255 3.49 15.63 -11.53
CA MET B 255 4.85 15.43 -11.98
C MET B 255 5.79 16.34 -11.21
N PRO B 256 6.77 15.84 -10.47
CA PRO B 256 7.70 16.73 -9.74
C PRO B 256 8.50 17.59 -10.70
N PRO B 257 8.79 18.84 -10.34
CA PRO B 257 9.61 19.67 -11.25
C PRO B 257 11.02 19.15 -11.48
N ALA B 258 11.49 18.22 -10.67
CA ALA B 258 12.84 17.70 -10.87
C ALA B 258 12.99 16.98 -12.21
N VAL B 259 11.91 16.34 -12.69
CA VAL B 259 11.89 15.67 -13.98
C VAL B 259 12.00 16.72 -15.08
N PRO B 260 13.03 16.65 -15.95
CA PRO B 260 13.32 17.78 -16.85
C PRO B 260 12.39 17.92 -18.04
N ALA B 261 11.73 16.84 -18.49
CA ALA B 261 11.01 16.97 -19.75
C ALA B 261 9.91 15.92 -19.88
N VAL B 262 8.85 16.32 -20.58
CA VAL B 262 7.77 15.46 -21.06
C VAL B 262 7.95 15.30 -22.56
N VAL B 263 7.91 14.06 -23.04
CA VAL B 263 8.04 13.77 -24.48
C VAL B 263 6.78 13.02 -24.89
N PHE B 264 5.79 13.76 -25.39
CA PHE B 264 4.45 13.20 -25.57
C PHE B 264 4.39 12.12 -26.63
N LEU B 265 3.53 11.13 -26.40
CA LEU B 265 3.13 10.20 -27.43
C LEU B 265 1.84 10.72 -28.07
N SER B 266 1.65 10.40 -29.33
CA SER B 266 0.53 10.97 -30.07
C SER B 266 -0.66 10.00 -30.19
N GLY B 267 -0.47 8.74 -29.83
CA GLY B 267 -1.48 7.74 -30.11
C GLY B 267 -1.82 7.71 -31.60
N GLY B 268 -3.13 7.68 -31.88
CA GLY B 268 -3.60 7.60 -33.24
C GLY B 268 -3.97 8.94 -33.84
N GLN B 269 -3.48 10.02 -33.26
CA GLN B 269 -3.79 11.34 -33.77
C GLN B 269 -3.11 11.54 -35.13
N SER B 270 -3.78 12.29 -35.99
CA SER B 270 -3.21 12.71 -37.27
C SER B 270 -1.93 13.54 -37.05
N GLU B 271 -1.12 13.62 -38.11
CA GLU B 271 0.16 14.32 -38.00
C GLU B 271 -0.04 15.76 -37.56
N GLU B 272 -1.08 16.41 -38.06
CA GLU B 272 -1.33 17.81 -37.75
C GLU B 272 -1.92 17.97 -36.35
N GLU B 273 -2.89 17.12 -35.98
CA GLU B 273 -3.47 17.16 -34.64
C GLU B 273 -2.40 17.12 -33.56
N ALA B 274 -1.45 16.20 -33.69
CA ALA B 274 -0.38 16.10 -32.69
C ALA B 274 0.42 17.40 -32.62
N THR B 275 0.81 17.95 -33.78
CA THR B 275 1.62 19.17 -33.79
C THR B 275 0.83 20.34 -33.22
N VAL B 276 -0.45 20.44 -33.58
CA VAL B 276 -1.31 21.49 -33.05
C VAL B 276 -1.45 21.39 -31.52
N HIS B 277 -1.80 20.19 -31.03
CA HIS B 277 -1.95 19.99 -29.60
C HIS B 277 -0.68 20.37 -28.85
N LEU B 278 0.48 19.95 -29.36
CA LEU B 278 1.73 20.28 -28.70
C LEU B 278 1.99 21.77 -28.69
N ASN B 279 1.61 22.48 -29.76
CA ASN B 279 1.80 23.92 -29.78
C ASN B 279 0.87 24.58 -28.76
N ALA B 280 -0.40 24.22 -28.77
CA ALA B 280 -1.36 24.82 -27.85
C ALA B 280 -0.91 24.68 -26.40
N MET B 281 -0.19 23.60 -26.07
CA MET B 281 0.23 23.42 -24.69
C MET B 281 1.35 24.37 -24.31
N ASN B 282 2.32 24.58 -25.21
CA ASN B 282 3.41 25.49 -24.92
C ASN B 282 2.99 26.96 -25.04
N LYS B 283 1.79 27.21 -25.55
CA LYS B 283 1.21 28.54 -25.58
C LYS B 283 0.49 28.91 -24.29
N LEU B 284 0.04 27.91 -23.52
CA LEU B 284 -0.71 28.15 -22.30
C LEU B 284 0.12 28.95 -21.31
N GLN B 285 -0.49 29.98 -20.75
CA GLN B 285 0.04 30.61 -19.55
C GLN B 285 -0.20 29.69 -18.37
N GLY B 286 0.79 29.57 -17.51
CA GLY B 286 0.70 28.69 -16.36
C GLY B 286 2.06 28.11 -16.04
N LYS B 287 2.10 27.40 -14.91
CA LYS B 287 3.37 26.85 -14.48
C LYS B 287 3.68 25.60 -15.28
N LYS B 288 4.82 25.63 -15.98
CA LYS B 288 5.32 24.51 -16.78
C LYS B 288 6.81 24.38 -16.51
N PRO B 289 7.19 23.78 -15.38
CA PRO B 289 8.61 23.71 -14.98
C PRO B 289 9.39 22.59 -15.63
N TRP B 290 8.96 22.16 -16.81
CA TRP B 290 9.54 21.04 -17.55
C TRP B 290 9.31 21.31 -19.02
N THR B 291 10.25 20.85 -19.86
CA THR B 291 10.04 21.02 -21.29
C THR B 291 8.87 20.17 -21.75
N LEU B 292 8.05 20.73 -22.63
CA LEU B 292 6.94 20.01 -23.26
C LEU B 292 7.29 19.81 -24.73
N THR B 293 7.83 18.61 -25.05
CA THR B 293 8.28 18.27 -26.39
C THR B 293 7.71 16.92 -26.85
N PHE B 294 8.19 16.39 -27.97
CA PHE B 294 7.54 15.25 -28.61
C PHE B 294 8.43 14.01 -28.57
N SER B 295 7.77 12.85 -28.59
CA SER B 295 8.45 11.62 -29.01
C SER B 295 7.52 10.99 -30.04
N PHE B 296 7.69 11.40 -31.30
CA PHE B 296 6.75 10.95 -32.32
C PHE B 296 7.40 9.91 -33.22
N GLY B 297 6.62 8.86 -33.51
CA GLY B 297 6.91 7.81 -34.47
C GLY B 297 6.02 7.92 -35.69
N ARG B 298 4.84 7.29 -35.65
CA ARG B 298 3.86 7.50 -36.72
C ARG B 298 3.63 8.99 -37.02
N ALA B 299 3.67 9.86 -35.99
CA ALA B 299 3.25 11.25 -36.16
C ALA B 299 4.29 12.14 -36.83
N LEU B 300 5.51 11.61 -37.02
CA LEU B 300 6.57 12.23 -37.81
C LEU B 300 6.75 11.59 -39.18
N GLN B 301 6.40 10.30 -39.35
CA GLN B 301 6.87 9.50 -40.48
C GLN B 301 5.83 9.22 -41.54
N GLN B 302 4.54 9.21 -41.20
CA GLN B 302 3.55 8.63 -42.10
C GLN B 302 3.55 9.30 -43.48
N SER B 303 3.64 10.62 -43.51
CA SER B 303 3.62 11.33 -44.79
C SER B 303 4.90 11.10 -45.58
N THR B 304 6.02 11.00 -44.86
CA THR B 304 7.29 10.67 -45.48
C THR B 304 7.22 9.29 -46.12
N LEU B 305 6.67 8.31 -45.40
CA LEU B 305 6.56 6.96 -45.93
C LEU B 305 5.74 6.92 -47.21
N LYS B 306 4.67 7.71 -47.27
CA LYS B 306 3.83 7.73 -48.46
C LYS B 306 4.56 8.34 -49.65
N ALA B 307 5.31 9.43 -49.43
CA ALA B 307 6.05 10.06 -50.52
C ALA B 307 7.14 9.13 -51.03
N TRP B 308 7.81 8.43 -50.13
CA TRP B 308 8.86 7.49 -50.50
C TRP B 308 8.28 6.36 -51.35
N ALA B 309 7.23 5.71 -50.86
CA ALA B 309 6.63 4.55 -51.52
C ALA B 309 7.69 3.53 -51.92
N GLY B 310 8.72 3.39 -51.08
CA GLY B 310 9.75 2.39 -51.30
C GLY B 310 10.54 2.58 -52.58
N LYS B 311 10.69 3.82 -53.06
CA LYS B 311 11.44 4.06 -54.29
C LYS B 311 12.62 4.97 -54.03
N GLU B 312 13.67 4.79 -54.83
CA GLU B 312 14.91 5.53 -54.60
C GLU B 312 14.84 6.87 -55.27
N GLU B 313 13.99 6.96 -56.30
CA GLU B 313 13.75 8.20 -56.98
C GLU B 313 13.12 9.18 -56.03
N ASN B 314 12.27 8.67 -55.13
CA ASN B 314 11.44 9.50 -54.27
C ASN B 314 12.12 9.92 -52.98
N VAL B 315 13.35 9.46 -52.73
CA VAL B 315 14.09 9.84 -51.52
C VAL B 315 14.12 11.35 -51.35
N GLN B 316 14.32 12.09 -52.45
CA GLN B 316 14.52 13.52 -52.33
C GLN B 316 13.25 14.23 -51.85
N LYS B 317 12.08 13.81 -52.36
CA LYS B 317 10.85 14.49 -51.99
C LYS B 317 10.33 14.04 -50.63
N ALA B 318 10.61 12.78 -50.26
CA ALA B 318 10.24 12.30 -48.94
C ALA B 318 11.08 12.97 -47.86
N GLN B 319 12.38 13.15 -48.12
CA GLN B 319 13.24 13.78 -47.12
C GLN B 319 12.82 15.22 -46.88
N GLU B 320 12.40 15.95 -47.93
CA GLU B 320 11.90 17.30 -47.70
C GLU B 320 10.64 17.27 -46.85
N VAL B 321 9.77 16.29 -47.07
CA VAL B 321 8.53 16.20 -46.30
C VAL B 321 8.85 15.93 -44.84
N PHE B 322 9.81 15.04 -44.58
CA PHE B 322 10.25 14.77 -43.22
C PHE B 322 10.93 15.99 -42.59
N LEU B 323 11.70 16.76 -43.38
CA LEU B 323 12.37 17.93 -42.81
C LEU B 323 11.37 18.99 -42.38
N ILE B 324 10.28 19.13 -43.14
CA ILE B 324 9.24 20.08 -42.81
C ILE B 324 8.51 19.65 -41.52
N ARG B 325 8.19 18.35 -41.40
CA ARG B 325 7.55 17.87 -40.18
C ARG B 325 8.46 18.05 -38.97
N CYS B 326 9.78 17.97 -39.17
CA CYS B 326 10.68 18.17 -38.03
C CYS B 326 10.69 19.64 -37.62
N LYS B 327 10.57 20.55 -38.58
CA LYS B 327 10.56 21.98 -38.24
C LYS B 327 9.25 22.36 -37.59
N ALA B 328 8.14 21.83 -38.11
CA ALA B 328 6.83 22.14 -37.56
C ALA B 328 6.75 21.77 -36.08
N ASN B 329 7.15 20.55 -35.75
CA ASN B 329 7.10 20.11 -34.36
C ASN B 329 8.12 20.85 -33.50
N SER B 330 9.28 21.18 -34.05
CA SER B 330 10.26 21.94 -33.27
C SER B 330 9.73 23.34 -32.98
N GLU B 331 8.99 23.92 -33.92
CA GLU B 331 8.28 25.16 -33.65
C GLU B 331 7.15 24.96 -32.63
N ALA B 332 6.50 23.79 -32.65
CA ALA B 332 5.43 23.55 -31.70
C ALA B 332 5.95 23.49 -30.27
N THR B 333 7.14 22.92 -30.07
CA THR B 333 7.75 22.93 -28.74
C THR B 333 8.03 24.35 -28.24
N LEU B 334 7.97 25.35 -29.11
CA LEU B 334 8.28 26.73 -28.75
C LEU B 334 7.08 27.66 -28.76
N GLY B 335 5.88 27.16 -29.07
CA GLY B 335 4.72 28.02 -29.16
C GLY B 335 4.66 28.85 -30.43
N LYS B 336 5.44 28.48 -31.45
CA LYS B 336 5.64 29.31 -32.64
C LYS B 336 5.14 28.64 -33.92
N TYR B 337 4.43 27.51 -33.82
CA TYR B 337 3.82 26.89 -34.99
C TYR B 337 2.52 27.60 -35.37
N THR B 338 2.29 27.77 -36.68
CA THR B 338 1.17 28.56 -37.18
C THR B 338 0.38 27.87 -38.30
N GLY B 339 0.42 26.55 -38.39
CA GLY B 339 -0.53 25.85 -39.25
C GLY B 339 0.11 25.41 -40.56
N MET C 1 -13.25 -10.00 -9.83
CA MET C 1 -12.37 -10.23 -8.68
C MET C 1 -12.69 -11.49 -7.88
N SER C 2 -13.13 -12.61 -8.48
CA SER C 2 -13.01 -13.79 -7.64
C SER C 2 -11.60 -14.40 -7.84
N CYS C 3 -11.29 -15.34 -6.96
CA CYS C 3 -10.09 -16.14 -7.08
C CYS C 3 -10.24 -17.18 -8.22
N TYR C 4 -9.11 -17.81 -8.55
CA TYR C 4 -9.00 -18.68 -9.72
C TYR C 4 -10.13 -19.73 -9.78
N MET C 5 -10.95 -19.66 -10.83
CA MET C 5 -12.05 -20.59 -11.05
C MET C 5 -11.94 -21.28 -12.40
N GLY C 6 -10.72 -21.43 -12.91
CA GLY C 6 -10.47 -21.99 -14.21
C GLY C 6 -10.55 -23.52 -14.27
N LYS C 7 -10.13 -24.06 -15.43
CA LYS C 7 -10.32 -25.47 -15.71
C LYS C 7 -9.48 -26.35 -14.80
N TYR C 8 -8.37 -25.84 -14.27
CA TYR C 8 -7.50 -26.67 -13.45
C TYR C 8 -7.87 -26.66 -11.98
N ALA C 9 -8.96 -25.98 -11.60
CA ALA C 9 -9.25 -25.74 -10.18
C ALA C 9 -9.34 -27.04 -9.40
N ASP C 10 -10.21 -27.95 -9.82
CA ASP C 10 -10.39 -29.20 -9.08
C ASP C 10 -9.10 -30.01 -8.98
N GLU C 11 -8.32 -30.09 -10.06
CA GLU C 11 -7.09 -30.88 -10.00
C GLU C 11 -6.05 -30.24 -9.06
N LEU C 12 -5.91 -28.91 -9.13
CA LEU C 12 -5.03 -28.19 -8.20
C LEU C 12 -5.38 -28.47 -6.73
N ILE C 13 -6.68 -28.51 -6.42
CA ILE C 13 -7.13 -28.73 -5.05
C ILE C 13 -6.78 -30.14 -4.58
N ALA C 14 -7.11 -31.16 -5.41
CA ALA C 14 -6.80 -32.55 -5.09
C ALA C 14 -5.30 -32.78 -4.99
N ASN C 15 -4.53 -32.18 -5.90
CA ASN C 15 -3.10 -32.44 -5.90
C ASN C 15 -2.41 -31.76 -4.72
N ALA C 16 -2.84 -30.51 -4.40
CA ALA C 16 -2.34 -29.82 -3.21
C ALA C 16 -2.62 -30.61 -1.94
N ALA C 17 -3.87 -31.07 -1.76
CA ALA C 17 -4.21 -31.89 -0.60
C ALA C 17 -3.37 -33.16 -0.55
N TYR C 18 -3.21 -33.82 -1.72
CA TYR C 18 -2.49 -35.08 -1.73
C TYR C 18 -1.07 -34.91 -1.21
N ILE C 19 -0.42 -33.79 -1.56
CA ILE C 19 0.91 -33.53 -1.03
C ILE C 19 0.90 -33.59 0.49
N GLY C 20 -0.22 -33.26 1.10
CA GLY C 20 -0.28 -33.34 2.53
C GLY C 20 -0.83 -34.63 3.12
N THR C 21 -1.04 -35.71 2.34
CA THR C 21 -1.28 -37.03 2.94
C THR C 21 -0.33 -37.33 4.08
N PRO C 22 -0.82 -37.77 5.24
CA PRO C 22 0.02 -37.95 6.42
C PRO C 22 1.09 -39.02 6.22
N GLY C 23 2.24 -38.78 6.81
CA GLY C 23 3.36 -39.67 6.66
C GLY C 23 4.20 -39.42 5.44
N LYS C 24 3.79 -38.53 4.55
CA LYS C 24 4.54 -38.26 3.34
C LYS C 24 5.02 -36.81 3.31
N GLY C 25 6.18 -36.59 2.68
CA GLY C 25 6.67 -35.24 2.39
C GLY C 25 7.29 -35.12 1.00
N ILE C 26 8.14 -34.10 0.80
CA ILE C 26 8.64 -33.77 -0.54
C ILE C 26 10.16 -33.84 -0.55
N LEU C 27 10.70 -34.56 -1.56
CA LEU C 27 12.13 -34.55 -1.83
C LEU C 27 12.45 -33.42 -2.81
N ALA C 28 13.30 -32.49 -2.40
CA ALA C 28 13.77 -31.44 -3.29
C ALA C 28 15.08 -31.91 -3.92
N ALA C 29 14.99 -32.40 -5.16
CA ALA C 29 16.16 -32.87 -5.93
C ALA C 29 16.33 -31.98 -7.17
N ASP C 30 16.09 -30.68 -6.96
CA ASP C 30 15.98 -29.67 -8.00
C ASP C 30 17.20 -28.74 -8.07
N GLU C 31 18.35 -29.16 -7.53
CA GLU C 31 19.56 -28.39 -7.74
C GLU C 31 19.84 -28.21 -9.23
N SER C 32 20.23 -27.01 -9.62
CA SER C 32 20.68 -26.70 -10.97
C SER C 32 22.01 -27.39 -11.28
N THR C 33 22.45 -27.25 -12.54
CA THR C 33 23.79 -27.73 -12.89
C THR C 33 24.88 -27.03 -12.10
N GLY C 34 24.81 -25.70 -11.99
CA GLY C 34 25.78 -24.99 -11.17
C GLY C 34 25.80 -25.49 -9.73
N THR C 35 24.62 -25.67 -9.14
CA THR C 35 24.52 -26.08 -7.75
C THR C 35 25.06 -27.50 -7.54
N ILE C 36 24.57 -28.47 -8.32
CA ILE C 36 25.02 -29.84 -8.17
C ILE C 36 26.52 -29.98 -8.47
N GLY C 37 27.10 -29.04 -9.21
CA GLY C 37 28.53 -29.07 -9.40
C GLY C 37 29.33 -28.84 -8.13
N LYS C 38 28.80 -28.10 -7.15
CA LYS C 38 29.71 -28.00 -6.03
C LYS C 38 29.41 -29.06 -5.00
N ARG C 39 28.25 -29.70 -5.09
CA ARG C 39 28.09 -30.94 -4.33
C ARG C 39 29.02 -32.03 -4.88
N PHE C 40 29.11 -32.13 -6.21
CA PHE C 40 29.98 -33.15 -6.82
C PHE C 40 31.46 -32.85 -6.59
N ASP C 41 31.82 -31.56 -6.49
CA ASP C 41 33.21 -31.18 -6.27
C ASP C 41 33.69 -31.56 -4.88
N SER C 42 32.76 -31.72 -3.94
CA SER C 42 33.10 -32.12 -2.58
C SER C 42 33.40 -33.62 -2.47
N ILE C 43 32.78 -34.45 -3.31
CA ILE C 43 33.09 -35.86 -3.38
C ILE C 43 33.99 -36.19 -4.59
N LYS C 44 34.66 -35.19 -5.19
CA LYS C 44 35.59 -35.40 -6.30
C LYS C 44 34.95 -36.27 -7.40
N VAL C 45 33.80 -35.78 -7.91
CA VAL C 45 32.96 -36.44 -8.93
C VAL C 45 32.78 -35.50 -10.13
N GLU C 46 32.80 -36.03 -11.36
CA GLU C 46 32.76 -35.14 -12.52
C GLU C 46 31.34 -34.60 -12.65
N ASN C 47 31.23 -33.33 -13.03
CA ASN C 47 29.89 -32.78 -13.24
C ASN C 47 29.53 -32.89 -14.73
N VAL C 48 29.05 -34.07 -15.13
CA VAL C 48 28.62 -34.36 -16.50
C VAL C 48 27.22 -34.96 -16.40
N GLU C 49 26.43 -34.86 -17.48
CA GLU C 49 25.02 -35.26 -17.38
C GLU C 49 24.88 -36.68 -16.83
N SER C 50 25.81 -37.58 -17.18
CA SER C 50 25.66 -38.99 -16.82
C SER C 50 25.77 -39.19 -15.31
N ASN C 51 26.55 -38.35 -14.64
CA ASN C 51 26.64 -38.43 -13.19
C ASN C 51 25.46 -37.77 -12.50
N ARG C 52 24.92 -36.70 -13.09
CA ARG C 52 23.70 -36.10 -12.54
C ARG C 52 22.55 -37.08 -12.64
N ARG C 53 22.42 -37.72 -13.82
CA ARG C 53 21.35 -38.71 -14.04
C ARG C 53 21.50 -39.92 -13.12
N ALA C 54 22.73 -40.32 -12.84
CA ALA C 54 22.97 -41.48 -11.97
C ALA C 54 22.60 -41.17 -10.53
N LEU C 55 22.99 -39.98 -10.03
CA LEU C 55 22.59 -39.55 -8.68
C LEU C 55 21.07 -39.56 -8.53
N ARG C 56 20.35 -39.07 -9.54
CA ARG C 56 18.90 -38.94 -9.38
C ARG C 56 18.21 -40.29 -9.50
N GLU C 57 18.69 -41.16 -10.39
CA GLU C 57 18.19 -42.54 -10.45
C GLU C 57 18.49 -43.31 -9.16
N LEU C 58 19.67 -43.10 -8.56
CA LEU C 58 19.96 -43.74 -7.28
C LEU C 58 18.92 -43.34 -6.24
N LEU C 59 18.62 -42.04 -6.15
CA LEU C 59 17.60 -41.60 -5.21
C LEU C 59 16.23 -42.16 -5.58
N PHE C 60 15.73 -41.82 -6.78
CA PHE C 60 14.34 -42.11 -7.10
C PHE C 60 14.02 -43.59 -7.07
N CYS C 61 15.04 -44.45 -7.23
CA CYS C 61 14.89 -45.91 -7.34
C CYS C 61 15.43 -46.64 -6.12
N THR C 62 15.57 -45.96 -5.00
CA THR C 62 15.76 -46.61 -3.70
C THR C 62 14.52 -47.42 -3.37
N PRO C 63 14.65 -48.75 -3.15
CA PRO C 63 13.50 -49.61 -2.80
C PRO C 63 12.70 -49.13 -1.60
N GLY C 64 11.44 -48.76 -1.82
CA GLY C 64 10.54 -48.39 -0.74
C GLY C 64 10.51 -46.90 -0.41
N ALA C 65 11.46 -46.11 -0.92
CA ALA C 65 11.56 -44.71 -0.53
C ALA C 65 10.34 -43.89 -0.96
N LEU C 66 9.67 -44.29 -2.03
CA LEU C 66 8.53 -43.54 -2.54
C LEU C 66 7.23 -43.82 -1.80
N ASP C 67 7.25 -44.71 -0.79
CA ASP C 67 6.13 -44.83 0.14
C ASP C 67 6.01 -43.60 1.02
N TYR C 68 7.12 -42.91 1.23
CA TYR C 68 7.27 -41.82 2.17
C TYR C 68 7.26 -40.46 1.52
N LEU C 69 7.06 -40.39 0.20
CA LEU C 69 7.20 -39.16 -0.55
C LEU C 69 5.90 -38.92 -1.32
N SER C 70 5.36 -37.70 -1.19
CA SER C 70 4.19 -37.30 -1.98
C SER C 70 4.58 -36.58 -3.25
N GLY C 71 5.76 -35.95 -3.29
CA GLY C 71 6.20 -35.24 -4.46
C GLY C 71 7.71 -35.15 -4.50
N ILE C 72 8.23 -34.90 -5.72
CA ILE C 72 9.67 -34.68 -5.91
C ILE C 72 9.89 -33.48 -6.84
N ILE C 73 10.69 -32.53 -6.36
CA ILE C 73 11.00 -31.30 -7.08
C ILE C 73 12.22 -31.56 -7.96
N LEU C 74 12.07 -31.28 -9.25
CA LEU C 74 13.10 -31.56 -10.25
C LEU C 74 13.62 -30.28 -10.91
N PHE C 75 14.87 -30.33 -11.35
CA PHE C 75 15.38 -29.35 -12.30
C PHE C 75 14.92 -29.74 -13.71
N GLU C 76 14.87 -28.76 -14.61
CA GLU C 76 14.29 -28.98 -15.94
C GLU C 76 15.01 -30.13 -16.69
N GLU C 77 16.34 -30.19 -16.60
CA GLU C 77 17.06 -31.32 -17.18
C GLU C 77 16.49 -32.65 -16.70
N THR C 78 16.35 -32.83 -15.37
CA THR C 78 15.96 -34.15 -14.83
C THR C 78 14.54 -34.52 -15.22
N LEU C 79 13.69 -33.51 -15.45
CA LEU C 79 12.29 -33.78 -15.77
C LEU C 79 12.13 -34.65 -17.01
N TYR C 80 13.14 -34.63 -17.90
CA TYR C 80 13.07 -35.33 -19.18
C TYR C 80 14.01 -36.52 -19.22
N GLN C 81 14.72 -36.81 -18.13
CA GLN C 81 15.72 -37.86 -18.09
C GLN C 81 15.08 -39.23 -17.79
N LYS C 82 15.84 -40.31 -18.07
CA LYS C 82 15.38 -41.68 -17.92
C LYS C 82 16.31 -42.48 -17.00
N THR C 83 15.75 -43.55 -16.44
CA THR C 83 16.57 -44.58 -15.80
C THR C 83 17.50 -45.20 -16.84
N ALA C 84 18.59 -45.80 -16.35
CA ALA C 84 19.49 -46.55 -17.23
C ALA C 84 18.72 -47.50 -18.15
N SER C 85 17.67 -48.15 -17.64
CA SER C 85 16.88 -49.12 -18.39
C SER C 85 15.82 -48.46 -19.29
N GLY C 86 15.82 -47.14 -19.43
CA GLY C 86 14.96 -46.49 -20.41
C GLY C 86 13.64 -45.99 -19.88
N LYS C 87 13.43 -46.01 -18.57
CA LYS C 87 12.16 -45.56 -17.99
C LYS C 87 12.24 -44.07 -17.67
N PRO C 88 11.34 -43.24 -18.19
CA PRO C 88 11.31 -41.83 -17.78
C PRO C 88 11.11 -41.70 -16.27
N PHE C 89 11.90 -40.81 -15.66
CA PHE C 89 11.78 -40.55 -14.23
C PHE C 89 10.34 -40.20 -13.82
N VAL C 90 9.61 -39.46 -14.67
CA VAL C 90 8.23 -39.12 -14.31
C VAL C 90 7.36 -40.37 -14.29
N ASP C 91 7.70 -41.37 -15.12
CA ASP C 91 6.98 -42.64 -15.12
C ASP C 91 7.22 -43.39 -13.82
N VAL C 92 8.47 -43.42 -13.36
CA VAL C 92 8.79 -44.02 -12.06
C VAL C 92 7.88 -43.44 -10.97
N MET C 93 7.78 -42.11 -10.92
CA MET C 93 6.98 -41.46 -9.90
C MET C 93 5.51 -41.75 -10.09
N LYS C 94 5.00 -41.52 -11.30
CA LYS C 94 3.55 -41.68 -11.50
C LYS C 94 3.09 -43.08 -11.11
N GLU C 95 3.95 -44.10 -11.30
CA GLU C 95 3.59 -45.45 -10.91
C GLU C 95 3.50 -45.63 -9.41
N ALA C 96 4.25 -44.83 -8.64
CA ALA C 96 4.23 -44.91 -7.18
C ALA C 96 3.36 -43.82 -6.56
N ASN C 97 2.42 -43.26 -7.33
CA ASN C 97 1.62 -42.09 -6.95
C ASN C 97 2.43 -41.06 -6.18
N VAL C 98 3.51 -40.65 -6.82
CA VAL C 98 4.30 -39.49 -6.45
C VAL C 98 4.04 -38.45 -7.53
N LEU C 99 3.90 -37.17 -7.10
CA LEU C 99 3.71 -36.07 -8.05
C LEU C 99 5.08 -35.49 -8.42
N PRO C 100 5.43 -35.37 -9.71
CA PRO C 100 6.67 -34.67 -10.06
C PRO C 100 6.43 -33.17 -10.00
N GLY C 101 7.45 -32.44 -9.51
CA GLY C 101 7.41 -30.98 -9.49
C GLY C 101 8.62 -30.35 -10.15
N ILE C 102 8.48 -29.07 -10.51
CA ILE C 102 9.48 -28.38 -11.33
C ILE C 102 9.82 -27.00 -10.74
N LYS C 103 11.11 -26.72 -10.58
CA LYS C 103 11.56 -25.38 -10.21
C LYS C 103 11.45 -24.42 -11.39
N VAL C 104 10.83 -23.26 -11.19
CA VAL C 104 10.55 -22.33 -12.27
C VAL C 104 11.18 -20.95 -12.09
N ASP C 105 11.80 -20.65 -10.95
CA ASP C 105 12.43 -19.35 -10.79
C ASP C 105 13.81 -19.37 -11.42
N LYS C 106 14.38 -18.18 -11.63
CA LYS C 106 15.70 -18.04 -12.26
C LYS C 106 16.71 -17.33 -11.37
N GLY C 107 16.73 -17.67 -10.08
CA GLY C 107 17.70 -17.10 -9.14
C GLY C 107 17.39 -15.65 -8.75
N THR C 108 18.31 -15.10 -7.96
CA THR C 108 18.12 -13.80 -7.32
C THR C 108 19.07 -12.78 -7.93
N VAL C 109 18.67 -11.51 -7.80
CA VAL C 109 19.54 -10.39 -8.12
C VAL C 109 19.35 -9.32 -7.05
N GLU C 110 20.39 -8.53 -6.83
CA GLU C 110 20.31 -7.51 -5.79
C GLU C 110 19.30 -6.45 -6.19
N LEU C 111 18.59 -5.92 -5.17
CA LEU C 111 17.69 -4.79 -5.30
C LEU C 111 18.51 -3.50 -5.19
N ALA C 112 18.45 -2.67 -6.23
CA ALA C 112 19.16 -1.40 -6.23
C ALA C 112 18.75 -0.55 -5.05
N GLY C 113 19.74 -0.03 -4.32
CA GLY C 113 19.50 0.91 -3.26
C GLY C 113 19.33 0.31 -1.89
N THR C 114 19.37 -1.02 -1.77
CA THR C 114 19.28 -1.72 -0.49
C THR C 114 20.66 -2.19 -0.02
N ASN C 115 20.67 -2.82 1.15
CA ASN C 115 21.92 -3.28 1.74
C ASN C 115 22.01 -4.80 1.54
N GLY C 116 22.28 -5.16 0.29
CA GLY C 116 22.47 -6.55 -0.09
C GLY C 116 21.21 -7.39 -0.11
N GLU C 117 20.07 -6.81 -0.47
CA GLU C 117 18.82 -7.54 -0.48
C GLU C 117 18.49 -7.98 -1.89
N THR C 118 17.65 -8.99 -1.99
CA THR C 118 17.40 -9.64 -3.26
C THR C 118 15.94 -9.55 -3.65
N THR C 119 15.73 -9.60 -4.96
CA THR C 119 14.49 -9.97 -5.59
C THR C 119 14.77 -11.22 -6.40
N THR C 120 13.71 -11.91 -6.88
CA THR C 120 13.86 -13.17 -7.60
C THR C 120 13.40 -13.01 -9.05
N GLN C 121 14.19 -13.52 -10.00
CA GLN C 121 13.90 -13.43 -11.43
C GLN C 121 13.12 -14.63 -11.96
N GLY C 122 12.32 -14.39 -12.99
CA GLY C 122 11.68 -15.51 -13.66
C GLY C 122 10.34 -15.31 -14.35
N LEU C 123 9.67 -14.20 -14.14
CA LEU C 123 8.29 -14.07 -14.60
C LEU C 123 8.21 -14.01 -16.13
N ASP C 124 9.27 -13.55 -16.79
CA ASP C 124 9.25 -13.43 -18.25
C ASP C 124 9.14 -14.83 -18.89
N GLY C 125 8.05 -15.05 -19.62
CA GLY C 125 7.73 -16.29 -20.28
C GLY C 125 7.31 -17.43 -19.38
N LEU C 126 7.05 -17.15 -18.10
CA LEU C 126 6.72 -18.19 -17.13
C LEU C 126 5.51 -19.03 -17.53
N GLY C 127 4.46 -18.40 -18.08
CA GLY C 127 3.26 -19.15 -18.43
C GLY C 127 3.51 -20.23 -19.46
N ALA C 128 4.24 -19.88 -20.52
CA ALA C 128 4.58 -20.87 -21.55
C ALA C 128 5.43 -21.98 -20.97
N ARG C 129 6.46 -21.62 -20.20
CA ARG C 129 7.30 -22.64 -19.59
C ARG C 129 6.46 -23.57 -18.72
N CYS C 130 5.46 -23.03 -18.02
CA CYS C 130 4.63 -23.86 -17.13
C CYS C 130 3.73 -24.79 -17.90
N ALA C 131 3.13 -24.28 -18.96
CA ALA C 131 2.32 -25.12 -19.83
C ALA C 131 3.13 -26.25 -20.43
N GLN C 132 4.39 -25.95 -20.72
CA GLN C 132 5.26 -26.99 -21.25
C GLN C 132 5.58 -28.01 -20.16
N TYR C 133 5.84 -27.54 -18.94
CA TYR C 133 6.17 -28.46 -17.85
C TYR C 133 4.95 -29.30 -17.42
N TYR C 134 3.73 -28.78 -17.57
CA TYR C 134 2.55 -29.57 -17.28
C TYR C 134 2.43 -30.75 -18.25
N ALA C 135 2.58 -30.48 -19.55
CA ALA C 135 2.55 -31.52 -20.57
C ALA C 135 3.61 -32.59 -20.33
N ALA C 136 4.74 -32.24 -19.74
CA ALA C 136 5.76 -33.22 -19.42
C ALA C 136 5.48 -34.00 -18.14
N GLY C 137 4.35 -33.73 -17.49
CA GLY C 137 3.90 -34.46 -16.30
C GLY C 137 4.10 -33.79 -14.95
N ALA C 138 4.69 -32.61 -14.88
CA ALA C 138 4.77 -31.91 -13.60
C ALA C 138 3.38 -31.42 -13.18
N ARG C 139 3.16 -31.42 -11.86
CA ARG C 139 1.87 -31.02 -11.29
C ARG C 139 1.94 -29.97 -10.17
N PHE C 140 3.14 -29.58 -9.71
CA PHE C 140 3.33 -28.47 -8.79
C PHE C 140 4.66 -27.79 -9.11
N ALA C 141 4.83 -26.54 -8.64
CA ALA C 141 6.02 -25.73 -8.95
C ALA C 141 6.67 -25.16 -7.69
N LYS C 142 7.86 -24.60 -7.87
CA LYS C 142 8.58 -24.00 -6.75
C LYS C 142 9.28 -22.72 -7.21
N TRP C 143 9.14 -21.66 -6.39
CA TRP C 143 9.76 -20.35 -6.59
C TRP C 143 10.28 -19.92 -5.22
N ARG C 144 11.55 -19.52 -5.16
CA ARG C 144 12.23 -19.23 -3.89
C ARG C 144 12.53 -17.73 -3.80
N ALA C 145 11.90 -17.05 -2.84
CA ALA C 145 12.23 -15.68 -2.48
C ALA C 145 13.16 -15.67 -1.27
N VAL C 146 14.13 -14.75 -1.23
CA VAL C 146 15.08 -14.70 -0.13
C VAL C 146 15.00 -13.34 0.59
N LEU C 147 14.96 -13.37 1.94
CA LEU C 147 14.95 -12.17 2.77
C LEU C 147 15.99 -12.29 3.87
N LYS C 148 16.66 -11.20 4.20
CA LYS C 148 17.69 -11.25 5.23
C LYS C 148 17.28 -10.36 6.41
N ILE C 149 17.85 -10.68 7.58
CA ILE C 149 17.54 -10.01 8.85
C ILE C 149 18.75 -9.16 9.24
N GLY C 150 18.55 -7.83 9.32
CA GLY C 150 19.60 -6.94 9.72
C GLY C 150 19.16 -5.70 10.48
N ALA C 151 20.04 -4.69 10.51
CA ALA C 151 19.75 -3.43 11.19
C ALA C 151 18.44 -2.83 10.68
N ASN C 152 18.29 -2.79 9.36
CA ASN C 152 17.12 -2.20 8.73
C ASN C 152 16.50 -3.18 7.75
N GLU C 153 16.69 -4.46 7.99
CA GLU C 153 16.34 -5.49 7.02
C GLU C 153 15.51 -6.58 7.69
N PRO C 154 14.55 -7.18 6.97
CA PRO C 154 14.13 -6.86 5.60
C PRO C 154 13.47 -5.47 5.51
N SER C 155 13.77 -4.73 4.45
CA SER C 155 13.19 -3.43 4.18
C SER C 155 11.77 -3.56 3.67
N GLN C 156 11.06 -2.44 3.69
CA GLN C 156 9.71 -2.42 3.17
C GLN C 156 9.70 -2.73 1.67
N LEU C 157 10.70 -2.23 0.93
CA LEU C 157 10.80 -2.49 -0.51
C LEU C 157 11.01 -3.98 -0.80
N ALA C 158 11.99 -4.59 -0.13
CA ALA C 158 12.22 -6.02 -0.28
C ALA C 158 10.95 -6.82 -0.01
N ILE C 159 10.23 -6.48 1.06
CA ILE C 159 9.05 -7.27 1.43
C ILE C 159 7.97 -7.19 0.35
N ASN C 160 7.70 -6.01 -0.20
CA ASN C 160 6.69 -5.92 -1.27
C ASN C 160 7.14 -6.65 -2.53
N GLU C 161 8.41 -6.51 -2.92
CA GLU C 161 8.86 -7.12 -4.17
C GLU C 161 8.81 -8.65 -4.09
N ASN C 162 9.31 -9.23 -3.00
CA ASN C 162 9.26 -10.69 -2.88
C ASN C 162 7.82 -11.21 -2.69
N ALA C 163 6.98 -10.50 -1.94
CA ALA C 163 5.60 -10.95 -1.73
C ALA C 163 4.75 -10.83 -3.01
N ASN C 164 4.87 -9.71 -3.73
CA ASN C 164 4.11 -9.59 -4.96
C ASN C 164 4.75 -10.42 -6.08
N GLY C 165 6.06 -10.65 -6.00
CA GLY C 165 6.70 -11.61 -6.90
C GLY C 165 6.14 -13.00 -6.74
N LEU C 166 6.00 -13.45 -5.50
CA LEU C 166 5.38 -14.75 -5.25
C LEU C 166 3.95 -14.79 -5.74
N ALA C 167 3.16 -13.74 -5.50
CA ALA C 167 1.76 -13.81 -5.92
C ALA C 167 1.65 -13.81 -7.44
N ARG C 168 2.45 -12.98 -8.10
CA ARG C 168 2.47 -12.95 -9.56
C ARG C 168 2.82 -14.34 -10.10
N TYR C 169 3.83 -14.98 -9.52
CA TYR C 169 4.20 -16.36 -9.87
C TYR C 169 3.09 -17.34 -9.56
N ALA C 170 2.47 -17.23 -8.40
CA ALA C 170 1.52 -18.26 -7.96
C ALA C 170 0.34 -18.35 -8.92
N ILE C 171 -0.21 -17.21 -9.35
CA ILE C 171 -1.39 -17.22 -10.21
C ILE C 171 -1.03 -17.71 -11.61
N ILE C 172 0.18 -17.43 -12.09
CA ILE C 172 0.54 -17.92 -13.40
C ILE C 172 0.58 -19.45 -13.38
N CYS C 173 1.18 -20.03 -12.32
CA CYS C 173 1.16 -21.48 -12.14
C CYS C 173 -0.25 -22.04 -12.23
N GLN C 174 -1.18 -21.51 -11.43
CA GLN C 174 -2.53 -22.06 -11.38
C GLN C 174 -3.20 -22.00 -12.74
N GLU C 175 -2.97 -20.95 -13.52
CA GLU C 175 -3.57 -20.93 -14.85
C GLU C 175 -3.02 -22.03 -15.76
N ASN C 176 -1.82 -22.54 -15.47
CA ASN C 176 -1.21 -23.56 -16.32
C ASN C 176 -1.15 -24.94 -15.65
N GLY C 177 -1.91 -25.16 -14.59
CA GLY C 177 -2.06 -26.50 -14.06
C GLY C 177 -1.05 -26.89 -12.97
N LEU C 178 -0.16 -26.00 -12.57
CA LEU C 178 0.81 -26.28 -11.51
C LEU C 178 0.34 -25.70 -10.18
N VAL C 179 0.40 -26.52 -9.13
CA VAL C 179 0.20 -26.10 -7.76
C VAL C 179 1.43 -25.30 -7.31
N PRO C 180 1.29 -24.01 -6.99
CA PRO C 180 2.45 -23.20 -6.61
C PRO C 180 2.84 -23.42 -5.16
N ILE C 181 4.09 -23.81 -4.93
CA ILE C 181 4.67 -23.73 -3.59
C ILE C 181 5.17 -22.31 -3.38
N VAL C 182 4.63 -21.63 -2.37
CA VAL C 182 5.06 -20.28 -1.99
C VAL C 182 6.20 -20.41 -0.98
N GLU C 183 7.41 -20.01 -1.37
CA GLU C 183 8.61 -20.19 -0.55
C GLU C 183 9.23 -18.84 -0.22
N PRO C 184 8.81 -18.18 0.91
CA PRO C 184 9.53 -16.99 1.39
C PRO C 184 10.56 -17.35 2.47
N GLU C 185 11.83 -17.53 2.09
CA GLU C 185 12.85 -17.95 3.05
C GLU C 185 13.52 -16.77 3.70
N ILE C 186 13.49 -16.71 5.02
CA ILE C 186 14.25 -15.72 5.78
C ILE C 186 15.55 -16.35 6.24
N LEU C 187 16.68 -15.81 5.78
CA LEU C 187 17.99 -16.39 6.08
C LEU C 187 18.32 -16.25 7.55
N VAL C 188 18.95 -17.29 8.10
CA VAL C 188 19.34 -17.29 9.52
C VAL C 188 20.55 -16.44 9.83
N ASP C 189 21.27 -15.92 8.83
CA ASP C 189 22.49 -15.16 9.09
C ASP C 189 22.24 -14.05 10.10
N GLY C 190 23.12 -13.94 11.10
CA GLY C 190 23.16 -12.81 12.00
C GLY C 190 23.10 -13.18 13.47
N PRO C 191 23.30 -12.18 14.34
CA PRO C 191 23.33 -12.43 15.79
C PRO C 191 22.00 -12.28 16.51
N HIS C 192 20.92 -12.05 15.78
CA HIS C 192 19.58 -11.87 16.32
C HIS C 192 19.09 -13.11 17.09
N ASP C 193 18.04 -12.91 17.89
CA ASP C 193 17.44 -13.98 18.67
C ASP C 193 16.13 -14.46 18.04
N ILE C 194 15.52 -15.45 18.69
CA ILE C 194 14.37 -16.10 18.08
C ILE C 194 13.18 -15.16 17.98
N ASN C 195 13.07 -14.18 18.88
CA ASN C 195 11.93 -13.25 18.84
C ASN C 195 12.02 -12.29 17.65
N LYS C 196 13.22 -11.82 17.30
CA LYS C 196 13.38 -11.00 16.09
C LYS C 196 13.02 -11.79 14.85
N CYS C 197 13.24 -13.11 14.88
CA CYS C 197 12.91 -13.93 13.72
C CYS C 197 11.42 -14.26 13.69
N ALA C 198 10.84 -14.43 14.88
CA ALA C 198 9.40 -14.52 15.03
C ALA C 198 8.68 -13.28 14.48
N ASP C 199 9.20 -12.08 14.74
CA ASP C 199 8.54 -10.88 14.21
C ASP C 199 8.65 -10.80 12.70
N VAL C 200 9.86 -10.97 12.18
CA VAL C 200 10.08 -10.85 10.75
C VAL C 200 9.28 -11.90 9.99
N THR C 201 9.22 -13.13 10.49
CA THR C 201 8.48 -14.17 9.78
C THR C 201 7.01 -13.81 9.69
N GLU C 202 6.43 -13.35 10.79
CA GLU C 202 5.02 -12.99 10.86
C GLU C 202 4.70 -11.81 9.94
N ARG C 203 5.55 -10.79 9.94
CA ARG C 203 5.39 -9.67 9.02
C ARG C 203 5.40 -10.16 7.56
N VAL C 204 6.43 -10.97 7.21
CA VAL C 204 6.59 -11.47 5.83
C VAL C 204 5.41 -12.36 5.41
N LEU C 205 5.03 -13.30 6.29
CA LEU C 205 3.92 -14.16 5.90
C LEU C 205 2.64 -13.38 5.71
N ALA C 206 2.40 -12.35 6.54
CA ALA C 206 1.23 -11.49 6.36
C ALA C 206 1.28 -10.73 5.03
N ALA C 207 2.45 -10.21 4.67
CA ALA C 207 2.61 -9.59 3.36
C ALA C 207 2.31 -10.58 2.22
N CYS C 208 2.74 -11.86 2.34
CA CYS C 208 2.53 -12.76 1.21
C CYS C 208 1.08 -13.15 1.01
N TYR C 209 0.33 -13.42 2.09
CA TYR C 209 -1.06 -13.82 1.89
C TYR C 209 -1.94 -12.64 1.48
N LYS C 210 -1.57 -11.43 1.89
CA LYS C 210 -2.25 -10.25 1.36
C LYS C 210 -2.00 -10.13 -0.13
N ALA C 211 -0.74 -10.29 -0.56
CA ALA C 211 -0.43 -10.30 -1.99
C ALA C 211 -1.21 -11.37 -2.74
N LEU C 212 -1.20 -12.62 -2.23
CA LEU C 212 -1.95 -13.68 -2.91
C LEU C 212 -3.41 -13.31 -3.06
N ASN C 213 -3.99 -12.66 -2.05
CA ASN C 213 -5.39 -12.25 -2.20
C ASN C 213 -5.53 -11.17 -3.27
N ASP C 214 -4.61 -10.20 -3.27
CA ASP C 214 -4.65 -9.15 -4.27
C ASP C 214 -4.59 -9.72 -5.69
N HIS C 215 -3.86 -10.81 -5.86
CA HIS C 215 -3.65 -11.35 -7.20
C HIS C 215 -4.65 -12.44 -7.55
N HIS C 216 -5.62 -12.71 -6.66
CA HIS C 216 -6.73 -13.63 -6.92
C HIS C 216 -6.27 -15.10 -6.99
N VAL C 217 -5.35 -15.48 -6.11
CA VAL C 217 -4.87 -16.85 -6.07
C VAL C 217 -5.90 -17.72 -5.36
N LEU C 218 -6.04 -18.95 -5.83
CA LEU C 218 -6.95 -19.93 -5.22
C LEU C 218 -6.19 -20.65 -4.12
N LEU C 219 -6.41 -20.22 -2.86
CA LEU C 219 -5.56 -20.65 -1.75
C LEU C 219 -5.62 -22.16 -1.51
N GLU C 220 -6.74 -22.80 -1.84
CA GLU C 220 -6.87 -24.24 -1.65
C GLU C 220 -6.02 -25.08 -2.60
N GLY C 221 -5.44 -24.47 -3.65
CA GLY C 221 -4.49 -25.16 -4.53
C GLY C 221 -3.08 -24.59 -4.43
N THR C 222 -2.63 -24.31 -3.22
CA THR C 222 -1.33 -23.73 -2.99
C THR C 222 -0.68 -24.45 -1.82
N LEU C 223 0.59 -24.15 -1.59
CA LEU C 223 1.33 -24.67 -0.45
C LEU C 223 2.28 -23.61 0.03
N LEU C 224 2.80 -23.78 1.26
CA LEU C 224 3.75 -22.85 1.87
C LEU C 224 5.02 -23.59 2.28
N LYS C 225 6.17 -23.01 1.94
CA LYS C 225 7.48 -23.56 2.30
C LYS C 225 8.22 -22.49 3.10
N PRO C 226 7.90 -22.32 4.39
CA PRO C 226 8.54 -21.28 5.20
C PRO C 226 9.75 -21.77 5.95
N ASN C 227 10.65 -20.84 6.27
CA ASN C 227 11.67 -21.14 7.27
C ASN C 227 11.00 -21.51 8.58
N MET C 228 11.68 -22.32 9.39
CA MET C 228 11.29 -22.39 10.78
C MET C 228 11.79 -21.15 11.51
N VAL C 229 11.13 -20.86 12.64
CA VAL C 229 11.45 -19.69 13.46
C VAL C 229 12.52 -20.10 14.46
N THR C 230 13.71 -19.55 14.31
CA THR C 230 14.91 -19.99 15.00
C THR C 230 15.78 -18.77 15.29
N PRO C 231 16.63 -18.83 16.31
CA PRO C 231 17.64 -17.78 16.49
C PRO C 231 18.58 -17.67 15.28
N GLY C 232 19.45 -16.66 15.35
CA GLY C 232 20.39 -16.41 14.27
C GLY C 232 21.56 -17.39 14.24
N SER C 233 22.24 -17.41 13.08
CA SER C 233 23.51 -18.13 12.91
C SER C 233 24.44 -17.89 14.08
N ASP C 234 24.58 -16.63 14.50
CA ASP C 234 25.62 -16.19 15.43
C ASP C 234 25.16 -16.13 16.89
N ALA C 235 23.96 -16.63 17.16
CA ALA C 235 23.42 -16.62 18.53
C ALA C 235 23.40 -18.02 19.10
N LYS C 236 23.24 -18.13 20.41
CA LYS C 236 23.20 -19.46 21.06
C LYS C 236 21.93 -20.19 20.67
N LYS C 237 21.98 -21.50 20.56
CA LYS C 237 20.81 -22.26 20.09
C LYS C 237 19.79 -22.43 21.20
N VAL C 238 18.56 -22.79 20.84
CA VAL C 238 17.53 -23.07 21.83
C VAL C 238 17.03 -24.49 21.64
N ALA C 239 16.35 -25.00 22.68
CA ALA C 239 15.85 -26.36 22.63
C ALA C 239 14.92 -26.55 21.43
N PRO C 240 14.85 -27.76 20.87
CA PRO C 240 13.92 -27.99 19.76
C PRO C 240 12.48 -27.71 20.11
N GLU C 241 12.09 -27.84 21.38
CA GLU C 241 10.70 -27.55 21.76
C GLU C 241 10.36 -26.07 21.61
N VAL C 242 11.32 -25.18 21.90
CA VAL C 242 11.09 -23.74 21.75
C VAL C 242 10.89 -23.38 20.28
N VAL C 243 11.81 -23.85 19.41
CA VAL C 243 11.69 -23.70 17.97
C VAL C 243 10.31 -24.13 17.50
N ALA C 244 9.82 -25.26 18.01
CA ALA C 244 8.51 -25.76 17.61
C ALA C 244 7.39 -24.77 17.98
N GLU C 245 7.39 -24.28 19.22
CA GLU C 245 6.32 -23.40 19.68
C GLU C 245 6.30 -22.09 18.90
N TYR C 246 7.45 -21.43 18.79
CA TYR C 246 7.51 -20.17 18.05
C TYR C 246 7.05 -20.34 16.59
N THR C 247 7.41 -21.47 15.97
CA THR C 247 7.08 -21.68 14.56
C THR C 247 5.59 -21.94 14.37
N VAL C 248 5.03 -22.86 15.16
CA VAL C 248 3.60 -23.12 15.01
C VAL C 248 2.78 -21.87 15.38
N ARG C 249 3.29 -21.03 16.29
CA ARG C 249 2.54 -19.82 16.63
C ARG C 249 2.54 -18.84 15.46
N ALA C 250 3.72 -18.59 14.86
CA ALA C 250 3.79 -17.73 13.68
C ALA C 250 2.81 -18.18 12.61
N LEU C 251 2.68 -19.49 12.37
CA LEU C 251 1.74 -19.96 11.37
C LEU C 251 0.31 -19.73 11.82
N GLN C 252 0.01 -20.07 13.08
CA GLN C 252 -1.31 -19.79 13.66
C GLN C 252 -1.79 -18.36 13.43
N ARG C 253 -0.85 -17.39 13.38
CA ARG C 253 -1.16 -15.96 13.33
C ARG C 253 -1.31 -15.39 11.94
N THR C 254 -0.96 -16.17 10.89
CA THR C 254 -0.82 -15.62 9.54
C THR C 254 -1.42 -16.48 8.43
N MET C 255 -1.38 -17.82 8.52
CA MET C 255 -1.64 -18.72 7.38
C MET C 255 -3.11 -19.15 7.39
N PRO C 256 -3.91 -18.83 6.38
CA PRO C 256 -5.33 -19.27 6.40
C PRO C 256 -5.47 -20.78 6.37
N PRO C 257 -6.47 -21.33 7.06
CA PRO C 257 -6.65 -22.79 7.06
C PRO C 257 -7.02 -23.38 5.70
N ALA C 258 -7.40 -22.57 4.71
CA ALA C 258 -7.72 -23.11 3.39
C ALA C 258 -6.49 -23.75 2.75
N VAL C 259 -5.29 -23.25 3.05
CA VAL C 259 -4.04 -23.82 2.58
C VAL C 259 -3.87 -25.19 3.25
N PRO C 260 -3.73 -26.28 2.47
CA PRO C 260 -3.81 -27.61 3.06
C PRO C 260 -2.57 -28.07 3.80
N ALA C 261 -1.37 -27.55 3.48
CA ALA C 261 -0.15 -28.14 4.01
C ALA C 261 1.02 -27.16 3.98
N VAL C 262 1.91 -27.33 4.97
CA VAL C 262 3.21 -26.67 5.04
C VAL C 262 4.28 -27.70 4.73
N VAL C 263 5.25 -27.32 3.90
CA VAL C 263 6.39 -28.19 3.61
C VAL C 263 7.66 -27.43 4.02
N PHE C 264 8.13 -27.67 5.25
CA PHE C 264 9.18 -26.85 5.86
C PHE C 264 10.50 -26.98 5.12
N LEU C 265 11.26 -25.89 5.07
CA LEU C 265 12.63 -25.94 4.59
C LEU C 265 13.60 -26.13 5.75
N SER C 266 14.76 -26.72 5.47
CA SER C 266 15.71 -27.06 6.51
C SER C 266 16.86 -26.06 6.63
N GLY C 267 17.03 -25.19 5.64
CA GLY C 267 18.21 -24.34 5.62
C GLY C 267 19.49 -25.14 5.76
N GLY C 268 20.35 -24.68 6.67
CA GLY C 268 21.64 -25.30 6.93
C GLY C 268 21.60 -26.24 8.13
N GLN C 269 20.40 -26.63 8.53
CA GLN C 269 20.24 -27.54 9.65
C GLN C 269 20.78 -28.91 9.27
N SER C 270 21.36 -29.58 10.26
CA SER C 270 21.79 -30.96 10.15
C SER C 270 20.61 -31.88 9.84
N GLU C 271 20.92 -33.08 9.33
CA GLU C 271 19.89 -34.05 8.98
C GLU C 271 19.01 -34.36 10.19
N GLU C 272 19.64 -34.47 11.36
CA GLU C 272 18.92 -34.82 12.59
C GLU C 272 18.17 -33.61 13.15
N GLU C 273 18.81 -32.45 13.22
CA GLU C 273 18.15 -31.23 13.69
C GLU C 273 16.84 -31.00 12.96
N ALA C 274 16.85 -31.18 11.63
CA ALA C 274 15.63 -31.01 10.86
C ALA C 274 14.55 -31.98 11.31
N THR C 275 14.91 -33.26 11.49
CA THR C 275 13.90 -34.25 11.86
C THR C 275 13.34 -33.98 13.25
N VAL C 276 14.23 -33.69 14.20
CA VAL C 276 13.82 -33.43 15.58
C VAL C 276 12.82 -32.27 15.61
N HIS C 277 13.19 -31.15 14.97
CA HIS C 277 12.28 -30.00 14.90
C HIS C 277 10.94 -30.37 14.27
N LEU C 278 10.97 -31.13 13.17
CA LEU C 278 9.71 -31.46 12.52
C LEU C 278 8.84 -32.34 13.39
N ASN C 279 9.44 -33.23 14.17
CA ASN C 279 8.69 -34.07 15.10
C ASN C 279 8.12 -33.24 16.26
N ALA C 280 8.96 -32.38 16.86
CA ALA C 280 8.53 -31.54 17.99
C ALA C 280 7.31 -30.71 17.66
N MET C 281 7.19 -30.30 16.41
CA MET C 281 6.05 -29.50 15.99
C MET C 281 4.78 -30.31 15.87
N ASN C 282 4.87 -31.55 15.38
CA ASN C 282 3.67 -32.37 15.27
C ASN C 282 3.25 -32.97 16.60
N LYS C 283 4.06 -32.79 17.63
CA LYS C 283 3.70 -33.26 19.00
C LYS C 283 3.14 -32.09 19.80
N LEU C 284 3.39 -30.86 19.36
CA LEU C 284 2.94 -29.65 20.07
C LEU C 284 1.42 -29.65 20.18
N GLN C 285 0.91 -29.31 21.36
CA GLN C 285 -0.56 -29.20 21.51
C GLN C 285 -1.00 -27.81 21.05
N GLY C 286 -2.02 -27.75 20.20
CA GLY C 286 -2.50 -26.45 19.69
C GLY C 286 -3.18 -26.58 18.34
N LYS C 287 -3.84 -25.52 17.89
CA LYS C 287 -4.58 -25.57 16.60
C LYS C 287 -3.60 -25.67 15.42
N LYS C 288 -3.67 -26.77 14.66
CA LYS C 288 -2.83 -26.98 13.48
C LYS C 288 -3.72 -27.47 12.34
N PRO C 289 -4.46 -26.56 11.69
CA PRO C 289 -5.42 -26.97 10.65
C PRO C 289 -4.80 -27.28 9.29
N TRP C 290 -3.53 -27.66 9.31
CA TRP C 290 -2.79 -27.92 8.10
C TRP C 290 -1.75 -28.96 8.42
N THR C 291 -1.45 -29.80 7.44
CA THR C 291 -0.41 -30.79 7.61
C THR C 291 0.93 -30.09 7.80
N LEU C 292 1.71 -30.54 8.75
CA LEU C 292 3.06 -29.99 8.95
C LEU C 292 4.05 -31.06 8.48
N THR C 293 4.51 -30.95 7.24
CA THR C 293 5.38 -31.96 6.67
C THR C 293 6.63 -31.27 6.11
N PHE C 294 7.44 -32.00 5.35
CA PHE C 294 8.77 -31.54 4.94
C PHE C 294 8.82 -31.29 3.45
N SER C 295 9.76 -30.43 3.03
CA SER C 295 10.29 -30.39 1.66
C SER C 295 11.79 -30.18 1.83
N PHE C 296 12.54 -31.28 1.94
CA PHE C 296 13.95 -31.24 2.30
C PHE C 296 14.84 -31.57 1.10
N GLY C 297 15.94 -30.84 1.00
CA GLY C 297 16.94 -31.18 0.02
C GLY C 297 18.17 -31.76 0.69
N ARG C 298 19.10 -30.86 1.05
CA ARG C 298 20.31 -31.22 1.79
C ARG C 298 20.06 -32.19 2.94
N ALA C 299 18.90 -32.07 3.62
CA ALA C 299 18.58 -32.78 4.86
C ALA C 299 18.09 -34.20 4.64
N LEU C 300 17.84 -34.59 3.39
CA LEU C 300 17.60 -35.97 2.97
C LEU C 300 18.80 -36.59 2.24
N GLN C 301 19.64 -35.78 1.59
CA GLN C 301 20.63 -36.25 0.63
C GLN C 301 22.05 -36.25 1.17
N GLN C 302 22.40 -35.37 2.12
CA GLN C 302 23.82 -35.08 2.35
C GLN C 302 24.63 -36.34 2.67
N SER C 303 24.11 -37.22 3.52
CA SER C 303 24.82 -38.45 3.87
C SER C 303 24.80 -39.49 2.77
N THR C 304 23.68 -39.57 2.03
CA THR C 304 23.62 -40.46 0.88
C THR C 304 24.70 -40.10 -0.14
N LEU C 305 24.86 -38.81 -0.42
CA LEU C 305 25.88 -38.37 -1.35
C LEU C 305 27.29 -38.74 -0.89
N LYS C 306 27.57 -38.56 0.41
CA LYS C 306 28.93 -38.84 0.91
C LYS C 306 29.23 -40.34 0.87
N ALA C 307 28.21 -41.17 1.16
CA ALA C 307 28.35 -42.62 1.09
C ALA C 307 28.58 -43.12 -0.33
N TRP C 308 27.86 -42.54 -1.31
CA TRP C 308 27.99 -42.93 -2.72
C TRP C 308 29.38 -42.64 -3.28
N ALA C 309 29.88 -41.42 -3.07
CA ALA C 309 31.16 -40.94 -3.62
C ALA C 309 31.27 -41.19 -5.13
N GLY C 310 30.15 -41.11 -5.81
CA GLY C 310 30.14 -41.28 -7.26
C GLY C 310 30.61 -42.63 -7.75
N LYS C 311 30.41 -43.73 -7.00
CA LYS C 311 30.85 -45.02 -7.54
C LYS C 311 29.71 -46.06 -7.62
N GLU C 312 29.72 -47.01 -8.56
CA GLU C 312 28.54 -47.93 -8.72
C GLU C 312 28.53 -48.99 -7.62
N GLU C 313 29.67 -49.22 -7.00
CA GLU C 313 29.86 -50.17 -5.92
C GLU C 313 29.16 -49.76 -4.65
N ASN C 314 29.13 -48.47 -4.40
CA ASN C 314 28.59 -47.88 -3.19
C ASN C 314 27.09 -47.65 -3.26
N VAL C 315 26.47 -47.97 -4.39
CA VAL C 315 25.02 -47.66 -4.59
C VAL C 315 24.14 -48.31 -3.52
N GLN C 316 24.35 -49.58 -3.22
CA GLN C 316 23.46 -50.31 -2.29
C GLN C 316 23.51 -49.73 -0.88
N LYS C 317 24.70 -49.39 -0.39
CA LYS C 317 24.83 -48.87 0.99
C LYS C 317 24.25 -47.46 1.04
N ALA C 318 24.46 -46.69 -0.02
CA ALA C 318 23.95 -45.32 -0.07
C ALA C 318 22.44 -45.33 -0.14
N GLN C 319 21.86 -46.29 -0.84
CA GLN C 319 20.41 -46.33 -0.86
C GLN C 319 19.82 -46.70 0.50
N GLU C 320 20.50 -47.58 1.26
CA GLU C 320 20.05 -47.87 2.62
C GLU C 320 20.11 -46.63 3.49
N VAL C 321 21.15 -45.82 3.27
CA VAL C 321 21.30 -44.59 4.02
C VAL C 321 20.18 -43.61 3.67
N PHE C 322 19.84 -43.54 2.39
CA PHE C 322 18.77 -42.65 1.95
C PHE C 322 17.41 -43.09 2.49
N LEU C 323 17.15 -44.41 2.56
CA LEU C 323 15.86 -44.87 3.05
C LEU C 323 15.70 -44.60 4.55
N ILE C 324 16.81 -44.58 5.29
CA ILE C 324 16.75 -44.27 6.71
C ILE C 324 16.22 -42.86 6.95
N ARG C 325 16.74 -41.88 6.20
CA ARG C 325 16.29 -40.49 6.34
C ARG C 325 14.85 -40.31 5.85
N CYS C 326 14.42 -41.09 4.84
CA CYS C 326 13.02 -40.98 4.41
C CYS C 326 12.03 -41.56 5.41
N LYS C 327 12.42 -42.59 6.14
CA LYS C 327 11.50 -43.12 7.14
C LYS C 327 11.43 -42.20 8.35
N ALA C 328 12.61 -41.72 8.78
CA ALA C 328 12.68 -40.88 9.96
C ALA C 328 11.82 -39.64 9.81
N ASN C 329 11.95 -38.95 8.68
CA ASN C 329 11.18 -37.74 8.46
C ASN C 329 9.71 -38.03 8.27
N SER C 330 9.37 -39.21 7.74
CA SER C 330 7.97 -39.58 7.64
C SER C 330 7.34 -39.78 9.01
N GLU C 331 8.12 -40.32 9.95
CA GLU C 331 7.65 -40.43 11.33
C GLU C 331 7.52 -39.07 12.00
N ALA C 332 8.45 -38.15 11.71
CA ALA C 332 8.38 -36.82 12.30
C ALA C 332 7.11 -36.10 11.87
N THR C 333 6.61 -36.41 10.68
CA THR C 333 5.32 -35.80 10.25
C THR C 333 4.16 -36.39 11.03
N LEU C 334 4.39 -37.47 11.77
CA LEU C 334 3.28 -38.15 12.48
C LEU C 334 3.49 -38.07 13.99
N GLY C 335 4.62 -37.53 14.42
CA GLY C 335 4.92 -37.41 15.86
C GLY C 335 5.39 -38.73 16.42
N LYS C 336 5.95 -39.60 15.58
CA LYS C 336 6.29 -40.96 16.05
C LYS C 336 7.80 -41.21 15.96
N TYR C 337 8.57 -40.21 15.60
CA TYR C 337 10.02 -40.36 15.56
C TYR C 337 10.59 -40.37 16.97
N THR C 338 11.56 -41.26 17.20
CA THR C 338 12.08 -41.45 18.54
C THR C 338 13.61 -41.50 18.57
N GLY C 339 14.28 -40.91 17.59
CA GLY C 339 15.71 -40.64 17.74
C GLY C 339 16.63 -41.53 16.96
N MET D 1 8.60 -3.97 17.10
CA MET D 1 7.67 -4.37 16.04
C MET D 1 7.16 -5.80 16.34
N SER D 2 7.15 -6.03 17.65
CA SER D 2 6.44 -7.10 18.35
C SER D 2 4.94 -6.84 18.35
N CYS D 3 4.14 -7.92 18.36
CA CYS D 3 2.72 -7.77 18.63
C CYS D 3 2.46 -7.58 20.13
N TYR D 4 1.25 -7.16 20.49
CA TYR D 4 0.97 -6.72 21.88
C TYR D 4 1.41 -7.74 22.93
N MET D 5 2.35 -7.33 23.82
CA MET D 5 2.87 -8.13 24.92
C MET D 5 2.81 -7.37 26.25
N GLY D 6 1.89 -6.42 26.34
CA GLY D 6 1.77 -5.57 27.51
C GLY D 6 1.12 -6.30 28.66
N LYS D 7 0.78 -5.53 29.71
CA LYS D 7 0.38 -6.15 30.96
C LYS D 7 -0.93 -6.92 30.84
N TYR D 8 -1.80 -6.57 29.91
CA TYR D 8 -3.10 -7.23 29.81
C TYR D 8 -3.09 -8.47 28.90
N ALA D 9 -1.92 -8.92 28.41
CA ALA D 9 -1.87 -9.93 27.35
C ALA D 9 -2.57 -11.22 27.76
N ASP D 10 -2.19 -11.78 28.92
CA ASP D 10 -2.78 -13.03 29.38
C ASP D 10 -4.29 -12.91 29.58
N GLU D 11 -4.74 -11.78 30.15
CA GLU D 11 -6.17 -11.60 30.40
C GLU D 11 -6.96 -11.49 29.10
N LEU D 12 -6.44 -10.71 28.13
CA LEU D 12 -7.06 -10.64 26.81
C LEU D 12 -7.18 -12.02 26.18
N ILE D 13 -6.15 -12.85 26.29
CA ILE D 13 -6.22 -14.17 25.68
C ILE D 13 -7.27 -15.01 26.40
N ALA D 14 -7.25 -15.01 27.73
CA ALA D 14 -8.23 -15.76 28.51
C ALA D 14 -9.65 -15.32 28.19
N ASN D 15 -9.87 -14.01 28.14
CA ASN D 15 -11.21 -13.52 27.97
C ASN D 15 -11.70 -13.69 26.53
N ALA D 16 -10.83 -13.44 25.55
CA ALA D 16 -11.20 -13.68 24.15
C ALA D 16 -11.61 -15.14 23.93
N ALA D 17 -10.79 -16.07 24.44
CA ALA D 17 -11.11 -17.49 24.36
C ALA D 17 -12.42 -17.80 25.06
N TYR D 18 -12.63 -17.23 26.27
CA TYR D 18 -13.82 -17.56 27.03
C TYR D 18 -15.08 -17.23 26.26
N ILE D 19 -15.07 -16.13 25.50
CA ILE D 19 -16.22 -15.74 24.70
C ILE D 19 -16.62 -16.87 23.77
N GLY D 20 -15.68 -17.70 23.34
CA GLY D 20 -15.94 -18.80 22.44
C GLY D 20 -16.21 -20.13 23.10
N THR D 21 -16.42 -20.14 24.41
CA THR D 21 -16.89 -21.34 25.09
C THR D 21 -18.05 -21.97 24.33
N PRO D 22 -18.04 -23.28 24.07
CA PRO D 22 -19.13 -23.89 23.30
C PRO D 22 -20.46 -23.80 24.06
N GLY D 23 -21.53 -23.57 23.31
CA GLY D 23 -22.83 -23.39 23.92
C GLY D 23 -23.15 -21.98 24.38
N LYS D 24 -22.19 -21.06 24.29
CA LYS D 24 -22.41 -19.70 24.73
C LYS D 24 -22.15 -18.72 23.60
N GLY D 25 -22.86 -17.59 23.64
CA GLY D 25 -22.62 -16.46 22.76
C GLY D 25 -22.75 -15.11 23.44
N ILE D 26 -22.99 -14.08 22.64
CA ILE D 26 -22.98 -12.69 23.08
C ILE D 26 -24.34 -12.08 22.82
N LEU D 27 -24.92 -11.46 23.84
CA LEU D 27 -26.10 -10.65 23.65
C LEU D 27 -25.63 -9.25 23.32
N ALA D 28 -26.08 -8.71 22.19
CA ALA D 28 -25.80 -7.31 21.86
C ALA D 28 -26.98 -6.46 22.33
N ALA D 29 -26.83 -5.85 23.51
CA ALA D 29 -27.82 -4.95 24.10
C ALA D 29 -27.28 -3.53 24.19
N ASP D 30 -26.53 -3.13 23.17
CA ASP D 30 -25.78 -1.87 23.14
C ASP D 30 -26.42 -0.83 22.22
N GLU D 31 -27.73 -0.93 21.99
CA GLU D 31 -28.43 0.14 21.29
C GLU D 31 -28.23 1.48 21.99
N SER D 32 -28.03 2.53 21.18
CA SER D 32 -27.99 3.92 21.63
C SER D 32 -29.36 4.38 22.13
N THR D 33 -29.40 5.61 22.66
CA THR D 33 -30.68 6.25 22.95
C THR D 33 -31.53 6.40 21.69
N GLY D 34 -30.94 6.92 20.62
CA GLY D 34 -31.67 7.02 19.36
C GLY D 34 -32.18 5.67 18.86
N THR D 35 -31.32 4.65 18.86
CA THR D 35 -31.69 3.36 18.30
C THR D 35 -32.79 2.68 19.13
N ILE D 36 -32.61 2.58 20.44
CA ILE D 36 -33.66 1.97 21.28
C ILE D 36 -34.92 2.85 21.29
N GLY D 37 -34.80 4.14 21.01
CA GLY D 37 -35.98 4.96 20.81
C GLY D 37 -36.80 4.54 19.60
N LYS D 38 -36.17 3.88 18.62
CA LYS D 38 -36.82 3.40 17.40
C LYS D 38 -37.30 1.96 17.44
N ARG D 39 -36.95 1.19 18.46
CA ARG D 39 -37.74 -0.01 18.69
C ARG D 39 -38.74 0.20 19.83
N PHE D 40 -38.53 1.20 20.67
CA PHE D 40 -39.53 1.50 21.69
C PHE D 40 -40.80 2.10 21.08
N ASP D 41 -40.68 2.89 20.01
CA ASP D 41 -41.87 3.44 19.37
C ASP D 41 -42.62 2.36 18.57
N SER D 42 -41.97 1.22 18.24
CA SER D 42 -42.68 0.15 17.55
C SER D 42 -43.61 -0.62 18.49
N ILE D 43 -43.26 -0.71 19.76
CA ILE D 43 -44.12 -1.33 20.78
C ILE D 43 -44.87 -0.28 21.60
N LYS D 44 -44.95 0.97 21.10
CA LYS D 44 -45.69 2.08 21.74
C LYS D 44 -45.26 2.35 23.20
N VAL D 45 -43.95 2.51 23.40
CA VAL D 45 -43.37 2.66 24.74
C VAL D 45 -42.58 3.97 24.78
N GLU D 46 -42.80 4.77 25.83
CA GLU D 46 -42.11 6.06 25.91
C GLU D 46 -40.63 5.83 26.19
N ASN D 47 -39.77 6.61 25.53
CA ASN D 47 -38.32 6.43 25.60
C ASN D 47 -37.74 7.38 26.63
N VAL D 48 -37.74 6.94 27.89
CA VAL D 48 -37.13 7.68 28.99
C VAL D 48 -36.27 6.67 29.73
N GLU D 49 -35.25 7.17 30.46
CA GLU D 49 -34.21 6.29 31.01
C GLU D 49 -34.79 5.12 31.82
N SER D 50 -35.90 5.33 32.54
CA SER D 50 -36.44 4.28 33.40
C SER D 50 -37.03 3.13 32.57
N ASN D 51 -37.51 3.40 31.35
CA ASN D 51 -37.97 2.31 30.50
C ASN D 51 -36.82 1.56 29.87
N ARG D 52 -35.74 2.27 29.52
CA ARG D 52 -34.53 1.61 29.01
C ARG D 52 -33.94 0.71 30.09
N ARG D 53 -33.82 1.23 31.32
CA ARG D 53 -33.30 0.43 32.42
C ARG D 53 -34.18 -0.78 32.70
N ALA D 54 -35.50 -0.62 32.56
CA ALA D 54 -36.40 -1.73 32.83
C ALA D 54 -36.21 -2.85 31.81
N LEU D 55 -36.12 -2.50 30.51
CA LEU D 55 -35.88 -3.49 29.46
C LEU D 55 -34.58 -4.25 29.69
N ARG D 56 -33.53 -3.54 30.10
CA ARG D 56 -32.22 -4.18 30.26
C ARG D 56 -32.22 -5.11 31.46
N GLU D 57 -32.86 -4.69 32.56
CA GLU D 57 -33.00 -5.58 33.71
C GLU D 57 -33.83 -6.81 33.36
N LEU D 58 -34.86 -6.63 32.54
CA LEU D 58 -35.67 -7.77 32.09
C LEU D 58 -34.82 -8.81 31.37
N LEU D 59 -33.96 -8.33 30.46
CA LEU D 59 -33.06 -9.24 29.76
C LEU D 59 -32.05 -9.87 30.72
N PHE D 60 -31.25 -9.04 31.38
CA PHE D 60 -30.12 -9.55 32.14
C PHE D 60 -30.55 -10.45 33.30
N CYS D 61 -31.80 -10.36 33.76
CA CYS D 61 -32.28 -11.11 34.91
C CYS D 61 -33.33 -12.14 34.54
N THR D 62 -33.40 -12.55 33.29
CA THR D 62 -34.14 -13.74 32.92
C THR D 62 -33.51 -14.96 33.56
N PRO D 63 -34.25 -15.72 34.40
CA PRO D 63 -33.71 -16.94 35.03
C PRO D 63 -33.14 -17.91 34.02
N GLY D 64 -31.84 -18.17 34.12
CA GLY D 64 -31.20 -19.17 33.30
C GLY D 64 -30.63 -18.64 32.00
N ALA D 65 -30.99 -17.42 31.60
CA ALA D 65 -30.56 -16.92 30.30
C ALA D 65 -29.05 -16.74 30.22
N LEU D 66 -28.39 -16.41 31.34
CA LEU D 66 -26.95 -16.19 31.35
C LEU D 66 -26.15 -17.49 31.42
N ASP D 67 -26.83 -18.65 31.42
CA ASP D 67 -26.16 -19.90 31.14
C ASP D 67 -25.70 -19.96 29.70
N TYR D 68 -26.39 -19.21 28.83
CA TYR D 68 -26.21 -19.29 27.39
C TYR D 68 -25.40 -18.14 26.82
N LEU D 69 -24.89 -17.25 27.68
CA LEU D 69 -24.23 -16.03 27.24
C LEU D 69 -22.84 -16.01 27.85
N SER D 70 -21.83 -15.77 27.02
CA SER D 70 -20.48 -15.58 27.52
C SER D 70 -20.14 -14.10 27.72
N GLY D 71 -20.89 -13.21 27.04
CA GLY D 71 -20.69 -11.77 27.11
C GLY D 71 -21.94 -11.03 26.69
N ILE D 72 -22.03 -9.76 27.13
CA ILE D 72 -23.13 -8.86 26.83
C ILE D 72 -22.56 -7.48 26.49
N ILE D 73 -22.95 -6.92 25.33
CA ILE D 73 -22.49 -5.60 24.88
C ILE D 73 -23.45 -4.53 25.39
N LEU D 74 -22.90 -3.48 25.98
CA LEU D 74 -23.67 -2.43 26.61
C LEU D 74 -23.42 -1.08 25.95
N PHE D 75 -24.44 -0.22 26.00
CA PHE D 75 -24.25 1.19 25.80
C PHE D 75 -23.74 1.81 27.11
N GLU D 76 -23.08 2.95 26.99
CA GLU D 76 -22.39 3.57 28.14
C GLU D 76 -23.36 3.85 29.31
N GLU D 77 -24.55 4.40 29.02
CA GLU D 77 -25.54 4.58 30.06
C GLU D 77 -25.72 3.30 30.87
N THR D 78 -25.97 2.18 30.18
CA THR D 78 -26.28 0.93 30.87
C THR D 78 -25.08 0.40 31.68
N LEU D 79 -23.85 0.78 31.31
CA LEU D 79 -22.68 0.30 32.03
C LEU D 79 -22.71 0.70 33.50
N TYR D 80 -23.39 1.80 33.81
CA TYR D 80 -23.37 2.35 35.14
C TYR D 80 -24.71 2.18 35.86
N GLN D 81 -25.67 1.50 35.24
CA GLN D 81 -27.01 1.36 35.78
C GLN D 81 -27.12 0.18 36.72
N LYS D 82 -28.18 0.18 37.53
CA LYS D 82 -28.43 -0.83 38.55
C LYS D 82 -29.80 -1.47 38.37
N THR D 83 -29.95 -2.68 38.90
CA THR D 83 -31.29 -3.25 39.08
C THR D 83 -32.10 -2.37 40.03
N ALA D 84 -33.42 -2.55 39.95
CA ALA D 84 -34.36 -1.88 40.84
C ALA D 84 -33.94 -1.98 42.31
N SER D 85 -33.44 -3.14 42.75
CA SER D 85 -33.05 -3.32 44.15
C SER D 85 -31.62 -2.86 44.44
N GLY D 86 -30.93 -2.26 43.47
CA GLY D 86 -29.65 -1.61 43.69
C GLY D 86 -28.40 -2.40 43.34
N LYS D 87 -28.53 -3.57 42.67
CA LYS D 87 -27.30 -4.29 42.31
C LYS D 87 -26.81 -3.80 40.95
N PRO D 88 -25.55 -3.38 40.82
CA PRO D 88 -25.06 -2.97 39.50
C PRO D 88 -25.20 -4.10 38.47
N PHE D 89 -25.63 -3.72 37.26
CA PHE D 89 -25.75 -4.67 36.14
C PHE D 89 -24.47 -5.46 35.88
N VAL D 90 -23.30 -4.83 36.05
CA VAL D 90 -22.06 -5.58 35.82
C VAL D 90 -21.88 -6.65 36.88
N ASP D 91 -22.37 -6.41 38.10
CA ASP D 91 -22.31 -7.40 39.17
C ASP D 91 -23.24 -8.57 38.89
N VAL D 92 -24.42 -8.30 38.33
CA VAL D 92 -25.29 -9.40 37.90
C VAL D 92 -24.53 -10.32 36.95
N MET D 93 -23.85 -9.72 35.98
CA MET D 93 -23.11 -10.50 34.99
C MET D 93 -21.95 -11.23 35.64
N LYS D 94 -21.15 -10.51 36.44
CA LYS D 94 -19.97 -11.12 37.05
C LYS D 94 -20.32 -12.34 37.89
N GLU D 95 -21.51 -12.35 38.48
CA GLU D 95 -21.99 -13.50 39.25
C GLU D 95 -22.30 -14.69 38.35
N ALA D 96 -22.65 -14.44 37.09
CA ALA D 96 -23.01 -15.51 36.17
C ALA D 96 -21.86 -15.88 35.21
N ASN D 97 -20.62 -15.50 35.57
CA ASN D 97 -19.43 -15.53 34.70
C ASN D 97 -19.77 -15.10 33.28
N VAL D 98 -20.41 -13.93 33.20
CA VAL D 98 -20.62 -13.23 31.95
C VAL D 98 -19.68 -12.03 31.97
N LEU D 99 -19.06 -11.75 30.80
CA LEU D 99 -18.16 -10.61 30.67
C LEU D 99 -18.95 -9.43 30.14
N PRO D 100 -18.88 -8.27 30.80
CA PRO D 100 -19.52 -7.06 30.24
C PRO D 100 -18.69 -6.45 29.11
N GLY D 101 -19.37 -6.03 28.05
CA GLY D 101 -18.70 -5.36 26.95
C GLY D 101 -19.32 -4.01 26.66
N ILE D 102 -18.60 -3.16 25.93
CA ILE D 102 -18.97 -1.76 25.76
C ILE D 102 -18.80 -1.39 24.28
N LYS D 103 -19.81 -0.74 23.70
CA LYS D 103 -19.65 -0.15 22.38
C LYS D 103 -18.81 1.11 22.52
N VAL D 104 -17.78 1.26 21.68
CA VAL D 104 -16.87 2.39 21.81
C VAL D 104 -16.80 3.28 20.57
N ASP D 105 -17.43 2.95 19.45
CA ASP D 105 -17.36 3.84 18.30
C ASP D 105 -18.41 4.95 18.41
N LYS D 106 -18.28 5.96 17.55
CA LYS D 106 -19.16 7.12 17.51
C LYS D 106 -19.87 7.25 16.15
N GLY D 107 -20.26 6.11 15.55
CA GLY D 107 -21.02 6.07 14.31
C GLY D 107 -20.24 6.50 13.07
N THR D 108 -20.97 6.57 11.96
CA THR D 108 -20.39 6.75 10.64
C THR D 108 -20.59 8.19 10.15
N VAL D 109 -19.71 8.61 9.24
CA VAL D 109 -19.84 9.86 8.49
C VAL D 109 -19.42 9.56 7.05
N GLU D 110 -19.90 10.37 6.09
CA GLU D 110 -19.68 10.08 4.68
C GLU D 110 -18.18 10.26 4.39
N LEU D 111 -17.64 9.45 3.46
CA LEU D 111 -16.26 9.62 2.99
C LEU D 111 -16.25 10.61 1.83
N ALA D 112 -15.57 11.74 2.02
CA ALA D 112 -15.55 12.76 0.98
C ALA D 112 -15.09 12.18 -0.36
N GLY D 113 -15.89 12.40 -1.39
CA GLY D 113 -15.51 12.05 -2.74
C GLY D 113 -15.91 10.66 -3.17
N THR D 114 -16.52 9.86 -2.29
CA THR D 114 -16.96 8.53 -2.69
C THR D 114 -18.45 8.58 -3.00
N ASN D 115 -19.00 7.42 -3.35
CA ASN D 115 -20.39 7.34 -3.77
C ASN D 115 -21.23 6.76 -2.63
N GLY D 116 -21.40 7.59 -1.60
CA GLY D 116 -22.19 7.25 -0.44
C GLY D 116 -21.54 6.24 0.48
N GLU D 117 -20.21 6.21 0.52
CA GLU D 117 -19.48 5.29 1.37
C GLU D 117 -19.11 5.96 2.69
N THR D 118 -18.81 5.15 3.69
CA THR D 118 -18.62 5.65 5.05
C THR D 118 -17.27 5.26 5.66
N THR D 119 -16.77 6.13 6.53
CA THR D 119 -15.82 5.74 7.56
C THR D 119 -16.52 5.89 8.92
N THR D 120 -15.87 5.37 9.97
CA THR D 120 -16.39 5.36 11.34
C THR D 120 -15.53 6.23 12.25
N GLN D 121 -16.18 7.08 13.06
CA GLN D 121 -15.57 8.03 13.99
C GLN D 121 -15.37 7.42 15.37
N GLY D 122 -14.36 7.91 16.11
CA GLY D 122 -14.19 7.42 17.46
C GLY D 122 -12.79 7.39 18.04
N LEU D 123 -11.76 7.61 17.22
CA LEU D 123 -10.40 7.38 17.69
C LEU D 123 -9.92 8.47 18.66
N ASP D 124 -10.48 9.68 18.57
CA ASP D 124 -10.05 10.77 19.44
C ASP D 124 -10.45 10.46 20.89
N GLY D 125 -9.45 10.38 21.76
CA GLY D 125 -9.69 10.10 23.16
C GLY D 125 -10.12 8.69 23.49
N LEU D 126 -10.01 7.76 22.52
CA LEU D 126 -10.41 6.38 22.73
C LEU D 126 -9.65 5.72 23.87
N GLY D 127 -8.34 5.96 23.96
CA GLY D 127 -7.54 5.30 24.99
C GLY D 127 -8.01 5.62 26.40
N ALA D 128 -8.28 6.91 26.66
CA ALA D 128 -8.80 7.32 27.96
C ALA D 128 -10.16 6.69 28.23
N ARG D 129 -11.06 6.73 27.24
CA ARG D 129 -12.39 6.17 27.44
C ARG D 129 -12.31 4.67 27.74
N CYS D 130 -11.36 3.97 27.13
CA CYS D 130 -11.30 2.54 27.39
C CYS D 130 -10.78 2.25 28.77
N ALA D 131 -9.77 3.01 29.19
CA ALA D 131 -9.24 2.86 30.53
C ALA D 131 -10.30 3.09 31.57
N GLN D 132 -11.23 4.02 31.28
CA GLN D 132 -12.32 4.32 32.20
C GLN D 132 -13.35 3.18 32.22
N TYR D 133 -13.68 2.61 31.06
CA TYR D 133 -14.64 1.51 31.02
C TYR D 133 -14.09 0.24 31.66
N TYR D 134 -12.77 0.03 31.54
CA TYR D 134 -12.18 -1.13 32.17
C TYR D 134 -12.34 -1.06 33.69
N ALA D 135 -12.02 0.09 34.28
CA ALA D 135 -12.25 0.28 35.71
C ALA D 135 -13.71 0.10 36.10
N ALA D 136 -14.64 0.40 35.18
CA ALA D 136 -16.06 0.19 35.41
C ALA D 136 -16.51 -1.25 35.18
N GLY D 137 -15.57 -2.17 34.82
CA GLY D 137 -15.83 -3.59 34.72
C GLY D 137 -15.97 -4.18 33.31
N ALA D 138 -15.90 -3.37 32.26
CA ALA D 138 -15.90 -3.92 30.91
C ALA D 138 -14.60 -4.68 30.62
N ARG D 139 -14.72 -5.70 29.78
CA ARG D 139 -13.59 -6.52 29.43
C ARG D 139 -13.45 -6.76 27.93
N PHE D 140 -14.41 -6.30 27.12
CA PHE D 140 -14.30 -6.31 25.66
C PHE D 140 -15.09 -5.14 25.05
N ALA D 141 -14.74 -4.77 23.81
CA ALA D 141 -15.29 -3.59 23.15
C ALA D 141 -15.87 -3.93 21.77
N LYS D 142 -16.59 -2.96 21.17
CA LYS D 142 -17.16 -3.16 19.84
C LYS D 142 -17.08 -1.88 19.02
N TRP D 143 -16.62 -2.02 17.77
CA TRP D 143 -16.49 -0.93 16.80
C TRP D 143 -17.01 -1.44 15.46
N ARG D 144 -17.93 -0.68 14.85
CA ARG D 144 -18.62 -1.11 13.64
C ARG D 144 -18.19 -0.27 12.44
N ALA D 145 -17.51 -0.91 11.48
CA ALA D 145 -17.24 -0.34 10.16
C ALA D 145 -18.29 -0.87 9.17
N VAL D 146 -18.72 -0.01 8.23
CA VAL D 146 -19.76 -0.36 7.27
C VAL D 146 -19.24 -0.19 5.84
N LEU D 147 -19.52 -1.20 4.99
CA LEU D 147 -19.15 -1.19 3.57
C LEU D 147 -20.38 -1.56 2.73
N LYS D 148 -20.50 -0.96 1.54
CA LYS D 148 -21.61 -1.23 0.63
C LYS D 148 -21.11 -1.89 -0.66
N ILE D 149 -22.01 -2.64 -1.30
CA ILE D 149 -21.71 -3.34 -2.55
C ILE D 149 -22.48 -2.64 -3.64
N GLY D 150 -21.76 -2.04 -4.59
CA GLY D 150 -22.37 -1.35 -5.70
C GLY D 150 -21.55 -1.52 -6.98
N ALA D 151 -21.79 -0.64 -7.95
CA ALA D 151 -21.06 -0.70 -9.22
C ALA D 151 -19.57 -0.67 -8.99
N ASN D 152 -19.12 0.32 -8.20
CA ASN D 152 -17.71 0.56 -7.92
C ASN D 152 -17.42 0.53 -6.42
N GLU D 153 -18.23 -0.22 -5.68
CA GLU D 153 -18.16 -0.22 -4.24
C GLU D 153 -18.13 -1.66 -3.74
N PRO D 154 -17.41 -1.95 -2.66
CA PRO D 154 -16.56 -1.00 -1.91
C PRO D 154 -15.34 -0.52 -2.71
N SER D 155 -15.02 0.77 -2.62
CA SER D 155 -13.85 1.36 -3.25
C SER D 155 -12.56 1.00 -2.51
N GLN D 156 -11.43 1.25 -3.18
CA GLN D 156 -10.14 1.04 -2.54
C GLN D 156 -9.97 1.98 -1.34
N LEU D 157 -10.45 3.22 -1.48
CA LEU D 157 -10.35 4.15 -0.35
C LEU D 157 -11.13 3.64 0.86
N ALA D 158 -12.42 3.31 0.65
CA ALA D 158 -13.26 2.76 1.72
C ALA D 158 -12.62 1.54 2.37
N ILE D 159 -12.10 0.62 1.56
CA ILE D 159 -11.52 -0.59 2.15
C ILE D 159 -10.35 -0.23 3.04
N ASN D 160 -9.46 0.66 2.56
CA ASN D 160 -8.30 1.07 3.34
C ASN D 160 -8.69 1.82 4.60
N GLU D 161 -9.64 2.76 4.51
CA GLU D 161 -9.99 3.58 5.68
C GLU D 161 -10.64 2.74 6.77
N ASN D 162 -11.62 1.90 6.41
CA ASN D 162 -12.29 1.09 7.41
C ASN D 162 -11.36 0.01 7.98
N ALA D 163 -10.49 -0.57 7.15
CA ALA D 163 -9.60 -1.61 7.66
C ALA D 163 -8.58 -1.02 8.63
N ASN D 164 -8.00 0.13 8.30
CA ASN D 164 -7.05 0.74 9.21
C ASN D 164 -7.72 1.39 10.41
N GLY D 165 -8.96 1.89 10.26
CA GLY D 165 -9.69 2.35 11.41
C GLY D 165 -9.92 1.23 12.41
N LEU D 166 -10.34 0.08 11.92
CA LEU D 166 -10.53 -1.06 12.81
C LEU D 166 -9.22 -1.45 13.49
N ALA D 167 -8.12 -1.44 12.76
CA ALA D 167 -6.86 -1.90 13.36
C ALA D 167 -6.36 -0.92 14.40
N ARG D 168 -6.39 0.37 14.10
CA ARG D 168 -5.99 1.39 15.08
C ARG D 168 -6.84 1.34 16.33
N TYR D 169 -8.16 1.13 16.17
CA TYR D 169 -9.04 0.90 17.30
C TYR D 169 -8.66 -0.34 18.11
N ALA D 170 -8.35 -1.44 17.42
CA ALA D 170 -8.12 -2.72 18.08
C ALA D 170 -6.94 -2.67 19.05
N ILE D 171 -5.83 -2.03 18.62
CA ILE D 171 -4.61 -1.98 19.43
C ILE D 171 -4.80 -1.05 20.62
N ILE D 172 -5.60 0.00 20.48
CA ILE D 172 -5.87 0.88 21.61
C ILE D 172 -6.65 0.12 22.68
N CYS D 173 -7.66 -0.66 22.28
CA CYS D 173 -8.36 -1.52 23.24
C CYS D 173 -7.39 -2.39 24.01
N GLN D 174 -6.51 -3.11 23.30
CA GLN D 174 -5.60 -4.04 23.96
C GLN D 174 -4.67 -3.34 24.94
N GLU D 175 -4.23 -2.13 24.59
CA GLU D 175 -3.37 -1.42 25.52
C GLU D 175 -4.09 -1.06 26.82
N ASN D 176 -5.42 -0.94 26.80
CA ASN D 176 -6.24 -0.57 27.96
C ASN D 176 -7.10 -1.73 28.49
N GLY D 177 -6.81 -2.97 28.12
CA GLY D 177 -7.42 -4.10 28.77
C GLY D 177 -8.71 -4.63 28.16
N LEU D 178 -9.18 -4.06 27.06
CA LEU D 178 -10.43 -4.50 26.43
C LEU D 178 -10.14 -5.44 25.28
N VAL D 179 -10.85 -6.57 25.21
CA VAL D 179 -10.79 -7.45 24.03
C VAL D 179 -11.55 -6.78 22.88
N PRO D 180 -10.90 -6.45 21.77
CA PRO D 180 -11.60 -5.81 20.63
C PRO D 180 -12.39 -6.80 19.77
N ILE D 181 -13.69 -6.56 19.63
CA ILE D 181 -14.46 -7.21 18.58
C ILE D 181 -14.31 -6.39 17.30
N VAL D 182 -13.72 -7.02 16.27
CA VAL D 182 -13.52 -6.41 14.95
C VAL D 182 -14.75 -6.70 14.11
N GLU D 183 -15.51 -5.67 13.74
CA GLU D 183 -16.76 -5.85 13.01
C GLU D 183 -16.71 -5.11 11.68
N PRO D 184 -16.26 -5.74 10.60
CA PRO D 184 -16.44 -5.12 9.29
C PRO D 184 -17.72 -5.62 8.61
N GLU D 185 -18.85 -4.91 8.74
CA GLU D 185 -20.11 -5.39 8.20
C GLU D 185 -20.27 -4.97 6.74
N ILE D 186 -20.48 -5.95 5.84
CA ILE D 186 -20.85 -5.66 4.46
C ILE D 186 -22.37 -5.69 4.35
N LEU D 187 -22.98 -4.55 4.00
CA LEU D 187 -24.43 -4.44 3.92
C LEU D 187 -24.99 -5.33 2.82
N VAL D 188 -26.17 -5.91 3.07
CA VAL D 188 -26.83 -6.75 2.06
C VAL D 188 -27.53 -5.97 0.95
N ASP D 189 -27.69 -4.65 1.08
CA ASP D 189 -28.45 -3.85 0.09
C ASP D 189 -27.95 -4.08 -1.32
N GLY D 190 -28.89 -4.39 -2.23
CA GLY D 190 -28.59 -4.40 -3.65
C GLY D 190 -28.95 -5.69 -4.36
N PRO D 191 -28.84 -5.70 -5.68
CA PRO D 191 -29.25 -6.88 -6.46
C PRO D 191 -28.17 -7.93 -6.69
N HIS D 192 -26.99 -7.76 -6.09
CA HIS D 192 -25.90 -8.72 -6.28
C HIS D 192 -26.30 -10.12 -5.82
N ASP D 193 -25.56 -11.11 -6.29
CA ASP D 193 -25.78 -12.50 -5.93
C ASP D 193 -24.76 -12.88 -4.86
N ILE D 194 -24.84 -14.15 -4.43
CA ILE D 194 -24.01 -14.64 -3.34
C ILE D 194 -22.54 -14.68 -3.72
N ASN D 195 -22.24 -14.85 -5.01
CA ASN D 195 -20.84 -14.90 -5.40
C ASN D 195 -20.20 -13.51 -5.27
N LYS D 196 -20.92 -12.44 -5.62
CA LYS D 196 -20.35 -11.09 -5.48
C LYS D 196 -20.06 -10.75 -4.03
N CYS D 197 -20.84 -11.28 -3.08
CA CYS D 197 -20.62 -10.95 -1.68
C CYS D 197 -19.55 -11.85 -1.06
N ALA D 198 -19.39 -13.05 -1.58
CA ALA D 198 -18.21 -13.85 -1.27
C ALA D 198 -16.91 -13.13 -1.63
N ASP D 199 -16.86 -12.50 -2.81
CA ASP D 199 -15.64 -11.82 -3.26
C ASP D 199 -15.34 -10.60 -2.40
N VAL D 200 -16.33 -9.74 -2.20
CA VAL D 200 -16.13 -8.55 -1.39
C VAL D 200 -15.77 -8.94 0.04
N THR D 201 -16.46 -9.96 0.58
CA THR D 201 -16.16 -10.39 1.94
C THR D 201 -14.73 -10.90 2.06
N GLU D 202 -14.29 -11.72 1.10
CA GLU D 202 -12.91 -12.22 1.14
C GLU D 202 -11.92 -11.06 1.02
N ARG D 203 -12.16 -10.12 0.08
CA ARG D 203 -11.30 -8.93 -0.06
C ARG D 203 -11.26 -8.11 1.25
N VAL D 204 -12.43 -7.85 1.86
CA VAL D 204 -12.49 -7.00 3.05
C VAL D 204 -11.82 -7.66 4.26
N LEU D 205 -12.04 -8.95 4.47
CA LEU D 205 -11.39 -9.63 5.59
C LEU D 205 -9.86 -9.68 5.42
N ALA D 206 -9.37 -9.90 4.20
CA ALA D 206 -7.93 -9.90 3.97
C ALA D 206 -7.33 -8.54 4.29
N ALA D 207 -8.02 -7.47 3.90
CA ALA D 207 -7.60 -6.12 4.24
C ALA D 207 -7.51 -5.91 5.75
N CYS D 208 -8.47 -6.45 6.51
CA CYS D 208 -8.50 -6.16 7.93
C CYS D 208 -7.39 -6.90 8.66
N TYR D 209 -7.14 -8.16 8.29
CA TYR D 209 -6.10 -8.91 8.98
C TYR D 209 -4.70 -8.45 8.59
N LYS D 210 -4.52 -7.92 7.37
CA LYS D 210 -3.26 -7.25 7.05
C LYS D 210 -3.06 -5.98 7.88
N ALA D 211 -4.08 -5.10 7.91
CA ALA D 211 -4.05 -3.89 8.75
C ALA D 211 -3.77 -4.24 10.21
N LEU D 212 -4.47 -5.25 10.73
CA LEU D 212 -4.26 -5.68 12.11
C LEU D 212 -2.80 -6.02 12.35
N ASN D 213 -2.15 -6.71 11.39
CA ASN D 213 -0.72 -7.07 11.50
C ASN D 213 0.18 -5.84 11.43
N ASP D 214 -0.15 -4.89 10.54
CA ASP D 214 0.65 -3.67 10.43
C ASP D 214 0.66 -2.91 11.74
N HIS D 215 -0.44 -2.97 12.50
CA HIS D 215 -0.59 -2.21 13.73
C HIS D 215 -0.17 -3.01 14.97
N HIS D 216 0.38 -4.20 14.78
CA HIS D 216 0.99 -4.98 15.84
C HIS D 216 -0.03 -5.51 16.85
N VAL D 217 -1.24 -5.87 16.37
CA VAL D 217 -2.30 -6.38 17.24
C VAL D 217 -2.05 -7.83 17.62
N LEU D 218 -2.39 -8.19 18.86
CA LEU D 218 -2.28 -9.57 19.36
C LEU D 218 -3.56 -10.31 19.00
N LEU D 219 -3.50 -11.14 17.95
CA LEU D 219 -4.71 -11.73 17.38
C LEU D 219 -5.43 -12.64 18.38
N GLU D 220 -4.68 -13.32 19.24
CA GLU D 220 -5.28 -14.26 20.17
C GLU D 220 -6.13 -13.54 21.22
N GLY D 221 -6.03 -12.21 21.30
CA GLY D 221 -6.89 -11.45 22.17
C GLY D 221 -7.84 -10.59 21.37
N THR D 222 -8.39 -11.12 20.27
CA THR D 222 -9.35 -10.40 19.43
C THR D 222 -10.50 -11.33 19.08
N LEU D 223 -11.54 -10.75 18.46
CA LEU D 223 -12.67 -11.50 17.95
C LEU D 223 -13.14 -10.88 16.65
N LEU D 224 -13.87 -11.67 15.87
CA LEU D 224 -14.36 -11.25 14.56
C LEU D 224 -15.87 -11.30 14.55
N LYS D 225 -16.48 -10.22 14.07
CA LYS D 225 -17.94 -10.11 13.95
C LYS D 225 -18.25 -9.79 12.50
N PRO D 226 -18.22 -10.80 11.63
CA PRO D 226 -18.45 -10.57 10.21
C PRO D 226 -19.92 -10.79 9.85
N ASN D 227 -20.31 -10.20 8.71
CA ASN D 227 -21.54 -10.60 8.04
C ASN D 227 -21.49 -12.07 7.66
N MET D 228 -22.65 -12.69 7.62
CA MET D 228 -22.70 -13.94 6.88
C MET D 228 -22.76 -13.63 5.39
N VAL D 229 -22.30 -14.58 4.58
CA VAL D 229 -22.21 -14.43 3.14
C VAL D 229 -23.53 -14.87 2.50
N THR D 230 -24.25 -13.92 1.92
CA THR D 230 -25.63 -14.11 1.48
C THR D 230 -25.82 -13.37 0.17
N PRO D 231 -26.81 -13.77 -0.64
CA PRO D 231 -27.25 -12.93 -1.76
C PRO D 231 -27.75 -11.58 -1.28
N GLY D 232 -27.96 -10.68 -2.23
CA GLY D 232 -28.40 -9.33 -1.90
C GLY D 232 -29.85 -9.25 -1.51
N SER D 233 -30.16 -8.15 -0.81
CA SER D 233 -31.54 -7.81 -0.44
C SER D 233 -32.52 -8.01 -1.59
N ASP D 234 -32.15 -7.60 -2.80
CA ASP D 234 -33.03 -7.59 -3.95
C ASP D 234 -32.91 -8.84 -4.83
N ALA D 235 -32.14 -9.84 -4.42
CA ALA D 235 -31.97 -11.05 -5.21
C ALA D 235 -32.70 -12.23 -4.54
N LYS D 236 -32.81 -13.34 -5.27
CA LYS D 236 -33.45 -14.52 -4.72
C LYS D 236 -32.66 -15.07 -3.54
N LYS D 237 -33.37 -15.56 -2.51
CA LYS D 237 -32.70 -16.26 -1.42
C LYS D 237 -32.25 -17.65 -1.89
N VAL D 238 -31.33 -18.24 -1.15
CA VAL D 238 -30.89 -19.61 -1.41
C VAL D 238 -30.99 -20.42 -0.12
N ALA D 239 -30.84 -21.74 -0.24
CA ALA D 239 -30.97 -22.64 0.90
C ALA D 239 -29.99 -22.26 2.00
N PRO D 240 -30.35 -22.47 3.27
CA PRO D 240 -29.44 -22.10 4.37
C PRO D 240 -28.11 -22.84 4.30
N GLU D 241 -28.07 -24.05 3.75
CA GLU D 241 -26.80 -24.77 3.67
C GLU D 241 -25.82 -24.06 2.74
N VAL D 242 -26.32 -23.43 1.69
CA VAL D 242 -25.46 -22.71 0.75
C VAL D 242 -24.81 -21.51 1.43
N VAL D 243 -25.62 -20.65 2.08
CA VAL D 243 -25.08 -19.55 2.86
C VAL D 243 -23.98 -20.07 3.76
N ALA D 244 -24.21 -21.20 4.43
CA ALA D 244 -23.23 -21.72 5.38
C ALA D 244 -21.92 -22.04 4.70
N GLU D 245 -21.94 -22.79 3.60
CA GLU D 245 -20.70 -23.21 2.95
C GLU D 245 -19.92 -22.04 2.38
N TYR D 246 -20.61 -21.09 1.73
CA TYR D 246 -19.92 -19.90 1.25
C TYR D 246 -19.27 -19.12 2.40
N THR D 247 -20.00 -18.97 3.53
CA THR D 247 -19.52 -18.17 4.65
C THR D 247 -18.32 -18.84 5.31
N VAL D 248 -18.40 -20.14 5.57
CA VAL D 248 -17.28 -20.87 6.16
C VAL D 248 -16.09 -20.89 5.20
N ARG D 249 -16.34 -20.83 3.88
CA ARG D 249 -15.23 -20.80 2.93
C ARG D 249 -14.50 -19.47 2.98
N ALA D 250 -15.25 -18.36 2.96
CA ALA D 250 -14.68 -17.03 3.09
C ALA D 250 -13.79 -16.93 4.32
N LEU D 251 -14.23 -17.53 5.42
CA LEU D 251 -13.43 -17.46 6.64
C LEU D 251 -12.17 -18.28 6.50
N GLN D 252 -12.31 -19.52 6.01
CA GLN D 252 -11.16 -20.40 5.78
C GLN D 252 -10.06 -19.73 4.98
N ARG D 253 -10.41 -18.84 4.06
CA ARG D 253 -9.45 -18.27 3.14
C ARG D 253 -8.77 -17.02 3.68
N THR D 254 -9.21 -16.48 4.84
CA THR D 254 -8.77 -15.16 5.28
C THR D 254 -8.49 -15.03 6.77
N MET D 255 -9.17 -15.77 7.65
CA MET D 255 -9.10 -15.51 9.09
C MET D 255 -8.09 -16.44 9.73
N PRO D 256 -7.02 -15.95 10.34
CA PRO D 256 -6.00 -16.85 10.91
C PRO D 256 -6.57 -17.69 12.04
N PRO D 257 -6.06 -18.92 12.24
CA PRO D 257 -6.56 -19.75 13.33
C PRO D 257 -6.26 -19.22 14.73
N ALA D 258 -5.34 -18.24 14.89
CA ALA D 258 -5.08 -17.70 16.23
C ALA D 258 -6.28 -16.95 16.80
N VAL D 259 -7.09 -16.31 15.96
CA VAL D 259 -8.30 -15.65 16.46
C VAL D 259 -9.22 -16.74 17.00
N PRO D 260 -9.62 -16.69 18.28
CA PRO D 260 -10.33 -17.84 18.86
C PRO D 260 -11.78 -18.02 18.43
N ALA D 261 -12.49 -16.97 17.99
CA ALA D 261 -13.92 -17.18 17.77
C ALA D 261 -14.50 -16.15 16.80
N VAL D 262 -15.56 -16.57 16.11
CA VAL D 262 -16.40 -15.72 15.26
C VAL D 262 -17.72 -15.50 15.98
N VAL D 263 -18.16 -14.24 16.04
CA VAL D 263 -19.43 -13.89 16.67
C VAL D 263 -20.29 -13.21 15.59
N PHE D 264 -21.11 -14.00 14.92
CA PHE D 264 -21.77 -13.52 13.72
C PHE D 264 -22.77 -12.42 14.01
N LEU D 265 -22.88 -11.49 13.06
CA LEU D 265 -23.98 -10.54 13.06
C LEU D 265 -25.13 -11.09 12.21
N SER D 266 -26.34 -10.71 12.57
CA SER D 266 -27.54 -11.24 11.93
C SER D 266 -28.10 -10.29 10.89
N GLY D 267 -27.71 -9.02 10.93
CA GLY D 267 -28.32 -8.01 10.08
C GLY D 267 -29.82 -7.98 10.24
N GLY D 268 -30.53 -7.97 9.11
CA GLY D 268 -31.99 -7.87 9.13
C GLY D 268 -32.70 -9.20 9.06
N GLN D 269 -31.97 -10.28 9.34
CA GLN D 269 -32.53 -11.62 9.32
C GLN D 269 -33.58 -11.80 10.40
N SER D 270 -34.56 -12.63 10.09
CA SER D 270 -35.53 -13.07 11.10
C SER D 270 -34.80 -13.82 12.22
N GLU D 271 -35.44 -13.84 13.40
CA GLU D 271 -34.87 -14.53 14.54
C GLU D 271 -34.60 -15.98 14.19
N GLU D 272 -35.49 -16.58 13.40
CA GLU D 272 -35.34 -17.98 13.05
C GLU D 272 -34.25 -18.18 12.00
N GLU D 273 -34.26 -17.34 10.95
CA GLU D 273 -33.23 -17.41 9.92
C GLU D 273 -31.82 -17.41 10.52
N ALA D 274 -31.60 -16.52 11.49
CA ALA D 274 -30.29 -16.42 12.15
C ALA D 274 -29.91 -17.74 12.82
N THR D 275 -30.85 -18.34 13.56
CA THR D 275 -30.57 -19.59 14.25
C THR D 275 -30.34 -20.74 13.27
N VAL D 276 -31.15 -20.79 12.20
CA VAL D 276 -30.95 -21.84 11.19
C VAL D 276 -29.57 -21.73 10.56
N HIS D 277 -29.23 -20.54 10.06
CA HIS D 277 -27.92 -20.32 9.44
C HIS D 277 -26.79 -20.68 10.42
N LEU D 278 -26.91 -20.24 11.68
CA LEU D 278 -25.85 -20.50 12.66
C LEU D 278 -25.69 -21.99 12.96
N ASN D 279 -26.81 -22.73 12.95
CA ASN D 279 -26.78 -24.19 13.13
C ASN D 279 -26.17 -24.91 11.91
N ALA D 280 -26.63 -24.54 10.70
CA ALA D 280 -26.12 -25.20 9.49
C ALA D 280 -24.61 -25.06 9.38
N MET D 281 -24.04 -23.98 9.90
CA MET D 281 -22.59 -23.77 9.81
C MET D 281 -21.83 -24.71 10.76
N ASN D 282 -22.36 -24.93 11.96
CA ASN D 282 -21.64 -25.81 12.87
C ASN D 282 -21.82 -27.29 12.55
N LYS D 283 -22.72 -27.65 11.63
CA LYS D 283 -22.85 -29.05 11.17
C LYS D 283 -21.91 -29.37 10.03
N LEU D 284 -21.47 -28.36 9.29
CA LEU D 284 -20.70 -28.57 8.09
C LEU D 284 -19.44 -29.38 8.34
N GLN D 285 -19.14 -30.30 7.39
CA GLN D 285 -17.84 -30.95 7.30
C GLN D 285 -16.79 -29.92 6.92
N GLY D 286 -15.65 -29.93 7.59
CA GLY D 286 -14.62 -28.99 7.16
C GLY D 286 -13.76 -28.52 8.30
N LYS D 287 -12.74 -27.75 7.93
CA LYS D 287 -11.82 -27.16 8.90
C LYS D 287 -12.43 -25.89 9.49
N LYS D 288 -12.58 -25.85 10.83
CA LYS D 288 -13.09 -24.68 11.54
C LYS D 288 -12.29 -24.50 12.83
N PRO D 289 -11.09 -23.93 12.75
CA PRO D 289 -10.23 -23.84 13.94
C PRO D 289 -10.61 -22.71 14.91
N TRP D 290 -11.88 -22.30 14.88
CA TRP D 290 -12.40 -21.18 15.67
C TRP D 290 -13.86 -21.47 15.97
N THR D 291 -14.32 -20.96 17.11
CA THR D 291 -15.72 -21.11 17.47
C THR D 291 -16.59 -20.30 16.52
N LEU D 292 -17.69 -20.88 16.10
CA LEU D 292 -18.66 -20.17 15.28
C LEU D 292 -19.89 -20.02 16.17
N THR D 293 -20.01 -18.83 16.79
CA THR D 293 -21.07 -18.49 17.73
C THR D 293 -21.70 -17.17 17.29
N PHE D 294 -22.55 -16.58 18.14
CA PHE D 294 -23.38 -15.45 17.77
C PHE D 294 -22.99 -14.20 18.56
N SER D 295 -23.27 -13.05 17.96
CA SER D 295 -23.42 -11.77 18.68
C SER D 295 -24.68 -11.12 18.10
N PHE D 296 -25.83 -11.42 18.69
CA PHE D 296 -27.11 -11.02 18.14
C PHE D 296 -27.74 -9.90 18.96
N GLY D 297 -28.34 -8.93 18.27
CA GLY D 297 -29.12 -7.90 18.94
C GLY D 297 -30.61 -8.09 18.69
N ARG D 298 -31.13 -7.47 17.62
CA ARG D 298 -32.51 -7.65 17.21
C ARG D 298 -32.93 -9.13 17.18
N ALA D 299 -32.00 -10.05 16.87
CA ALA D 299 -32.30 -11.46 16.62
C ALA D 299 -32.48 -12.27 17.88
N LEU D 300 -32.20 -11.68 19.05
CA LEU D 300 -32.53 -12.26 20.35
C LEU D 300 -33.71 -11.56 21.01
N GLN D 301 -33.97 -10.30 20.66
CA GLN D 301 -34.93 -9.49 21.46
C GLN D 301 -36.24 -9.12 20.77
N GLN D 302 -36.37 -9.25 19.46
CA GLN D 302 -37.59 -8.77 18.76
C GLN D 302 -38.88 -9.27 19.40
N SER D 303 -39.02 -10.59 19.54
CA SER D 303 -40.28 -11.16 20.08
C SER D 303 -40.41 -10.86 21.56
N THR D 304 -39.29 -10.81 22.27
CA THR D 304 -39.30 -10.48 23.73
C THR D 304 -39.87 -9.07 23.91
N LEU D 305 -39.47 -8.12 23.06
CA LEU D 305 -39.91 -6.72 23.23
C LEU D 305 -41.40 -6.61 22.96
N LYS D 306 -41.91 -7.37 21.99
CA LYS D 306 -43.36 -7.33 21.66
C LYS D 306 -44.14 -7.95 22.81
N ALA D 307 -43.67 -9.10 23.29
CA ALA D 307 -44.35 -9.76 24.38
C ALA D 307 -44.46 -8.85 25.60
N TRP D 308 -43.39 -8.12 25.89
CA TRP D 308 -43.37 -7.19 27.01
C TRP D 308 -44.36 -6.04 26.78
N ALA D 309 -44.28 -5.39 25.61
CA ALA D 309 -45.05 -4.19 25.28
C ALA D 309 -44.92 -3.12 26.36
N GLY D 310 -43.83 -3.15 27.11
CA GLY D 310 -43.59 -2.13 28.15
C GLY D 310 -44.46 -2.30 29.37
N LYS D 311 -44.86 -3.53 29.69
CA LYS D 311 -45.81 -3.74 30.81
C LYS D 311 -45.24 -4.64 31.90
N GLU D 312 -45.43 -4.26 33.16
CA GLU D 312 -44.95 -5.04 34.32
C GLU D 312 -45.60 -6.41 34.32
N GLU D 313 -46.87 -6.47 33.97
CA GLU D 313 -47.63 -7.75 33.97
C GLU D 313 -47.04 -8.76 32.97
N ASN D 314 -46.52 -8.29 31.84
CA ASN D 314 -46.06 -9.21 30.77
C ASN D 314 -44.59 -9.64 30.94
N VAL D 315 -43.90 -9.15 31.97
CA VAL D 315 -42.47 -9.49 32.19
C VAL D 315 -42.30 -11.01 32.23
N GLN D 316 -43.11 -11.72 33.00
CA GLN D 316 -43.00 -13.19 33.14
C GLN D 316 -42.93 -13.88 31.78
N LYS D 317 -43.90 -13.62 30.89
CA LYS D 317 -43.91 -14.30 29.62
C LYS D 317 -42.93 -13.69 28.64
N ALA D 318 -42.54 -12.44 28.85
CA ALA D 318 -41.45 -11.89 28.03
C ALA D 318 -40.14 -12.59 28.36
N GLN D 319 -39.88 -12.84 29.64
CA GLN D 319 -38.66 -13.55 29.99
C GLN D 319 -38.68 -14.99 29.49
N GLU D 320 -39.86 -15.63 29.48
CA GLU D 320 -39.95 -16.96 28.90
C GLU D 320 -39.60 -16.97 27.41
N VAL D 321 -40.02 -15.92 26.67
CA VAL D 321 -39.72 -15.84 25.23
C VAL D 321 -38.22 -15.69 25.01
N PHE D 322 -37.58 -14.81 25.79
CA PHE D 322 -36.16 -14.56 25.65
C PHE D 322 -35.34 -15.81 26.02
N LEU D 323 -35.77 -16.56 27.04
CA LEU D 323 -35.01 -17.76 27.35
C LEU D 323 -35.10 -18.80 26.24
N ILE D 324 -36.24 -18.84 25.52
CA ILE D 324 -36.35 -19.78 24.41
C ILE D 324 -35.34 -19.42 23.31
N ARG D 325 -35.24 -18.13 22.96
CA ARG D 325 -34.30 -17.73 21.91
C ARG D 325 -32.87 -17.91 22.36
N CYS D 326 -32.56 -17.72 23.65
CA CYS D 326 -31.20 -17.99 24.09
C CYS D 326 -30.89 -19.48 24.05
N LYS D 327 -31.90 -20.30 24.26
CA LYS D 327 -31.68 -21.73 24.23
C LYS D 327 -31.47 -22.20 22.79
N ALA D 328 -32.30 -21.72 21.86
CA ALA D 328 -32.19 -22.15 20.47
C ALA D 328 -30.81 -21.83 19.90
N ASN D 329 -30.37 -20.58 20.08
CA ASN D 329 -29.07 -20.15 19.54
C ASN D 329 -27.93 -20.88 20.24
N SER D 330 -28.08 -21.20 21.52
CA SER D 330 -27.03 -21.96 22.18
C SER D 330 -26.93 -23.35 21.60
N GLU D 331 -28.07 -23.93 21.22
CA GLU D 331 -28.03 -25.22 20.54
C GLU D 331 -27.39 -25.11 19.16
N ALA D 332 -27.66 -24.01 18.45
CA ALA D 332 -27.15 -23.85 17.10
C ALA D 332 -25.61 -23.81 17.06
N THR D 333 -24.97 -23.23 18.08
CA THR D 333 -23.51 -23.23 18.16
C THR D 333 -22.93 -24.64 18.30
N LEU D 334 -23.77 -25.64 18.63
CA LEU D 334 -23.36 -27.03 18.82
C LEU D 334 -23.79 -27.93 17.69
N GLY D 335 -24.53 -27.41 16.70
CA GLY D 335 -25.07 -28.21 15.63
C GLY D 335 -26.29 -29.02 16.03
N LYS D 336 -26.95 -28.66 17.14
CA LYS D 336 -28.00 -29.47 17.72
C LYS D 336 -29.36 -28.81 17.73
N TYR D 337 -29.52 -27.65 17.08
CA TYR D 337 -30.85 -27.06 16.99
C TYR D 337 -31.66 -27.88 15.99
N THR D 338 -32.94 -28.11 16.33
CA THR D 338 -33.79 -29.07 15.64
C THR D 338 -35.16 -28.48 15.29
N GLY D 339 -35.26 -27.17 15.16
CA GLY D 339 -36.43 -26.56 14.57
C GLY D 339 -37.36 -26.00 15.62
N GLY D 340 -38.53 -25.55 15.15
CA GLY D 340 -39.56 -25.03 16.03
C GLY D 340 -39.79 -23.54 15.91
#